data_6ISO
#
_entry.id   6ISO
#
_cell.length_a   138.085
_cell.length_b   138.085
_cell.length_c   225.342
_cell.angle_alpha   90.00
_cell.angle_beta   90.00
_cell.angle_gamma   90.00
#
_symmetry.space_group_name_H-M   'P 43 21 2'
#
loop_
_entity.id
_entity.type
_entity.pdbx_description
1 polymer 'NAD-dependent protein deacetylase sirtuin-3, mitochondrial'
2 polymer ARG-THR-LYS-GLN-THR-ALA-ARG
3 non-polymer 'ZINC ION'
4 non-polymer (2E)-BUT-2-ENAL
5 non-polymer GLYCEROL
6 water water
#
loop_
_entity_poly.entity_id
_entity_poly.type
_entity_poly.pdbx_seq_one_letter_code
_entity_poly.pdbx_strand_id
1 'polypeptide(L)'
;GKLSLQDVAELIRARACQRVVVMVGAGISTPSGIPDFRSPGSGLYSNLQQYDLPYPEAIFELPFFFHNPKPFFTLAKELY
PGNYKPNVTHYFLRLLHDKGLLLRLYTQNIDGLERVSGIPASKLVEAHGTFASATCTVCQRPFPGEDIRADVMADRVPRC
PVCTGVVKPDIVFFGEPLPQRFLLHVVDFPMADLLLILGTSLEVEPFASLTEAVRSSVPRLLINRDLVGPLAWHPRSRDV
AQLGDVVHGVESLVELLGWTEEMRDLVQRETGKLA
;
A,B,E,G,I,K
2 'polypeptide(L)' RTKQTAR C,D,F,H,L,J
#
# COMPACT_ATOMS: atom_id res chain seq x y z
N GLY A 1 -15.98 25.94 -10.08
CA GLY A 1 -16.30 25.34 -11.41
C GLY A 1 -16.73 26.40 -12.43
N LYS A 2 -16.05 26.46 -13.58
CA LYS A 2 -14.86 25.70 -13.90
C LYS A 2 -13.64 26.43 -13.35
N LEU A 3 -12.69 25.67 -12.78
CA LEU A 3 -11.39 26.19 -12.27
C LEU A 3 -10.38 26.19 -13.40
N SER A 4 -9.37 27.05 -13.32
CA SER A 4 -8.31 27.22 -14.35
C SER A 4 -6.91 27.00 -13.75
N LEU A 5 -5.92 26.78 -14.60
CA LEU A 5 -4.52 26.63 -14.16
C LEU A 5 -4.13 27.81 -13.27
N GLN A 6 -4.57 29.04 -13.58
CA GLN A 6 -4.22 30.25 -12.79
C GLN A 6 -4.92 30.18 -11.42
N ASP A 7 -6.16 29.69 -11.37
CA ASP A 7 -6.90 29.53 -10.09
C ASP A 7 -6.11 28.60 -9.16
N VAL A 8 -5.59 27.46 -9.69
CA VAL A 8 -4.82 26.46 -8.91
C VAL A 8 -3.56 27.14 -8.40
N ALA A 9 -2.83 27.83 -9.29
CA ALA A 9 -1.61 28.55 -8.93
C ALA A 9 -1.90 29.52 -7.79
N GLU A 10 -3.03 30.22 -7.84
CA GLU A 10 -3.37 31.27 -6.84
C GLU A 10 -3.74 30.59 -5.51
N LEU A 11 -4.33 29.39 -5.57
CA LEU A 11 -4.65 28.58 -4.36
C LEU A 11 -3.33 28.21 -3.65
N ILE A 12 -2.34 27.75 -4.40
CA ILE A 12 -1.02 27.32 -3.86
C ILE A 12 -0.31 28.54 -3.29
N ARG A 13 -0.37 29.69 -3.97
CA ARG A 13 0.31 30.93 -3.54
C ARG A 13 -0.34 31.44 -2.24
N ALA A 14 -1.67 31.31 -2.10
CA ALA A 14 -2.42 31.70 -0.89
C ALA A 14 -2.20 30.69 0.25
N ARG A 15 -1.53 29.58 -0.02
CA ARG A 15 -1.42 28.42 0.91
C ARG A 15 -2.83 27.96 1.30
N ALA A 16 -3.81 28.07 0.41
CA ALA A 16 -5.12 27.39 0.53
C ALA A 16 -4.95 25.89 0.29
N CYS A 17 -4.03 25.53 -0.60
CA CYS A 17 -3.58 24.14 -0.81
C CYS A 17 -2.18 24.01 -0.19
N GLN A 18 -2.06 23.25 0.91
CA GLN A 18 -0.76 23.00 1.60
C GLN A 18 -0.36 21.52 1.57
N ARG A 19 -1.29 20.63 1.23
CA ARG A 19 -1.14 19.16 1.38
C ARG A 19 -1.36 18.56 0.01
N VAL A 20 -0.39 18.77 -0.88
CA VAL A 20 -0.48 18.33 -2.30
C VAL A 20 -0.03 16.88 -2.39
N VAL A 21 -0.89 15.99 -2.88
CA VAL A 21 -0.47 14.62 -3.29
C VAL A 21 -0.29 14.62 -4.81
N VAL A 22 0.75 13.92 -5.27
CA VAL A 22 1.14 13.91 -6.70
C VAL A 22 1.17 12.47 -7.20
N MET A 23 0.61 12.24 -8.37
CA MET A 23 0.64 10.93 -9.05
C MET A 23 1.33 11.13 -10.40
N VAL A 24 2.43 10.42 -10.65
CA VAL A 24 3.21 10.56 -11.90
C VAL A 24 3.35 9.20 -12.58
N GLY A 25 3.59 9.21 -13.89
CA GLY A 25 3.81 8.03 -14.74
C GLY A 25 4.99 8.27 -15.68
N ALA A 26 5.12 7.44 -16.70
CA ALA A 26 6.28 7.44 -17.63
C ALA A 26 6.31 8.75 -18.43
N GLY A 27 5.18 9.45 -18.51
CA GLY A 27 5.07 10.77 -19.15
C GLY A 27 6.16 11.72 -18.68
N ILE A 28 6.44 11.76 -17.37
CA ILE A 28 7.32 12.79 -16.78
C ILE A 28 8.77 12.40 -17.02
N SER A 29 9.05 11.15 -17.37
CA SER A 29 10.44 10.64 -17.48
C SER A 29 10.92 10.57 -18.95
N THR A 30 10.03 10.69 -19.92
CA THR A 30 10.40 10.69 -21.37
C THR A 30 11.35 11.83 -21.71
N PRO A 31 11.11 13.08 -21.25
CA PRO A 31 12.08 14.15 -21.46
C PRO A 31 13.50 13.83 -21.00
N SER A 32 13.66 12.83 -20.14
CA SER A 32 14.98 12.47 -19.53
C SER A 32 15.67 11.41 -20.37
N GLY A 33 14.95 10.82 -21.34
CA GLY A 33 15.48 9.77 -22.23
C GLY A 33 14.86 8.41 -21.98
N ILE A 34 14.19 8.21 -20.85
CA ILE A 34 13.62 6.88 -20.46
C ILE A 34 12.39 6.63 -21.32
N PRO A 35 12.26 5.44 -21.95
CA PRO A 35 11.13 5.14 -22.83
C PRO A 35 9.80 5.00 -22.07
N ASP A 36 8.70 5.06 -22.81
CA ASP A 36 7.32 4.80 -22.31
C ASP A 36 6.65 3.89 -23.32
N PHE A 37 6.29 2.68 -22.92
CA PHE A 37 5.91 1.62 -23.88
C PHE A 37 4.54 1.93 -24.50
N ARG A 38 3.69 2.70 -23.82
CA ARG A 38 2.44 3.28 -24.42
C ARG A 38 2.78 4.09 -25.69
N SER A 39 3.85 4.88 -25.67
CA SER A 39 4.40 5.64 -26.84
C SER A 39 5.19 4.70 -27.77
N PRO A 40 5.98 5.20 -28.75
CA PRO A 40 6.04 6.60 -29.15
C PRO A 40 5.22 6.85 -30.43
N TYR A 45 12.43 2.00 -34.89
CA TYR A 45 12.54 3.13 -33.94
C TYR A 45 11.59 2.90 -32.75
N SER A 46 10.44 2.25 -32.96
CA SER A 46 9.38 2.13 -31.91
C SER A 46 10.00 1.54 -30.64
N ASN A 47 9.69 2.16 -29.48
CA ASN A 47 10.12 1.71 -28.14
C ASN A 47 9.94 0.19 -28.02
N LEU A 48 8.81 -0.33 -28.53
CA LEU A 48 8.47 -1.78 -28.50
C LEU A 48 9.44 -2.56 -29.42
N GLN A 49 9.69 -2.03 -30.62
CA GLN A 49 10.57 -2.68 -31.62
C GLN A 49 11.98 -2.77 -31.02
N GLN A 50 12.38 -1.71 -30.32
CA GLN A 50 13.74 -1.60 -29.71
C GLN A 50 13.85 -2.67 -28.62
N TYR A 51 12.75 -2.91 -27.89
CA TYR A 51 12.74 -3.85 -26.75
C TYR A 51 12.08 -5.20 -27.12
N ASP A 52 11.69 -5.39 -28.39
CA ASP A 52 11.34 -6.73 -28.96
C ASP A 52 10.12 -7.29 -28.21
N LEU A 53 9.04 -6.51 -28.19
CA LEU A 53 7.85 -6.82 -27.38
C LEU A 53 6.67 -7.00 -28.32
N PRO A 54 5.90 -8.12 -28.21
CA PRO A 54 4.72 -8.33 -29.03
C PRO A 54 3.71 -7.18 -28.82
N TYR A 55 3.56 -6.78 -27.56
CA TYR A 55 2.77 -5.60 -27.11
C TYR A 55 3.56 -4.94 -25.97
N PRO A 56 3.22 -3.70 -25.57
CA PRO A 56 3.99 -2.96 -24.57
C PRO A 56 4.03 -3.62 -23.18
N GLU A 57 2.88 -3.99 -22.62
CA GLU A 57 2.77 -4.45 -21.22
C GLU A 57 3.50 -5.79 -21.01
N ALA A 58 3.82 -6.52 -22.08
CA ALA A 58 4.53 -7.82 -22.05
C ALA A 58 5.79 -7.76 -21.18
N ILE A 59 6.50 -6.64 -21.20
CA ILE A 59 7.81 -6.50 -20.51
C ILE A 59 7.62 -6.67 -18.99
N PHE A 60 6.43 -6.36 -18.47
CA PHE A 60 6.09 -6.50 -17.03
C PHE A 60 5.05 -7.61 -16.84
N GLU A 61 5.10 -8.67 -17.65
CA GLU A 61 4.24 -9.86 -17.51
C GLU A 61 5.11 -11.09 -17.17
N LEU A 62 4.73 -11.84 -16.13
CA LEU A 62 5.50 -13.01 -15.63
C LEU A 62 5.58 -14.09 -16.72
N PRO A 63 4.47 -14.49 -17.38
CA PRO A 63 4.55 -15.51 -18.42
C PRO A 63 5.61 -15.20 -19.48
N PHE A 64 5.60 -13.97 -20.02
CA PHE A 64 6.55 -13.52 -21.07
C PHE A 64 7.97 -13.50 -20.48
N PHE A 65 8.10 -13.08 -19.22
CA PHE A 65 9.41 -12.93 -18.54
C PHE A 65 10.06 -14.31 -18.42
N PHE A 66 9.28 -15.34 -18.06
CA PHE A 66 9.78 -16.72 -17.90
C PHE A 66 10.14 -17.31 -19.26
N HIS A 67 9.37 -16.97 -20.30
CA HIS A 67 9.68 -17.37 -21.70
C HIS A 67 10.98 -16.67 -22.14
N ASN A 68 11.15 -15.40 -21.81
CA ASN A 68 12.29 -14.57 -22.27
C ASN A 68 12.47 -13.35 -21.36
N PRO A 69 13.43 -13.42 -20.41
CA PRO A 69 13.66 -12.32 -19.48
C PRO A 69 14.58 -11.22 -20.02
N LYS A 70 15.05 -11.34 -21.26
CA LYS A 70 16.12 -10.46 -21.80
C LYS A 70 15.63 -9.02 -21.99
N PRO A 71 14.46 -8.79 -22.60
CA PRO A 71 13.92 -7.43 -22.74
C PRO A 71 13.84 -6.69 -21.39
N PHE A 72 13.29 -7.37 -20.37
CA PHE A 72 13.17 -6.77 -19.01
C PHE A 72 14.57 -6.39 -18.51
N PHE A 73 15.54 -7.30 -18.63
CA PHE A 73 16.90 -7.09 -18.05
C PHE A 73 17.69 -6.10 -18.90
N THR A 74 17.35 -5.91 -20.18
CA THR A 74 17.89 -4.82 -21.03
C THR A 74 17.46 -3.48 -20.40
N LEU A 75 16.16 -3.31 -20.18
CA LEU A 75 15.58 -2.10 -19.54
C LEU A 75 16.21 -1.93 -18.16
N ALA A 76 16.32 -3.03 -17.39
CA ALA A 76 16.88 -3.00 -16.03
C ALA A 76 18.29 -2.43 -16.09
N LYS A 77 19.05 -2.84 -17.10
CA LYS A 77 20.48 -2.44 -17.28
C LYS A 77 20.55 -0.93 -17.47
N GLU A 78 19.71 -0.40 -18.35
CA GLU A 78 19.63 1.02 -18.70
C GLU A 78 19.33 1.83 -17.43
N LEU A 79 18.46 1.35 -16.55
CA LEU A 79 17.94 2.17 -15.43
C LEU A 79 18.89 2.16 -14.24
N TYR A 80 19.74 1.16 -14.06
CA TYR A 80 20.45 0.95 -12.77
C TYR A 80 21.30 2.17 -12.45
N PRO A 81 22.36 2.45 -13.25
CA PRO A 81 23.30 3.53 -12.92
C PRO A 81 22.62 4.89 -13.10
N GLY A 82 23.34 5.97 -12.85
CA GLY A 82 22.95 7.35 -13.25
C GLY A 82 23.12 7.64 -14.75
N ASN A 83 22.62 6.75 -15.60
CA ASN A 83 22.58 6.98 -17.07
C ASN A 83 21.65 8.13 -17.42
N TYR A 84 20.67 8.46 -16.58
CA TYR A 84 19.67 9.49 -16.88
C TYR A 84 19.59 10.47 -15.74
N LYS A 85 19.23 11.70 -16.06
CA LYS A 85 19.13 12.80 -15.07
C LYS A 85 17.67 13.24 -14.96
N PRO A 86 17.27 13.78 -13.80
CA PRO A 86 15.92 14.28 -13.65
C PRO A 86 15.72 15.52 -14.53
N ASN A 87 14.51 15.67 -15.08
CA ASN A 87 14.13 16.84 -15.89
C ASN A 87 13.34 17.82 -15.01
N VAL A 88 12.80 18.85 -15.65
CA VAL A 88 12.21 20.02 -14.94
C VAL A 88 10.99 19.56 -14.14
N THR A 89 10.29 18.52 -14.59
CA THR A 89 9.08 18.00 -13.91
C THR A 89 9.48 17.46 -12.52
N HIS A 90 10.57 16.69 -12.45
CA HIS A 90 11.12 16.16 -11.19
C HIS A 90 11.45 17.34 -10.27
N TYR A 91 12.20 18.33 -10.77
CA TYR A 91 12.69 19.46 -9.96
C TYR A 91 11.50 20.31 -9.47
N PHE A 92 10.40 20.36 -10.25
CA PHE A 92 9.16 21.07 -9.84
C PHE A 92 8.64 20.39 -8.57
N LEU A 93 8.58 19.07 -8.59
CA LEU A 93 8.08 18.26 -7.45
C LEU A 93 9.04 18.42 -6.26
N ARG A 94 10.35 18.44 -6.52
CA ARG A 94 11.37 18.70 -5.49
C ARG A 94 11.09 20.07 -4.85
N LEU A 95 10.80 21.08 -5.66
CA LEU A 95 10.61 22.47 -5.17
C LEU A 95 9.32 22.52 -4.35
N LEU A 96 8.31 21.75 -4.75
CA LEU A 96 7.04 21.60 -3.99
C LEU A 96 7.39 21.09 -2.58
N HIS A 97 8.31 20.13 -2.49
CA HIS A 97 8.78 19.54 -1.21
C HIS A 97 9.54 20.61 -0.38
N ASP A 98 10.50 21.29 -1.00
CA ASP A 98 11.34 22.33 -0.35
C ASP A 98 10.44 23.41 0.28
N LYS A 99 9.29 23.70 -0.29
CA LYS A 99 8.39 24.80 0.20
C LYS A 99 7.37 24.25 1.19
N GLY A 100 7.47 22.98 1.58
CA GLY A 100 6.55 22.37 2.56
C GLY A 100 5.12 22.22 2.06
N LEU A 101 4.96 21.88 0.78
CA LEU A 101 3.63 21.73 0.13
C LEU A 101 3.35 20.28 -0.26
N LEU A 102 4.40 19.47 -0.42
CA LEU A 102 4.29 18.06 -0.86
C LEU A 102 3.91 17.20 0.35
N LEU A 103 2.75 16.57 0.31
CA LEU A 103 2.33 15.56 1.32
C LEU A 103 2.96 14.22 0.94
N ARG A 104 2.84 13.83 -0.31
CA ARG A 104 3.43 12.56 -0.84
C ARG A 104 3.44 12.58 -2.36
N LEU A 105 4.48 11.99 -2.95
CA LEU A 105 4.60 11.73 -4.40
C LEU A 105 4.46 10.22 -4.62
N TYR A 106 3.36 9.80 -5.23
CA TYR A 106 3.14 8.42 -5.69
C TYR A 106 3.61 8.31 -7.13
N THR A 107 4.55 7.41 -7.42
CA THR A 107 5.12 7.23 -8.77
C THR A 107 4.87 5.79 -9.26
N GLN A 108 4.65 5.66 -10.56
CA GLN A 108 4.57 4.38 -11.30
C GLN A 108 5.90 4.11 -11.99
N ASN A 109 6.89 4.97 -11.75
CA ASN A 109 8.18 4.91 -12.46
C ASN A 109 9.17 4.14 -11.59
N ILE A 110 10.12 3.48 -12.24
CA ILE A 110 11.19 2.67 -11.60
C ILE A 110 12.56 3.18 -12.07
N ASP A 111 12.65 4.46 -12.45
CA ASP A 111 13.89 5.09 -12.97
C ASP A 111 14.66 5.76 -11.83
N GLY A 112 14.07 5.87 -10.65
CA GLY A 112 14.69 6.43 -9.43
C GLY A 112 15.00 7.91 -9.54
N LEU A 113 14.44 8.60 -10.51
CA LEU A 113 14.66 10.01 -10.72
C LEU A 113 14.12 10.92 -9.68
N GLU A 114 13.08 10.50 -9.01
CA GLU A 114 12.48 11.29 -7.96
C GLU A 114 13.45 11.44 -6.85
N ARG A 115 14.14 10.37 -6.52
CA ARG A 115 15.11 10.41 -5.48
C ARG A 115 16.33 11.19 -5.82
N VAL A 116 16.77 11.03 -7.03
CA VAL A 116 17.92 11.73 -7.53
C VAL A 116 17.65 13.19 -7.53
N SER A 117 16.42 13.56 -7.79
CA SER A 117 16.02 14.98 -7.84
C SER A 117 16.13 15.60 -6.45
N GLY A 118 16.24 14.77 -5.40
CA GLY A 118 16.45 15.24 -4.02
C GLY A 118 15.20 15.15 -3.16
N ILE A 119 14.18 14.42 -3.60
CA ILE A 119 12.97 14.12 -2.77
C ILE A 119 13.30 12.98 -1.80
N PRO A 120 13.16 13.19 -0.48
CA PRO A 120 13.49 12.15 0.47
C PRO A 120 12.56 10.93 0.30
N ALA A 121 13.09 9.73 0.56
CA ALA A 121 12.37 8.44 0.52
C ALA A 121 11.10 8.53 1.36
N SER A 122 11.10 9.30 2.45
CA SER A 122 9.94 9.43 3.35
C SER A 122 8.76 10.05 2.60
N LYS A 123 9.02 10.80 1.52
CA LYS A 123 7.98 11.52 0.75
C LYS A 123 7.56 10.73 -0.48
N LEU A 124 8.23 9.61 -0.75
CA LEU A 124 8.03 8.83 -1.98
C LEU A 124 7.25 7.56 -1.71
N VAL A 125 6.38 7.20 -2.63
CA VAL A 125 5.77 5.84 -2.69
C VAL A 125 6.02 5.33 -4.12
N GLU A 126 7.06 4.50 -4.26
CA GLU A 126 7.41 3.81 -5.52
C GLU A 126 6.44 2.67 -5.71
N ALA A 127 5.25 2.96 -6.19
CA ALA A 127 4.09 2.05 -6.20
C ALA A 127 4.34 0.86 -7.11
N HIS A 128 5.22 0.95 -8.09
CA HIS A 128 5.46 -0.16 -9.05
C HIS A 128 6.80 -0.82 -8.72
N GLY A 129 7.31 -0.58 -7.51
CA GLY A 129 8.45 -1.29 -6.95
C GLY A 129 9.77 -0.58 -7.13
N THR A 130 10.87 -1.30 -6.94
CA THR A 130 12.24 -0.75 -6.84
C THR A 130 13.25 -1.83 -7.22
N PHE A 131 14.44 -1.40 -7.63
CA PHE A 131 15.58 -2.31 -7.95
C PHE A 131 16.40 -2.59 -6.69
N ALA A 132 16.10 -1.88 -5.59
CA ALA A 132 16.81 -1.94 -4.30
C ALA A 132 16.77 -3.37 -3.73
N SER A 133 15.75 -4.15 -4.10
CA SER A 133 15.55 -5.52 -3.57
C SER A 133 15.08 -6.44 -4.68
N ALA A 134 15.32 -7.73 -4.53
CA ALA A 134 14.96 -8.76 -5.52
C ALA A 134 14.32 -9.94 -4.80
N THR A 135 13.68 -10.82 -5.57
CA THR A 135 12.99 -12.03 -5.04
C THR A 135 13.16 -13.17 -6.04
N CYS A 136 13.40 -14.38 -5.52
CA CYS A 136 13.39 -15.59 -6.35
C CYS A 136 11.97 -15.80 -6.85
N THR A 137 11.80 -15.97 -8.17
CA THR A 137 10.46 -16.11 -8.80
C THR A 137 9.84 -17.48 -8.49
N VAL A 138 10.60 -18.43 -7.94
CA VAL A 138 10.06 -19.77 -7.60
C VAL A 138 9.98 -19.93 -6.07
N CYS A 139 11.07 -19.74 -5.33
CA CYS A 139 11.15 -20.08 -3.88
C CYS A 139 10.87 -18.85 -2.99
N GLN A 140 10.61 -17.69 -3.58
CA GLN A 140 10.23 -16.45 -2.86
C GLN A 140 11.37 -15.97 -1.94
N ARG A 141 12.60 -16.51 -2.05
CA ARG A 141 13.72 -16.04 -1.21
C ARG A 141 14.02 -14.58 -1.54
N PRO A 142 14.10 -13.69 -0.53
CA PRO A 142 14.52 -12.29 -0.73
C PRO A 142 16.03 -12.13 -0.87
N PHE A 143 16.45 -11.17 -1.69
CA PHE A 143 17.87 -10.76 -1.83
C PHE A 143 17.95 -9.24 -1.81
N PRO A 144 19.10 -8.65 -1.41
CA PRO A 144 19.36 -7.23 -1.67
C PRO A 144 19.63 -7.05 -3.17
N GLY A 145 19.19 -5.93 -3.75
CA GLY A 145 19.25 -5.70 -5.21
C GLY A 145 20.65 -5.67 -5.74
N GLU A 146 21.61 -5.29 -4.90
CA GLU A 146 23.05 -5.16 -5.22
C GLU A 146 23.59 -6.49 -5.74
N ASP A 147 23.13 -7.59 -5.13
CA ASP A 147 23.59 -8.97 -5.45
C ASP A 147 23.37 -9.24 -6.95
N ILE A 148 22.21 -8.85 -7.48
CA ILE A 148 21.85 -9.19 -8.89
C ILE A 148 22.27 -8.05 -9.83
N ARG A 149 22.69 -6.89 -9.32
CA ARG A 149 23.07 -5.71 -10.16
C ARG A 149 24.21 -6.11 -11.10
N ALA A 150 25.27 -6.69 -10.52
CA ALA A 150 26.48 -7.14 -11.23
C ALA A 150 26.07 -8.06 -12.38
N ASP A 151 25.20 -9.04 -12.11
CA ASP A 151 24.71 -10.02 -13.10
C ASP A 151 23.99 -9.30 -14.23
N VAL A 152 23.20 -8.28 -13.90
CA VAL A 152 22.34 -7.57 -14.89
C VAL A 152 23.24 -6.68 -15.76
N MET A 153 24.20 -5.99 -15.14
CA MET A 153 25.14 -5.08 -15.84
C MET A 153 26.04 -5.90 -16.78
N ALA A 154 26.30 -7.16 -16.45
CA ALA A 154 27.18 -8.07 -17.22
C ALA A 154 26.37 -8.97 -18.16
N ASP A 155 25.09 -8.65 -18.38
CA ASP A 155 24.22 -9.37 -19.36
C ASP A 155 24.08 -10.84 -18.95
N ARG A 156 23.86 -11.12 -17.67
CA ARG A 156 23.60 -12.49 -17.16
C ARG A 156 22.26 -12.50 -16.42
N VAL A 157 21.44 -13.52 -16.65
CA VAL A 157 20.14 -13.69 -15.95
C VAL A 157 20.42 -14.23 -14.56
N PRO A 158 20.15 -13.47 -13.48
CA PRO A 158 20.49 -13.93 -12.13
C PRO A 158 19.63 -15.12 -11.71
N ARG A 159 20.23 -16.10 -11.04
CA ARG A 159 19.56 -17.38 -10.65
C ARG A 159 19.67 -17.56 -9.13
N CYS A 160 18.66 -18.20 -8.52
CA CYS A 160 18.60 -18.50 -7.06
C CYS A 160 19.69 -19.52 -6.74
N PRO A 161 20.56 -19.26 -5.74
CA PRO A 161 21.56 -20.24 -5.32
C PRO A 161 20.99 -21.41 -4.51
N VAL A 162 19.68 -21.42 -4.26
CA VAL A 162 18.97 -22.48 -3.49
C VAL A 162 18.13 -23.29 -4.48
N CYS A 163 17.25 -22.62 -5.18
CA CYS A 163 16.12 -23.19 -5.94
C CYS A 163 16.50 -23.36 -7.42
N THR A 164 17.50 -22.61 -7.92
CA THR A 164 17.95 -22.60 -9.33
C THR A 164 17.08 -21.65 -10.17
N GLY A 165 16.04 -21.04 -9.60
CA GLY A 165 15.06 -20.25 -10.36
C GLY A 165 15.57 -18.87 -10.72
N VAL A 166 14.86 -18.16 -11.60
CA VAL A 166 15.24 -16.79 -12.04
C VAL A 166 14.95 -15.82 -10.90
N VAL A 167 15.93 -14.99 -10.54
CA VAL A 167 15.77 -13.94 -9.49
C VAL A 167 15.49 -12.61 -10.17
N LYS A 168 14.39 -11.97 -9.77
CA LYS A 168 13.86 -10.77 -10.43
C LYS A 168 13.87 -9.62 -9.42
N PRO A 169 14.27 -8.39 -9.83
CA PRO A 169 14.17 -7.21 -8.97
C PRO A 169 12.70 -6.95 -8.62
N ASP A 170 12.45 -6.28 -7.49
CA ASP A 170 11.08 -6.12 -6.93
C ASP A 170 10.32 -5.03 -7.71
N ILE A 171 10.27 -5.18 -9.03
CA ILE A 171 9.41 -4.36 -9.92
C ILE A 171 8.08 -5.10 -9.95
N VAL A 172 6.98 -4.39 -9.67
CA VAL A 172 5.64 -5.02 -9.62
C VAL A 172 5.23 -5.32 -11.06
N PHE A 173 5.09 -6.61 -11.36
CA PHE A 173 4.59 -7.10 -12.67
C PHE A 173 3.06 -7.22 -12.58
N PHE A 174 2.42 -7.28 -13.75
CA PHE A 174 0.97 -7.53 -13.86
C PHE A 174 0.70 -8.85 -13.15
N GLY A 175 -0.23 -8.81 -12.20
CA GLY A 175 -0.63 -9.97 -11.40
C GLY A 175 -0.02 -9.96 -10.01
N GLU A 176 1.12 -9.29 -9.82
CA GLU A 176 1.79 -9.21 -8.50
C GLU A 176 1.09 -8.14 -7.67
N PRO A 177 1.05 -8.28 -6.34
CA PRO A 177 0.59 -7.19 -5.48
C PRO A 177 1.61 -6.04 -5.43
N LEU A 178 1.13 -4.84 -5.09
CA LEU A 178 2.00 -3.63 -4.97
C LEU A 178 2.72 -3.69 -3.64
N PRO A 179 3.85 -2.98 -3.46
CA PRO A 179 4.50 -2.93 -2.15
C PRO A 179 3.55 -2.46 -1.06
N GLN A 180 3.79 -2.92 0.17
CA GLN A 180 2.99 -2.58 1.35
C GLN A 180 2.99 -1.07 1.52
N ARG A 181 4.05 -0.39 1.08
CA ARG A 181 4.18 1.09 1.26
C ARG A 181 3.05 1.80 0.51
N PHE A 182 2.50 1.16 -0.53
CA PHE A 182 1.34 1.68 -1.29
C PHE A 182 0.18 1.99 -0.34
N LEU A 183 0.07 1.23 0.75
CA LEU A 183 -1.08 1.32 1.67
C LEU A 183 -1.04 2.67 2.38
N LEU A 184 0.07 3.40 2.30
CA LEU A 184 0.15 4.79 2.83
C LEU A 184 -0.95 5.66 2.22
N HIS A 185 -1.51 5.29 1.06
CA HIS A 185 -2.59 6.06 0.38
C HIS A 185 -3.80 6.19 1.30
N VAL A 186 -4.04 5.19 2.14
CA VAL A 186 -5.24 5.13 3.02
C VAL A 186 -5.22 6.34 3.96
N VAL A 187 -4.05 6.81 4.35
CA VAL A 187 -3.85 7.97 5.26
C VAL A 187 -3.73 9.25 4.40
N ASP A 188 -3.04 9.16 3.25
CA ASP A 188 -2.57 10.33 2.47
C ASP A 188 -3.73 11.00 1.74
N PHE A 189 -4.54 10.25 1.00
CA PHE A 189 -5.52 10.80 0.02
C PHE A 189 -6.67 11.48 0.75
N PRO A 190 -7.20 10.95 1.87
CA PRO A 190 -8.16 11.72 2.66
C PRO A 190 -7.63 13.05 3.20
N MET A 191 -6.32 13.20 3.38
CA MET A 191 -5.67 14.43 3.93
C MET A 191 -5.35 15.44 2.82
N ALA A 192 -5.22 14.98 1.58
CA ALA A 192 -4.84 15.80 0.40
C ALA A 192 -5.89 16.90 0.20
N ASP A 193 -5.42 18.13 -0.01
CA ASP A 193 -6.30 19.29 -0.33
C ASP A 193 -6.02 19.78 -1.76
N LEU A 194 -5.14 19.08 -2.48
CA LEU A 194 -4.90 19.25 -3.93
C LEU A 194 -4.26 17.98 -4.47
N LEU A 195 -4.72 17.49 -5.63
CA LEU A 195 -4.14 16.31 -6.31
C LEU A 195 -3.59 16.76 -7.68
N LEU A 196 -2.31 16.50 -7.94
CA LEU A 196 -1.67 16.68 -9.26
C LEU A 196 -1.46 15.32 -9.90
N ILE A 197 -1.90 15.16 -11.15
CA ILE A 197 -1.62 13.95 -11.96
C ILE A 197 -0.76 14.38 -13.14
N LEU A 198 0.50 13.94 -13.18
CA LEU A 198 1.50 14.37 -14.19
C LEU A 198 1.92 13.15 -15.01
N GLY A 199 1.79 13.24 -16.32
CA GLY A 199 2.42 12.31 -17.26
C GLY A 199 2.00 10.86 -17.06
N THR A 200 0.71 10.59 -17.00
CA THR A 200 0.15 9.24 -16.82
C THR A 200 -1.10 9.08 -17.68
N SER A 201 -1.27 7.94 -18.33
CA SER A 201 -2.52 7.55 -19.04
C SER A 201 -3.54 6.95 -18.06
N LEU A 202 -3.13 6.68 -16.82
CA LEU A 202 -3.93 6.00 -15.77
C LEU A 202 -4.56 4.74 -16.36
N GLU A 203 -3.73 3.95 -17.04
CA GLU A 203 -4.15 2.68 -17.69
C GLU A 203 -3.89 1.47 -16.79
N VAL A 204 -3.32 1.66 -15.58
CA VAL A 204 -2.91 0.55 -14.68
C VAL A 204 -3.58 0.72 -13.32
N GLU A 205 -4.24 -0.33 -12.85
CA GLU A 205 -4.90 -0.42 -11.51
C GLU A 205 -4.01 -1.25 -10.60
N PRO A 206 -4.15 -1.15 -9.26
CA PRO A 206 -5.04 -0.19 -8.61
C PRO A 206 -4.53 1.25 -8.53
N PHE A 207 -3.42 1.58 -9.19
CA PHE A 207 -2.80 2.95 -9.11
C PHE A 207 -3.81 3.99 -9.57
N ALA A 208 -4.45 3.75 -10.72
CA ALA A 208 -5.37 4.72 -11.38
C ALA A 208 -6.50 5.11 -10.45
N SER A 209 -7.03 4.14 -9.72
CA SER A 209 -8.22 4.30 -8.85
C SER A 209 -7.94 5.36 -7.77
N LEU A 210 -6.67 5.62 -7.46
CA LEU A 210 -6.28 6.62 -6.41
C LEU A 210 -6.84 8.00 -6.73
N THR A 211 -7.06 8.32 -8.01
CA THR A 211 -7.64 9.62 -8.45
C THR A 211 -9.00 9.83 -7.76
N GLU A 212 -9.74 8.76 -7.49
CA GLU A 212 -11.09 8.81 -6.87
C GLU A 212 -10.98 8.97 -5.34
N ALA A 213 -9.82 8.73 -4.75
CA ALA A 213 -9.68 8.58 -3.27
C ALA A 213 -9.67 9.94 -2.57
N VAL A 214 -9.52 11.07 -3.27
CA VAL A 214 -9.53 12.42 -2.60
C VAL A 214 -10.98 12.86 -2.40
N ARG A 215 -11.21 13.72 -1.41
CA ARG A 215 -12.54 14.28 -1.08
C ARG A 215 -13.03 15.08 -2.29
N SER A 216 -14.35 15.17 -2.48
CA SER A 216 -14.99 15.83 -3.65
C SER A 216 -14.64 17.32 -3.73
N SER A 217 -14.38 17.97 -2.60
CA SER A 217 -14.02 19.41 -2.54
C SER A 217 -12.61 19.67 -3.12
N VAL A 218 -11.83 18.62 -3.40
CA VAL A 218 -10.38 18.76 -3.71
C VAL A 218 -10.22 18.92 -5.21
N PRO A 219 -9.61 20.01 -5.69
CA PRO A 219 -9.25 20.12 -7.09
C PRO A 219 -8.30 19.00 -7.53
N ARG A 220 -8.52 18.47 -8.74
CA ARG A 220 -7.64 17.48 -9.38
C ARG A 220 -7.05 18.11 -10.64
N LEU A 221 -5.80 18.55 -10.60
CA LEU A 221 -5.07 19.11 -11.77
C LEU A 221 -4.40 17.97 -12.54
N LEU A 222 -4.73 17.80 -13.81
CA LEU A 222 -4.06 16.87 -14.75
C LEU A 222 -3.17 17.68 -15.67
N ILE A 223 -1.89 17.36 -15.70
CA ILE A 223 -0.92 17.92 -16.69
C ILE A 223 -0.45 16.72 -17.50
N ASN A 224 -0.94 16.59 -18.73
CA ASN A 224 -0.77 15.35 -19.53
C ASN A 224 -1.03 15.69 -20.99
N ARG A 225 -0.60 14.82 -21.91
CA ARG A 225 -0.81 14.99 -23.36
C ARG A 225 -2.30 15.06 -23.65
N ASP A 226 -3.14 14.33 -22.92
CA ASP A 226 -4.60 14.26 -23.20
C ASP A 226 -5.41 13.85 -21.96
N LEU A 227 -6.71 14.11 -22.00
CA LEU A 227 -7.62 13.82 -20.85
C LEU A 227 -7.86 12.31 -20.75
N VAL A 228 -7.66 11.69 -19.59
CA VAL A 228 -7.50 10.19 -19.49
C VAL A 228 -8.18 9.61 -18.24
N GLY A 229 -8.50 8.32 -18.33
CA GLY A 229 -8.88 7.46 -17.19
C GLY A 229 -10.07 8.02 -16.41
N PRO A 230 -10.13 7.78 -15.09
CA PRO A 230 -11.23 8.26 -14.26
C PRO A 230 -11.57 9.73 -14.50
N LEU A 231 -10.57 10.55 -14.79
CA LEU A 231 -10.78 12.01 -15.01
C LEU A 231 -11.59 12.21 -16.29
N ALA A 232 -11.47 11.32 -17.27
CA ALA A 232 -12.32 11.35 -18.50
C ALA A 232 -13.69 10.76 -18.17
N TRP A 233 -13.72 9.61 -17.49
CA TRP A 233 -14.95 8.82 -17.23
C TRP A 233 -15.80 9.47 -16.13
N HIS A 234 -15.19 9.93 -15.04
CA HIS A 234 -15.91 10.40 -13.83
C HIS A 234 -15.39 11.78 -13.44
N PRO A 235 -15.71 12.83 -14.23
CA PRO A 235 -15.19 14.18 -13.97
C PRO A 235 -15.83 14.74 -12.71
N ARG A 236 -15.25 15.78 -12.13
CA ARG A 236 -15.78 16.50 -10.96
C ARG A 236 -15.68 18.00 -11.23
N SER A 237 -16.52 18.79 -10.55
CA SER A 237 -16.64 20.25 -10.73
C SER A 237 -15.26 20.93 -10.61
N ARG A 238 -14.37 20.42 -9.77
CA ARG A 238 -13.11 21.13 -9.44
C ARG A 238 -11.92 20.48 -10.14
N ASP A 239 -12.14 19.71 -11.20
CA ASP A 239 -11.04 19.18 -12.07
C ASP A 239 -10.51 20.27 -13.00
N VAL A 240 -9.21 20.28 -13.25
CA VAL A 240 -8.51 21.15 -14.22
C VAL A 240 -7.60 20.27 -15.08
N ALA A 241 -7.68 20.38 -16.39
CA ALA A 241 -6.82 19.65 -17.34
C ALA A 241 -5.98 20.68 -18.10
N GLN A 242 -4.67 20.54 -18.03
CA GLN A 242 -3.70 21.37 -18.82
C GLN A 242 -3.09 20.40 -19.83
N LEU A 243 -3.78 20.19 -20.96
CA LEU A 243 -3.43 19.17 -21.97
C LEU A 243 -2.32 19.73 -22.86
N GLY A 244 -1.30 18.92 -23.14
CA GLY A 244 -0.11 19.31 -23.90
C GLY A 244 1.11 18.63 -23.36
N ASP A 245 2.27 19.00 -23.89
CA ASP A 245 3.59 18.54 -23.39
C ASP A 245 3.61 18.73 -21.87
N VAL A 246 3.97 17.70 -21.12
CA VAL A 246 3.96 17.75 -19.61
C VAL A 246 4.93 18.84 -19.14
N VAL A 247 6.13 18.90 -19.70
CA VAL A 247 7.17 19.91 -19.30
C VAL A 247 6.61 21.32 -19.57
N HIS A 248 5.89 21.53 -20.69
CA HIS A 248 5.28 22.85 -21.02
C HIS A 248 4.22 23.20 -19.96
N GLY A 249 3.31 22.28 -19.67
CA GLY A 249 2.30 22.45 -18.62
C GLY A 249 2.93 22.82 -17.27
N VAL A 250 4.00 22.12 -16.90
CA VAL A 250 4.67 22.34 -15.59
C VAL A 250 5.27 23.75 -15.58
N GLU A 251 6.02 24.13 -16.64
CA GLU A 251 6.69 25.46 -16.73
C GLU A 251 5.65 26.58 -16.74
N SER A 252 4.49 26.35 -17.39
CA SER A 252 3.34 27.29 -17.37
C SER A 252 2.89 27.50 -15.92
N LEU A 253 2.72 26.41 -15.17
CA LEU A 253 2.24 26.47 -13.75
C LEU A 253 3.30 27.15 -12.91
N VAL A 254 4.57 26.81 -13.16
CA VAL A 254 5.72 27.39 -12.40
C VAL A 254 5.69 28.91 -12.57
N GLU A 255 5.49 29.41 -13.79
CA GLU A 255 5.47 30.86 -14.11
C GLU A 255 4.28 31.51 -13.38
N LEU A 256 3.11 30.88 -13.41
CA LEU A 256 1.90 31.41 -12.72
C LEU A 256 2.16 31.46 -11.21
N LEU A 257 2.94 30.51 -10.67
CA LEU A 257 3.30 30.47 -9.22
C LEU A 257 4.35 31.55 -8.90
N GLY A 258 5.13 31.97 -9.87
CA GLY A 258 6.20 32.95 -9.66
C GLY A 258 7.50 32.29 -9.26
N TRP A 259 7.72 31.02 -9.62
CA TRP A 259 8.91 30.25 -9.16
C TRP A 259 9.97 30.11 -10.27
N THR A 260 9.78 30.75 -11.41
CA THR A 260 10.60 30.46 -12.63
C THR A 260 12.09 30.70 -12.36
N GLU A 261 12.42 31.81 -11.69
CA GLU A 261 13.83 32.15 -11.32
C GLU A 261 14.37 31.06 -10.39
N GLU A 262 13.64 30.79 -9.32
CA GLU A 262 14.02 29.78 -8.28
C GLU A 262 14.23 28.40 -8.91
N MET A 263 13.31 27.99 -9.81
CA MET A 263 13.40 26.73 -10.57
C MET A 263 14.69 26.74 -11.39
N ARG A 264 14.92 27.79 -12.19
CA ARG A 264 16.11 27.92 -13.07
C ARG A 264 17.38 27.76 -12.22
N ASP A 265 17.42 28.36 -11.03
CA ASP A 265 18.57 28.29 -10.10
C ASP A 265 18.74 26.85 -9.60
N LEU A 266 17.66 26.24 -9.12
CA LEU A 266 17.64 24.85 -8.59
C LEU A 266 18.14 23.91 -9.68
N VAL A 267 17.59 23.99 -10.88
CA VAL A 267 17.92 23.03 -11.97
C VAL A 267 19.40 23.17 -12.29
N GLN A 268 19.95 24.38 -12.28
CA GLN A 268 21.37 24.64 -12.66
C GLN A 268 22.29 23.99 -11.61
N ARG A 269 22.09 24.27 -10.32
CA ARG A 269 22.92 23.70 -9.22
C ARG A 269 22.86 22.17 -9.26
N GLU A 270 21.67 21.60 -9.36
CA GLU A 270 21.41 20.14 -9.26
C GLU A 270 21.97 19.41 -10.48
N THR A 271 21.89 19.97 -11.69
CA THR A 271 22.43 19.35 -12.93
C THR A 271 23.95 19.57 -12.98
N GLY A 272 24.45 20.64 -12.34
CA GLY A 272 25.88 20.86 -12.10
C GLY A 272 26.52 19.74 -11.30
N LYS A 273 25.77 19.16 -10.35
CA LYS A 273 26.27 18.14 -9.37
C LYS A 273 26.14 16.72 -9.93
N LEU A 274 25.81 16.54 -11.21
CA LEU A 274 25.65 15.19 -11.84
C LEU A 274 26.59 15.06 -13.06
N ARG B 1 -5.43 -7.12 -3.73
CA ARG B 1 -5.69 -6.22 -4.93
C ARG B 1 -4.38 -6.01 -5.71
N THR B 2 -4.23 -6.71 -6.84
CA THR B 2 -2.97 -6.86 -7.60
C THR B 2 -2.93 -5.91 -8.79
N LYS B 3 -1.80 -5.82 -9.48
CA LYS B 3 -1.61 -4.92 -10.64
C LYS B 3 -2.33 -5.48 -11.88
N GLN B 4 -3.30 -4.73 -12.39
CA GLN B 4 -4.03 -5.08 -13.62
C GLN B 4 -4.30 -3.80 -14.41
N THR B 5 -4.54 -3.94 -15.71
CA THR B 5 -4.93 -2.84 -16.64
C THR B 5 -6.31 -2.31 -16.25
N ALA B 6 -6.66 -1.05 -16.49
CA ALA B 6 -8.01 -0.53 -16.16
C ALA B 6 -9.00 -0.85 -17.28
N ARG B 7 -10.27 -1.06 -16.95
CA ARG B 7 -11.44 -1.24 -17.88
C ARG B 7 -11.02 -1.85 -19.22
N LYS C 2 -16.03 -13.68 30.15
CA LYS C 2 -16.94 -14.51 29.33
C LYS C 2 -16.16 -15.50 28.44
N LEU C 3 -15.14 -15.09 27.66
CA LEU C 3 -14.26 -16.03 26.90
C LEU C 3 -13.10 -16.47 27.78
N SER C 4 -12.57 -17.66 27.51
CA SER C 4 -11.41 -18.27 28.22
C SER C 4 -10.25 -18.58 27.27
N LEU C 5 -9.06 -18.78 27.81
CA LEU C 5 -7.85 -19.18 27.05
C LEU C 5 -8.19 -20.39 26.15
N GLN C 6 -8.97 -21.35 26.64
CA GLN C 6 -9.32 -22.57 25.87
C GLN C 6 -10.28 -22.20 24.73
N ASP C 7 -11.21 -21.26 24.97
CA ASP C 7 -12.14 -20.77 23.92
C ASP C 7 -11.34 -20.18 22.76
N VAL C 8 -10.32 -19.37 23.05
CA VAL C 8 -9.46 -18.71 22.02
C VAL C 8 -8.72 -19.81 21.26
N ALA C 9 -8.10 -20.74 21.97
CA ALA C 9 -7.38 -21.88 21.37
C ALA C 9 -8.33 -22.62 20.41
N GLU C 10 -9.59 -22.81 20.78
CA GLU C 10 -10.55 -23.59 19.97
C GLU C 10 -10.98 -22.77 18.75
N LEU C 11 -11.03 -21.44 18.88
CA LEU C 11 -11.29 -20.51 17.73
C LEU C 11 -10.17 -20.67 16.70
N ILE C 12 -8.91 -20.68 17.14
CA ILE C 12 -7.73 -20.78 16.25
C ILE C 12 -7.73 -22.16 15.59
N ARG C 13 -8.05 -23.22 16.34
CA ARG C 13 -8.08 -24.61 15.83
C ARG C 13 -9.19 -24.75 14.78
N ALA C 14 -10.33 -24.09 14.97
CA ALA C 14 -11.49 -24.11 14.04
C ALA C 14 -11.21 -23.21 12.82
N ARG C 15 -10.08 -22.49 12.81
CA ARG C 15 -9.76 -21.47 11.79
C ARG C 15 -10.88 -20.42 11.75
N ALA C 16 -11.53 -20.15 12.88
CA ALA C 16 -12.45 -18.99 13.05
C ALA C 16 -11.61 -17.73 13.15
N CYS C 17 -10.42 -17.83 13.74
CA CYS C 17 -9.43 -16.73 13.78
C CYS C 17 -8.30 -17.11 12.81
N GLN C 18 -8.20 -16.42 11.66
CA GLN C 18 -7.14 -16.67 10.65
C GLN C 18 -6.25 -15.45 10.44
N ARG C 19 -6.65 -14.29 10.95
CA ARG C 19 -5.99 -12.98 10.68
C ARG C 19 -5.56 -12.39 12.02
N VAL C 20 -4.56 -13.02 12.63
CA VAL C 20 -4.10 -12.66 14.00
C VAL C 20 -3.11 -11.50 13.90
N VAL C 21 -3.39 -10.39 14.55
CA VAL C 21 -2.38 -9.31 14.76
C VAL C 21 -1.82 -9.44 16.17
N VAL C 22 -0.51 -9.22 16.32
CA VAL C 22 0.24 -9.44 17.59
C VAL C 22 0.96 -8.16 17.98
N MET C 23 0.88 -7.80 19.24
CA MET C 23 1.61 -6.66 19.81
C MET C 23 2.49 -7.20 20.94
N VAL C 24 3.80 -6.98 20.86
CA VAL C 24 4.76 -7.50 21.86
C VAL C 24 5.61 -6.33 22.38
N GLY C 25 6.17 -6.51 23.58
CA GLY C 25 7.06 -5.55 24.27
C GLY C 25 8.26 -6.27 24.86
N ALA C 26 8.98 -5.61 25.77
CA ALA C 26 10.23 -6.12 26.36
C ALA C 26 9.97 -7.38 27.19
N GLY C 27 8.72 -7.58 27.62
CA GLY C 27 8.28 -8.78 28.34
C GLY C 27 8.73 -10.05 27.65
N ILE C 28 8.61 -10.12 26.33
CA ILE C 28 8.80 -11.41 25.59
C ILE C 28 10.30 -11.64 25.39
N SER C 29 11.14 -10.61 25.59
CA SER C 29 12.59 -10.72 25.31
C SER C 29 13.40 -10.91 26.59
N THR C 30 12.82 -10.73 27.78
CA THR C 30 13.48 -11.00 29.10
C THR C 30 13.99 -12.45 29.18
N PRO C 31 13.17 -13.48 28.84
CA PRO C 31 13.64 -14.84 28.88
C PRO C 31 14.88 -15.07 28.02
N SER C 32 15.21 -14.16 27.12
CA SER C 32 16.35 -14.32 26.17
C SER C 32 17.61 -13.71 26.74
N GLY C 33 17.48 -12.96 27.85
CA GLY C 33 18.60 -12.30 28.54
C GLY C 33 18.62 -10.80 28.35
N ILE C 34 17.77 -10.24 27.47
CA ILE C 34 17.72 -8.76 27.26
C ILE C 34 16.94 -8.18 28.43
N PRO C 35 17.47 -7.20 29.19
CA PRO C 35 16.68 -6.62 30.28
C PRO C 35 15.59 -5.68 29.73
N ASP C 36 14.56 -5.43 30.53
CA ASP C 36 13.53 -4.41 30.22
C ASP C 36 14.14 -3.08 30.64
N PHE C 37 14.25 -2.14 29.69
CA PHE C 37 14.99 -0.87 29.87
C PHE C 37 14.34 -0.01 30.97
N ARG C 38 13.02 -0.14 31.13
CA ARG C 38 12.21 0.58 32.16
C ARG C 38 12.23 -0.25 33.46
N SER C 39 13.14 -1.22 33.60
CA SER C 39 13.41 -1.99 34.86
C SER C 39 12.12 -2.64 35.37
N GLN C 50 24.90 -0.64 37.08
CA GLN C 50 24.72 -0.43 35.61
C GLN C 50 24.08 0.94 35.33
N TYR C 51 23.85 1.75 36.36
CA TYR C 51 22.95 2.94 36.30
C TYR C 51 23.84 4.18 36.42
N ASP C 52 24.16 4.76 35.28
CA ASP C 52 24.74 6.10 35.07
C ASP C 52 23.63 6.89 34.41
N LEU C 53 22.38 6.44 34.60
CA LEU C 53 21.15 7.06 34.09
C LEU C 53 20.38 7.67 35.27
N PRO C 54 19.93 8.95 35.18
CA PRO C 54 19.17 9.59 36.25
C PRO C 54 17.88 8.81 36.55
N TYR C 55 17.19 8.35 35.50
CA TYR C 55 15.97 7.50 35.55
C TYR C 55 16.03 6.56 34.34
N PRO C 56 15.16 5.50 34.26
CA PRO C 56 15.23 4.53 33.17
C PRO C 56 15.02 5.08 31.76
N GLU C 57 13.95 5.85 31.54
CA GLU C 57 13.51 6.29 30.19
C GLU C 57 14.55 7.22 29.57
N ALA C 58 15.47 7.79 30.37
CA ALA C 58 16.53 8.71 29.93
C ALA C 58 17.32 8.13 28.76
N ILE C 59 17.51 6.81 28.69
CA ILE C 59 18.34 6.15 27.64
C ILE C 59 17.74 6.42 26.26
N PHE C 60 16.42 6.63 26.16
CA PHE C 60 15.73 6.93 24.87
C PHE C 60 15.18 8.36 24.90
N GLU C 61 15.88 9.28 25.55
CA GLU C 61 15.54 10.72 25.54
C GLU C 61 16.66 11.51 24.85
N LEU C 62 16.31 12.39 23.91
CA LEU C 62 17.28 13.19 23.12
C LEU C 62 18.07 14.13 24.04
N PRO C 63 17.45 14.91 24.95
CA PRO C 63 18.23 15.79 25.83
C PRO C 63 19.34 15.04 26.57
N PHE C 64 19.03 13.89 27.19
CA PHE C 64 20.03 13.07 27.92
C PHE C 64 21.08 12.53 26.94
N PHE C 65 20.65 12.13 25.76
CA PHE C 65 21.52 11.52 24.72
C PHE C 65 22.57 12.54 24.29
N PHE C 66 22.19 13.80 24.13
CA PHE C 66 23.11 14.91 23.72
C PHE C 66 24.05 15.24 24.88
N HIS C 67 23.57 15.17 26.11
CA HIS C 67 24.42 15.33 27.34
C HIS C 67 25.42 14.16 27.40
N ASN C 68 24.97 12.93 27.12
CA ASN C 68 25.78 11.69 27.28
C ASN C 68 25.19 10.56 26.44
N PRO C 69 25.75 10.29 25.25
CA PRO C 69 25.22 9.23 24.38
C PRO C 69 25.76 7.83 24.71
N LYS C 70 26.62 7.71 25.72
CA LYS C 70 27.41 6.47 25.96
C LYS C 70 26.53 5.34 26.46
N PRO C 71 25.62 5.56 27.43
CA PRO C 71 24.68 4.53 27.86
C PRO C 71 23.88 3.93 26.69
N PHE C 72 23.35 4.77 25.81
CA PHE C 72 22.60 4.31 24.61
C PHE C 72 23.51 3.40 23.77
N PHE C 73 24.74 3.84 23.49
CA PHE C 73 25.66 3.12 22.57
C PHE C 73 26.22 1.87 23.25
N THR C 74 26.26 1.82 24.60
CA THR C 74 26.56 0.58 25.35
C THR C 74 25.47 -0.46 25.03
N LEU C 75 24.21 -0.07 25.23
CA LEU C 75 23.03 -0.93 24.93
C LEU C 75 23.06 -1.31 23.45
N ALA C 76 23.34 -0.36 22.58
CA ALA C 76 23.38 -0.57 21.11
C ALA C 76 24.38 -1.70 20.83
N LYS C 77 25.52 -1.65 21.53
CA LYS C 77 26.63 -2.63 21.33
C LYS C 77 26.14 -4.03 21.68
N GLU C 78 25.49 -4.18 22.84
CA GLU C 78 24.96 -5.48 23.32
C GLU C 78 23.94 -6.01 22.31
N LEU C 79 23.10 -5.12 21.81
CA LEU C 79 21.90 -5.50 21.01
C LEU C 79 22.25 -5.82 19.59
N TYR C 80 23.36 -5.31 19.04
CA TYR C 80 23.74 -5.65 17.64
C TYR C 80 23.82 -7.18 17.56
N PRO C 81 23.15 -7.78 16.55
CA PRO C 81 22.72 -9.18 16.64
C PRO C 81 23.80 -10.25 16.84
N GLY C 82 23.31 -11.40 17.28
CA GLY C 82 24.10 -12.62 17.55
C GLY C 82 24.18 -12.81 19.04
N ASN C 83 24.16 -11.73 19.81
CA ASN C 83 24.36 -11.81 21.28
C ASN C 83 23.27 -12.65 21.95
N TYR C 84 22.04 -12.59 21.46
CA TYR C 84 20.90 -13.27 22.12
C TYR C 84 20.14 -14.11 21.13
N LYS C 85 19.42 -15.11 21.63
CA LYS C 85 18.64 -16.03 20.78
C LYS C 85 17.17 -15.86 21.09
N PRO C 86 16.28 -16.12 20.13
CA PRO C 86 14.85 -16.02 20.38
C PRO C 86 14.43 -17.14 21.35
N ASN C 87 13.47 -16.83 22.21
CA ASN C 87 12.88 -17.80 23.17
C ASN C 87 11.57 -18.34 22.62
N VAL C 88 10.86 -19.11 23.43
CA VAL C 88 9.71 -19.91 22.96
C VAL C 88 8.59 -18.96 22.54
N THR C 89 8.52 -17.76 23.11
CA THR C 89 7.49 -16.74 22.75
C THR C 89 7.65 -16.35 21.26
N HIS C 90 8.89 -16.07 20.85
CA HIS C 90 9.24 -15.76 19.46
C HIS C 90 8.83 -16.91 18.56
N TYR C 91 9.20 -18.13 18.91
CA TYR C 91 8.95 -19.33 18.06
C TYR C 91 7.44 -19.59 17.96
N PHE C 92 6.67 -19.23 18.98
CA PHE C 92 5.19 -19.35 18.95
C PHE C 92 4.66 -18.45 17.83
N LEU C 93 5.17 -17.22 17.79
CA LEU C 93 4.77 -16.21 16.78
C LEU C 93 5.21 -16.69 15.39
N ARG C 94 6.42 -17.24 15.31
CA ARG C 94 6.94 -17.84 14.06
C ARG C 94 5.99 -18.95 13.59
N LEU C 95 5.54 -19.81 14.51
CA LEU C 95 4.67 -20.97 14.17
C LEU C 95 3.32 -20.45 13.69
N LEU C 96 2.86 -19.35 14.28
CA LEU C 96 1.61 -18.67 13.87
C LEU C 96 1.74 -18.27 12.39
N HIS C 97 2.92 -17.75 12.02
CA HIS C 97 3.24 -17.34 10.62
C HIS C 97 3.28 -18.55 9.70
N ASP C 98 4.01 -19.61 10.09
CA ASP C 98 4.17 -20.85 9.29
C ASP C 98 2.80 -21.45 8.97
N LYS C 99 1.80 -21.30 9.83
CA LYS C 99 0.47 -21.93 9.64
C LYS C 99 -0.46 -20.98 8.89
N GLY C 100 0.04 -19.82 8.44
CA GLY C 100 -0.75 -18.84 7.65
C GLY C 100 -1.81 -18.16 8.49
N LEU C 101 -1.51 -17.87 9.75
CA LEU C 101 -2.48 -17.27 10.72
C LEU C 101 -2.04 -15.85 11.11
N LEU C 102 -0.76 -15.51 10.97
CA LEU C 102 -0.21 -14.21 11.35
C LEU C 102 -0.50 -13.20 10.24
N LEU C 103 -1.27 -12.17 10.53
CA LEU C 103 -1.49 -11.02 9.62
C LEU C 103 -0.30 -10.06 9.75
N ARG C 104 0.07 -9.72 10.98
CA ARG C 104 1.20 -8.81 11.26
C ARG C 104 1.60 -8.91 12.74
N LEU C 105 2.90 -8.80 13.00
CA LEU C 105 3.48 -8.69 14.34
C LEU C 105 4.02 -7.28 14.50
N TYR C 106 3.40 -6.49 15.36
CA TYR C 106 3.87 -5.14 15.77
C TYR C 106 4.72 -5.30 17.01
N THR C 107 5.98 -4.85 16.98
CA THR C 107 6.90 -4.98 18.13
C THR C 107 7.39 -3.61 18.58
N GLN C 108 7.60 -3.47 19.88
CA GLN C 108 8.23 -2.31 20.53
C GLN C 108 9.69 -2.64 20.83
N ASN C 109 10.16 -3.80 20.38
CA ASN C 109 11.51 -4.30 20.71
C ASN C 109 12.45 -3.91 19.56
N ILE C 110 13.73 -3.73 19.87
CA ILE C 110 14.82 -3.39 18.92
C ILE C 110 15.93 -4.43 19.06
N ASP C 111 15.60 -5.64 19.50
CA ASP C 111 16.56 -6.77 19.68
C ASP C 111 16.65 -7.61 18.40
N GLY C 112 15.73 -7.41 17.46
CA GLY C 112 15.71 -8.09 16.16
C GLY C 112 15.45 -9.59 16.26
N LEU C 113 14.97 -10.06 17.39
CA LEU C 113 14.74 -11.51 17.61
C LEU C 113 13.52 -12.01 16.85
N GLU C 114 12.56 -11.14 16.53
CA GLU C 114 11.40 -11.57 15.70
C GLU C 114 11.93 -11.98 14.32
N ARG C 115 12.90 -11.23 13.78
CA ARG C 115 13.50 -11.50 12.45
C ARG C 115 14.32 -12.79 12.53
N VAL C 116 15.13 -12.92 13.59
CA VAL C 116 16.03 -14.07 13.80
C VAL C 116 15.20 -15.33 13.99
N SER C 117 13.99 -15.21 14.55
CA SER C 117 13.08 -16.36 14.80
C SER C 117 12.56 -16.89 13.45
N GLY C 118 12.71 -16.11 12.37
CA GLY C 118 12.38 -16.54 11.00
C GLY C 118 11.07 -15.93 10.50
N ILE C 119 10.57 -14.89 11.17
CA ILE C 119 9.40 -14.09 10.66
C ILE C 119 9.89 -13.10 9.62
N PRO C 120 9.36 -13.16 8.38
CA PRO C 120 9.81 -12.25 7.33
C PRO C 120 9.51 -10.78 7.67
N ALA C 121 10.40 -9.88 7.25
CA ALA C 121 10.27 -8.40 7.44
C ALA C 121 8.91 -7.92 6.94
N SER C 122 8.33 -8.56 5.93
CA SER C 122 7.02 -8.16 5.35
C SER C 122 5.93 -8.31 6.41
N LYS C 123 6.14 -9.16 7.41
CA LYS C 123 5.13 -9.49 8.45
C LYS C 123 5.42 -8.70 9.73
N LEU C 124 6.50 -7.93 9.75
CA LEU C 124 6.97 -7.21 10.94
C LEU C 124 6.68 -5.72 10.80
N VAL C 125 6.28 -5.08 11.88
CA VAL C 125 6.36 -3.61 12.02
C VAL C 125 7.17 -3.32 13.28
N GLU C 126 8.44 -2.98 13.10
CA GLU C 126 9.35 -2.60 14.19
C GLU C 126 9.02 -1.16 14.55
N ALA C 127 7.99 -0.98 15.36
CA ALA C 127 7.36 0.31 15.65
C ALA C 127 8.31 1.23 16.38
N HIS C 128 9.33 0.73 17.06
CA HIS C 128 10.25 1.61 17.85
C HIS C 128 11.58 1.71 17.12
N GLY C 129 11.59 1.35 15.85
CA GLY C 129 12.72 1.59 14.94
C GLY C 129 13.63 0.39 14.78
N THR C 130 14.81 0.61 14.22
CA THR C 130 15.75 -0.44 13.78
C THR C 130 17.17 0.11 13.81
N PHE C 131 18.15 -0.81 13.90
CA PHE C 131 19.59 -0.48 13.82
C PHE C 131 20.06 -0.48 12.36
N ALA C 132 19.21 -0.95 11.44
CA ALA C 132 19.51 -1.13 10.00
C ALA C 132 19.88 0.20 9.35
N SER C 133 19.48 1.33 9.91
CA SER C 133 19.70 2.68 9.34
C SER C 133 19.93 3.67 10.46
N ALA C 134 20.57 4.80 10.15
CA ALA C 134 20.90 5.85 11.11
C ALA C 134 20.59 7.22 10.51
N THR C 135 20.58 8.24 11.35
CA THR C 135 20.27 9.63 10.95
C THR C 135 21.14 10.58 11.78
N CYS C 136 21.65 11.64 11.15
CA CYS C 136 22.37 12.71 11.86
C CYS C 136 21.35 13.44 12.74
N THR C 137 21.65 13.60 14.03
CA THR C 137 20.75 14.22 15.00
C THR C 137 20.65 15.74 14.78
N VAL C 138 21.51 16.34 13.97
CA VAL C 138 21.47 17.80 13.69
C VAL C 138 21.01 18.05 12.25
N CYS C 139 21.65 17.47 11.23
CA CYS C 139 21.41 17.81 9.80
C CYS C 139 20.42 16.84 9.15
N GLN C 140 19.93 15.84 9.85
CA GLN C 140 18.93 14.87 9.34
C GLN C 140 19.49 14.04 8.17
N ARG C 141 20.80 14.06 7.91
CA ARG C 141 21.38 13.25 6.81
C ARG C 141 21.20 11.77 7.14
N PRO C 142 20.67 10.95 6.21
CA PRO C 142 20.57 9.50 6.40
C PRO C 142 21.87 8.74 6.15
N PHE C 143 22.09 7.65 6.86
CA PHE C 143 23.27 6.75 6.74
C PHE C 143 22.79 5.30 6.78
N PRO C 144 23.53 4.37 6.14
CA PRO C 144 23.06 2.98 6.00
C PRO C 144 23.10 2.28 7.36
N GLY C 145 23.88 2.77 8.33
CA GLY C 145 23.90 2.21 9.69
C GLY C 145 24.85 1.05 9.80
N GLU C 146 25.24 0.38 8.70
CA GLU C 146 26.48 -0.47 8.63
C GLU C 146 27.70 0.39 9.02
N ASP C 147 27.73 1.63 8.51
CA ASP C 147 28.87 2.56 8.68
C ASP C 147 29.05 2.84 10.17
N ILE C 148 27.97 2.97 10.93
CA ILE C 148 28.08 3.33 12.37
C ILE C 148 28.26 2.08 13.24
N ARG C 149 28.03 0.86 12.72
CA ARG C 149 28.25 -0.40 13.47
C ARG C 149 29.69 -0.45 13.96
N ALA C 150 30.65 -0.24 13.05
CA ALA C 150 32.11 -0.26 13.32
C ALA C 150 32.42 0.67 14.49
N ASP C 151 31.90 1.90 14.45
CA ASP C 151 32.13 2.96 15.47
C ASP C 151 31.56 2.49 16.79
N VAL C 152 30.41 1.83 16.80
CA VAL C 152 29.70 1.42 18.04
C VAL C 152 30.44 0.23 18.65
N MET C 153 30.88 -0.73 17.81
CA MET C 153 31.62 -1.94 18.25
C MET C 153 32.98 -1.53 18.83
N ALA C 154 33.55 -0.42 18.36
CA ALA C 154 34.88 0.10 18.76
C ALA C 154 34.74 1.18 19.84
N ASP C 155 33.56 1.32 20.46
CA ASP C 155 33.32 2.24 21.59
C ASP C 155 33.62 3.69 21.18
N ARG C 156 33.13 4.09 20.00
CA ARG C 156 33.25 5.48 19.50
C ARG C 156 31.86 6.03 19.18
N VAL C 157 31.61 7.29 19.53
CA VAL C 157 30.34 8.00 19.18
C VAL C 157 30.42 8.39 17.72
N PRO C 158 29.58 7.83 16.82
CA PRO C 158 29.66 8.17 15.40
C PRO C 158 29.24 9.62 15.15
N ARG C 159 29.96 10.33 14.28
CA ARG C 159 29.73 11.77 13.98
C ARG C 159 29.45 11.97 12.49
N CYS C 160 28.64 12.95 12.15
CA CYS C 160 28.26 13.32 10.76
C CYS C 160 29.50 13.85 10.04
N PRO C 161 29.87 13.31 8.86
CA PRO C 161 30.95 13.86 8.06
C PRO C 161 30.63 15.20 7.38
N VAL C 162 29.42 15.72 7.54
CA VAL C 162 28.99 17.04 7.00
C VAL C 162 28.95 18.05 8.14
N CYS C 163 28.19 17.77 9.21
CA CYS C 163 27.84 18.84 10.20
C CYS C 163 28.55 18.57 11.53
N THR C 164 29.23 17.42 11.70
CA THR C 164 30.04 17.05 12.90
C THR C 164 29.13 16.57 14.05
N GLY C 165 27.81 16.49 13.82
CA GLY C 165 26.83 16.15 14.86
C GLY C 165 26.81 14.66 15.12
N VAL C 166 26.20 14.25 16.24
CA VAL C 166 26.13 12.81 16.62
C VAL C 166 25.16 12.10 15.68
N VAL C 167 25.59 10.96 15.11
CA VAL C 167 24.74 10.13 14.22
C VAL C 167 24.19 8.97 15.06
N LYS C 168 22.87 8.84 15.06
CA LYS C 168 22.14 7.90 15.94
C LYS C 168 21.40 6.89 15.07
N PRO C 169 21.42 5.59 15.43
CA PRO C 169 20.63 4.58 14.73
C PRO C 169 19.14 4.94 14.84
N ASP C 170 18.33 4.44 13.90
CA ASP C 170 16.91 4.88 13.76
C ASP C 170 16.05 4.21 14.83
N ILE C 171 16.44 4.31 16.09
CA ILE C 171 15.63 3.89 17.27
C ILE C 171 14.76 5.08 17.61
N VAL C 172 13.45 4.86 17.73
CA VAL C 172 12.52 5.96 18.05
C VAL C 172 12.71 6.34 19.50
N PHE C 173 13.16 7.56 19.75
CA PHE C 173 13.30 8.15 21.11
C PHE C 173 11.98 8.83 21.48
N PHE C 174 11.78 9.07 22.78
CA PHE C 174 10.62 9.84 23.30
C PHE C 174 10.65 11.20 22.63
N GLY C 175 9.57 11.58 21.95
CA GLY C 175 9.47 12.86 21.24
C GLY C 175 9.64 12.72 19.74
N GLU C 176 10.31 11.66 19.27
CA GLU C 176 10.44 11.40 17.82
C GLU C 176 9.18 10.73 17.31
N PRO C 177 8.80 10.95 16.03
CA PRO C 177 7.71 10.18 15.43
C PRO C 177 8.14 8.72 15.17
N LEU C 178 7.16 7.82 15.08
CA LEU C 178 7.39 6.39 14.78
C LEU C 178 7.61 6.26 13.29
N PRO C 179 8.27 5.18 12.80
CA PRO C 179 8.46 5.00 11.37
C PRO C 179 7.12 5.01 10.63
N GLN C 180 7.15 5.44 9.36
CA GLN C 180 5.97 5.52 8.47
C GLN C 180 5.34 4.12 8.40
N ARG C 181 6.12 3.05 8.56
CA ARG C 181 5.60 1.68 8.41
C ARG C 181 4.57 1.41 9.51
N PHE C 182 4.63 2.14 10.63
CA PHE C 182 3.63 2.04 11.73
C PHE C 182 2.23 2.30 11.17
N LEU C 183 2.12 3.11 10.12
CA LEU C 183 0.82 3.54 9.56
C LEU C 183 0.16 2.32 8.91
N LEU C 184 0.87 1.22 8.71
CA LEU C 184 0.29 -0.06 8.23
C LEU C 184 -0.84 -0.51 9.16
N HIS C 185 -0.88 -0.02 10.42
CA HIS C 185 -1.94 -0.37 11.39
C HIS C 185 -3.31 0.02 10.85
N VAL C 186 -3.38 1.09 10.05
CA VAL C 186 -4.66 1.64 9.54
C VAL C 186 -5.36 0.58 8.70
N VAL C 187 -4.61 -0.28 8.01
CA VAL C 187 -5.16 -1.37 7.17
C VAL C 187 -5.27 -2.65 8.00
N ASP C 188 -4.30 -2.89 8.90
CA ASP C 188 -4.10 -4.20 9.58
C ASP C 188 -5.19 -4.43 10.66
N PHE C 189 -5.41 -3.47 11.55
CA PHE C 189 -6.20 -3.66 12.80
C PHE C 189 -7.69 -3.79 12.45
N PRO C 190 -8.27 -3.04 11.49
CA PRO C 190 -9.63 -3.33 11.05
C PRO C 190 -9.82 -4.73 10.46
N MET C 191 -8.77 -5.35 9.93
CA MET C 191 -8.82 -6.69 9.26
C MET C 191 -8.60 -7.82 10.27
N ALA C 192 -7.96 -7.52 11.40
CA ALA C 192 -7.66 -8.50 12.46
C ALA C 192 -8.96 -9.12 12.99
N ASP C 193 -8.96 -10.45 13.15
CA ASP C 193 -10.09 -11.20 13.74
C ASP C 193 -9.65 -11.80 15.10
N LEU C 194 -8.42 -11.53 15.51
CA LEU C 194 -7.90 -11.86 16.86
C LEU C 194 -6.68 -10.97 17.12
N LEU C 195 -6.59 -10.40 18.32
CA LEU C 195 -5.44 -9.58 18.76
C LEU C 195 -4.78 -10.27 19.96
N LEU C 196 -3.47 -10.53 19.85
CA LEU C 196 -2.61 -11.04 20.95
C LEU C 196 -1.73 -9.91 21.45
N ILE C 197 -1.71 -9.68 22.75
CA ILE C 197 -0.79 -8.72 23.39
C ILE C 197 0.11 -9.51 24.34
N LEU C 198 1.39 -9.61 24.02
CA LEU C 198 2.37 -10.43 24.77
C LEU C 198 3.44 -9.51 25.37
N GLY C 199 3.62 -9.59 26.68
CA GLY C 199 4.81 -9.06 27.34
C GLY C 199 4.97 -7.56 27.16
N THR C 200 3.92 -6.80 27.46
CA THR C 200 3.94 -5.31 27.37
C THR C 200 3.21 -4.71 28.57
N SER C 201 3.72 -3.62 29.12
CA SER C 201 3.02 -2.80 30.16
C SER C 201 2.02 -1.84 29.51
N LEU C 202 2.06 -1.69 28.17
CA LEU C 202 1.27 -0.72 27.40
C LEU C 202 1.35 0.65 28.08
N GLU C 203 2.54 1.07 28.47
CA GLU C 203 2.84 2.37 29.09
C GLU C 203 3.48 3.29 28.05
N VAL C 204 3.62 2.87 26.79
CA VAL C 204 4.22 3.75 25.74
C VAL C 204 3.23 3.94 24.58
N GLU C 205 2.95 5.22 24.29
CA GLU C 205 2.02 5.68 23.22
C GLU C 205 2.88 6.17 22.07
N PRO C 206 2.34 6.24 20.83
CA PRO C 206 0.99 5.78 20.51
C PRO C 206 0.81 4.26 20.35
N PHE C 207 1.83 3.46 20.66
CA PHE C 207 1.78 1.99 20.42
C PHE C 207 0.61 1.38 21.21
N ALA C 208 0.48 1.73 22.49
CA ALA C 208 -0.52 1.14 23.41
C ALA C 208 -1.94 1.30 22.87
N SER C 209 -2.22 2.47 22.28
CA SER C 209 -3.56 2.85 21.78
C SER C 209 -4.03 1.86 20.69
N LEU C 210 -3.11 1.13 20.05
CA LEU C 210 -3.44 0.13 19.00
C LEU C 210 -4.39 -0.95 19.53
N THR C 211 -4.39 -1.21 20.83
CA THR C 211 -5.31 -2.21 21.46
C THR C 211 -6.76 -1.82 21.16
N GLU C 212 -7.06 -0.52 21.04
CA GLU C 212 -8.43 0.01 20.80
C GLU C 212 -8.78 -0.09 19.32
N ALA C 213 -7.81 -0.29 18.43
CA ALA C 213 -8.00 -0.16 16.97
C ALA C 213 -8.75 -1.37 16.37
N VAL C 214 -8.87 -2.50 17.05
CA VAL C 214 -9.57 -3.69 16.50
C VAL C 214 -11.08 -3.52 16.70
N ARG C 215 -11.87 -4.16 15.85
CA ARG C 215 -13.36 -4.12 15.92
C ARG C 215 -13.79 -4.74 17.25
N SER C 216 -14.93 -4.29 17.78
CA SER C 216 -15.49 -4.72 19.10
C SER C 216 -15.75 -6.23 19.14
N SER C 217 -16.05 -6.86 18.01
CA SER C 217 -16.33 -8.31 17.93
C SER C 217 -15.06 -9.14 18.13
N VAL C 218 -13.88 -8.51 18.13
CA VAL C 218 -12.57 -9.23 18.03
C VAL C 218 -12.09 -9.51 19.45
N PRO C 219 -11.85 -10.79 19.80
CA PRO C 219 -11.23 -11.10 21.09
C PRO C 219 -9.83 -10.46 21.19
N ARG C 220 -9.50 -9.96 22.39
CA ARG C 220 -8.16 -9.43 22.71
C ARG C 220 -7.55 -10.29 23.81
N LEU C 221 -6.62 -11.20 23.46
CA LEU C 221 -5.90 -12.06 24.43
C LEU C 221 -4.65 -11.33 24.93
N LEU C 222 -4.56 -11.08 26.23
CA LEU C 222 -3.37 -10.50 26.90
C LEU C 222 -2.66 -11.64 27.63
N ILE C 223 -1.39 -11.89 27.32
CA ILE C 223 -0.53 -12.83 28.07
C ILE C 223 0.59 -11.96 28.65
N ASN C 224 0.52 -11.68 29.95
CA ASN C 224 1.38 -10.66 30.59
C ASN C 224 1.45 -10.95 32.10
N ARG C 225 2.43 -10.39 32.78
CA ARG C 225 2.60 -10.50 34.24
C ARG C 225 1.35 -9.99 34.93
N ASP C 226 0.72 -8.93 34.41
CA ASP C 226 -0.46 -8.30 35.08
C ASP C 226 -1.35 -7.55 34.08
N LEU C 227 -2.58 -7.25 34.50
CA LEU C 227 -3.60 -6.58 33.65
C LEU C 227 -3.19 -5.11 33.51
N VAL C 228 -3.13 -4.61 32.29
CA VAL C 228 -2.44 -3.31 32.00
C VAL C 228 -3.20 -2.50 30.93
N GLY C 229 -2.98 -1.18 31.00
CA GLY C 229 -3.33 -0.22 29.95
C GLY C 229 -4.81 -0.28 29.61
N PRO C 230 -5.17 0.01 28.34
CA PRO C 230 -6.56 0.02 27.91
C PRO C 230 -7.34 -1.22 28.36
N LEU C 231 -6.69 -2.40 28.41
CA LEU C 231 -7.37 -3.65 28.83
C LEU C 231 -7.78 -3.55 30.30
N ALA C 232 -7.04 -2.81 31.13
CA ALA C 232 -7.44 -2.54 32.53
C ALA C 232 -8.52 -1.43 32.55
N TRP C 233 -8.31 -0.35 31.80
CA TRP C 233 -9.16 0.86 31.84
C TRP C 233 -10.47 0.63 31.06
N HIS C 234 -10.42 0.01 29.89
CA HIS C 234 -11.57 -0.07 28.95
C HIS C 234 -11.77 -1.51 28.52
N PRO C 235 -12.21 -2.41 29.41
CA PRO C 235 -12.36 -3.83 29.07
C PRO C 235 -13.51 -3.98 28.08
N ARG C 236 -13.54 -5.11 27.36
CA ARG C 236 -14.62 -5.47 26.41
C ARG C 236 -15.03 -6.91 26.68
N SER C 237 -16.26 -7.27 26.29
CA SER C 237 -16.88 -8.59 26.56
C SER C 237 -15.96 -9.74 26.12
N ARG C 238 -15.18 -9.55 25.04
CA ARG C 238 -14.43 -10.68 24.42
C ARG C 238 -12.93 -10.59 24.77
N ASP C 239 -12.56 -9.83 25.81
CA ASP C 239 -11.15 -9.78 26.29
C ASP C 239 -10.85 -11.00 27.16
N VAL C 240 -9.64 -11.53 27.04
CA VAL C 240 -9.13 -12.66 27.84
C VAL C 240 -7.74 -12.27 28.37
N ALA C 241 -7.53 -12.42 29.66
CA ALA C 241 -6.24 -12.09 30.32
C ALA C 241 -5.71 -13.38 30.92
N GLN C 242 -4.49 -13.75 30.53
CA GLN C 242 -3.76 -14.90 31.09
C GLN C 242 -2.58 -14.30 31.85
N LEU C 243 -2.82 -13.87 33.10
CA LEU C 243 -1.81 -13.17 33.92
C LEU C 243 -0.83 -14.17 34.52
N GLY C 244 0.47 -13.88 34.45
CA GLY C 244 1.54 -14.80 34.86
C GLY C 244 2.77 -14.62 34.02
N ASP C 245 3.81 -15.39 34.28
CA ASP C 245 4.99 -15.55 33.40
C ASP C 245 4.50 -15.66 31.96
N VAL C 246 5.03 -14.82 31.06
CA VAL C 246 4.62 -14.77 29.63
C VAL C 246 4.89 -16.14 28.99
N VAL C 247 6.07 -16.71 29.24
CA VAL C 247 6.47 -18.03 28.65
C VAL C 247 5.50 -19.11 29.15
N HIS C 248 5.07 -19.07 30.41
CA HIS C 248 4.12 -20.05 30.98
C HIS C 248 2.77 -19.90 30.25
N GLY C 249 2.26 -18.67 30.16
CA GLY C 249 1.01 -18.38 29.42
C GLY C 249 1.08 -18.91 27.99
N VAL C 250 2.19 -18.66 27.30
CA VAL C 250 2.33 -19.06 25.87
C VAL C 250 2.31 -20.60 25.78
N GLU C 251 3.10 -21.29 26.61
CA GLU C 251 3.17 -22.79 26.61
C GLU C 251 1.80 -23.40 26.97
N SER C 252 1.06 -22.77 27.89
CA SER C 252 -0.33 -23.17 28.23
C SER C 252 -1.20 -23.09 26.97
N LEU C 253 -1.13 -21.97 26.24
CA LEU C 253 -1.95 -21.75 25.03
C LEU C 253 -1.52 -22.75 23.96
N VAL C 254 -0.21 -22.98 23.83
CA VAL C 254 0.35 -23.93 22.83
C VAL C 254 -0.24 -25.32 23.10
N GLU C 255 -0.28 -25.75 24.37
CA GLU C 255 -0.82 -27.07 24.78
C GLU C 255 -2.30 -27.15 24.44
N LEU C 256 -3.06 -26.09 24.73
CA LEU C 256 -4.52 -26.05 24.41
C LEU C 256 -4.72 -26.15 22.90
N LEU C 257 -3.80 -25.56 22.10
CA LEU C 257 -3.86 -25.59 20.60
C LEU C 257 -3.48 -26.99 20.09
N GLY C 258 -2.69 -27.74 20.85
CA GLY C 258 -2.20 -29.05 20.45
C GLY C 258 -0.91 -28.95 19.65
N TRP C 259 -0.11 -27.89 19.86
CA TRP C 259 1.11 -27.62 19.06
C TRP C 259 2.39 -27.99 19.84
N THR C 260 2.27 -28.59 21.02
CA THR C 260 3.42 -28.73 21.96
C THR C 260 4.58 -29.49 21.29
N GLU C 261 4.28 -30.60 20.63
CA GLU C 261 5.29 -31.44 19.94
C GLU C 261 5.94 -30.61 18.83
N GLU C 262 5.10 -30.02 17.97
CA GLU C 262 5.53 -29.18 16.81
C GLU C 262 6.43 -28.04 17.27
N MET C 263 6.04 -27.35 18.36
CA MET C 263 6.83 -26.26 18.99
C MET C 263 8.19 -26.80 19.43
N ARG C 264 8.19 -27.90 20.19
CA ARG C 264 9.42 -28.54 20.71
C ARG C 264 10.37 -28.82 19.53
N ASP C 265 9.83 -29.34 18.41
CA ASP C 265 10.61 -29.68 17.18
C ASP C 265 11.17 -28.40 16.55
N LEU C 266 10.32 -27.39 16.35
CA LEU C 266 10.69 -26.07 15.76
C LEU C 266 11.80 -25.44 16.60
N VAL C 267 11.62 -25.36 17.91
CA VAL C 267 12.61 -24.66 18.79
C VAL C 267 13.96 -25.38 18.67
N GLN C 268 13.96 -26.72 18.60
CA GLN C 268 15.19 -27.54 18.56
C GLN C 268 15.95 -27.24 17.25
N ARG C 269 15.28 -27.36 16.10
CA ARG C 269 15.90 -27.14 14.76
C ARG C 269 16.48 -25.72 14.70
N GLU C 270 15.69 -24.73 15.10
CA GLU C 270 16.03 -23.28 14.95
C GLU C 270 17.15 -22.89 15.90
N THR C 271 17.21 -23.41 17.14
CA THR C 271 18.30 -23.12 18.11
C THR C 271 19.56 -23.91 17.70
N GLY C 272 19.38 -25.06 17.02
CA GLY C 272 20.47 -25.81 16.40
C GLY C 272 21.21 -24.99 15.34
N LYS C 273 20.49 -24.14 14.60
CA LYS C 273 21.01 -23.36 13.43
C LYS C 273 21.63 -22.03 13.87
N LEU C 274 21.81 -21.77 15.17
CA LEU C 274 22.39 -20.49 15.67
C LEU C 274 23.66 -20.73 16.49
N ALA C 275 24.10 -22.00 16.60
CA ALA C 275 25.28 -22.41 17.40
C ALA C 275 26.37 -22.95 16.48
N ARG D 1 1.12 10.96 16.30
CA ARG D 1 1.76 11.60 17.47
C ARG D 1 3.24 11.19 17.50
N THR D 2 3.99 11.77 18.43
CA THR D 2 5.34 11.30 18.82
C THR D 2 5.24 10.22 19.91
N LYS D 3 6.34 9.50 20.12
CA LYS D 3 6.48 8.50 21.19
C LYS D 3 6.37 9.21 22.54
N GLN D 4 5.38 8.85 23.34
CA GLN D 4 5.17 9.43 24.68
C GLN D 4 4.91 8.30 25.67
N THR D 5 5.32 8.53 26.89
CA THR D 5 4.97 7.71 28.08
C THR D 5 3.47 7.94 28.32
N ALA D 6 2.70 6.88 28.59
CA ALA D 6 1.21 6.90 28.61
C ALA D 6 0.67 7.50 29.92
N ARG D 7 -0.63 7.83 29.90
CA ARG D 7 -1.46 8.40 31.01
C ARG D 7 -1.02 9.85 31.27
N LYS E 2 11.02 -55.95 4.76
CA LYS E 2 9.95 -55.27 3.97
C LYS E 2 9.05 -54.46 4.93
N LEU E 3 8.73 -53.23 4.55
CA LEU E 3 7.98 -52.27 5.40
C LEU E 3 6.47 -52.45 5.18
N SER E 4 5.69 -52.05 6.17
CA SER E 4 4.21 -52.20 6.17
C SER E 4 3.54 -50.85 6.46
N LEU E 5 2.25 -50.76 6.12
CA LEU E 5 1.45 -49.54 6.39
C LEU E 5 1.59 -49.16 7.86
N GLN E 6 1.65 -50.13 8.78
CA GLN E 6 1.74 -49.86 10.25
C GLN E 6 3.13 -49.30 10.58
N ASP E 7 4.19 -49.79 9.92
CA ASP E 7 5.56 -49.26 10.11
C ASP E 7 5.59 -47.77 9.78
N VAL E 8 4.97 -47.38 8.64
CA VAL E 8 4.93 -45.97 8.17
C VAL E 8 4.13 -45.15 9.18
N ALA E 9 2.96 -45.63 9.58
CA ALA E 9 2.10 -44.99 10.60
C ALA E 9 2.94 -44.73 11.86
N GLU E 10 3.77 -45.69 12.29
CA GLU E 10 4.53 -45.57 13.56
C GLU E 10 5.67 -44.54 13.36
N LEU E 11 6.22 -44.45 12.15
CA LEU E 11 7.24 -43.41 11.80
C LEU E 11 6.61 -42.01 11.95
N ILE E 12 5.40 -41.82 11.42
CA ILE E 12 4.68 -40.52 11.47
C ILE E 12 4.33 -40.19 12.92
N ARG E 13 3.88 -41.18 13.70
CA ARG E 13 3.47 -40.98 15.11
C ARG E 13 4.72 -40.61 15.95
N ALA E 14 5.87 -41.21 15.65
CA ALA E 14 7.15 -40.92 16.35
C ALA E 14 7.73 -39.57 15.89
N ARG E 15 7.13 -38.93 14.88
CA ARG E 15 7.67 -37.72 14.22
C ARG E 15 9.10 -38.02 13.73
N ALA E 16 9.36 -39.27 13.32
CA ALA E 16 10.61 -39.67 12.63
C ALA E 16 10.56 -39.14 11.20
N CYS E 17 9.37 -39.06 10.61
CA CYS E 17 9.13 -38.41 9.31
C CYS E 17 8.43 -37.08 9.58
N GLN E 18 9.13 -35.96 9.33
CA GLN E 18 8.61 -34.59 9.59
C GLN E 18 8.52 -33.76 8.31
N ARG E 19 9.11 -34.25 7.22
CA ARG E 19 9.17 -33.54 5.92
C ARG E 19 8.49 -34.45 4.90
N VAL E 20 7.17 -34.60 5.00
CA VAL E 20 6.38 -35.49 4.11
C VAL E 20 6.05 -34.72 2.83
N VAL E 21 6.46 -35.23 1.68
CA VAL E 21 5.99 -34.74 0.37
C VAL E 21 4.89 -35.68 -0.11
N VAL E 22 3.85 -35.11 -0.71
CA VAL E 22 2.64 -35.85 -1.15
C VAL E 22 2.42 -35.60 -2.65
N MET E 23 2.13 -36.67 -3.38
CA MET E 23 1.76 -36.59 -4.80
C MET E 23 0.37 -37.18 -4.94
N VAL E 24 -0.59 -36.42 -5.44
CA VAL E 24 -1.99 -36.89 -5.61
C VAL E 24 -2.43 -36.71 -7.06
N GLY E 25 -3.42 -37.51 -7.48
CA GLY E 25 -4.03 -37.48 -8.82
C GLY E 25 -5.54 -37.50 -8.73
N ALA E 26 -6.22 -37.77 -9.85
CA ALA E 26 -7.70 -37.71 -9.97
C ALA E 26 -8.34 -38.77 -9.07
N GLY E 27 -7.58 -39.81 -8.72
CA GLY E 27 -8.03 -40.87 -7.78
C GLY E 27 -8.64 -40.30 -6.52
N ILE E 28 -8.04 -39.27 -5.94
CA ILE E 28 -8.43 -38.78 -4.59
C ILE E 28 -9.67 -37.90 -4.72
N SER E 29 -10.00 -37.43 -5.93
CA SER E 29 -11.11 -36.47 -6.13
C SER E 29 -12.39 -37.16 -6.64
N THR E 30 -12.32 -38.41 -7.09
CA THR E 30 -13.49 -39.21 -7.54
C THR E 30 -14.53 -39.34 -6.41
N PRO E 31 -14.15 -39.68 -5.17
CA PRO E 31 -15.12 -39.74 -4.08
C PRO E 31 -15.92 -38.46 -3.90
N SER E 32 -15.44 -37.33 -4.44
CA SER E 32 -16.09 -36.02 -4.25
C SER E 32 -17.10 -35.76 -5.35
N GLY E 33 -17.08 -36.59 -6.41
CA GLY E 33 -18.00 -36.50 -7.57
C GLY E 33 -17.31 -35.96 -8.81
N ILE E 34 -16.03 -35.54 -8.72
CA ILE E 34 -15.28 -35.08 -9.92
C ILE E 34 -14.90 -36.31 -10.73
N PRO E 35 -15.19 -36.32 -12.05
CA PRO E 35 -14.88 -37.48 -12.88
C PRO E 35 -13.38 -37.62 -13.16
N ASP E 36 -13.02 -38.77 -13.74
CA ASP E 36 -11.64 -39.22 -14.04
C ASP E 36 -11.70 -40.17 -15.25
N SER E 46 -21.48 -43.06 -20.17
CA SER E 46 -20.22 -43.22 -19.40
C SER E 46 -19.83 -41.89 -18.75
N ASN E 47 -18.57 -41.77 -18.33
CA ASN E 47 -17.90 -40.49 -17.98
C ASN E 47 -17.66 -39.66 -19.25
N LEU E 48 -17.36 -40.33 -20.37
CA LEU E 48 -16.96 -39.69 -21.65
C LEU E 48 -18.17 -39.21 -22.45
N GLN E 49 -19.20 -40.05 -22.63
CA GLN E 49 -20.38 -39.69 -23.47
C GLN E 49 -21.06 -38.47 -22.87
N GLN E 50 -21.09 -38.36 -21.54
CA GLN E 50 -21.52 -37.16 -20.78
C GLN E 50 -20.74 -35.92 -21.26
N TYR E 51 -19.44 -36.04 -21.49
CA TYR E 51 -18.56 -34.92 -21.89
C TYR E 51 -18.25 -34.96 -23.40
N ASP E 52 -18.72 -35.97 -24.12
CA ASP E 52 -18.57 -36.10 -25.59
C ASP E 52 -17.08 -36.17 -25.95
N LEU E 53 -16.36 -37.12 -25.34
CA LEU E 53 -14.89 -37.26 -25.51
C LEU E 53 -14.57 -38.57 -26.21
N PRO E 54 -13.78 -38.57 -27.30
CA PRO E 54 -13.39 -39.81 -27.97
C PRO E 54 -12.63 -40.75 -27.01
N TYR E 55 -11.68 -40.19 -26.27
CA TYR E 55 -10.87 -40.86 -25.21
C TYR E 55 -10.69 -39.89 -24.06
N PRO E 56 -10.23 -40.33 -22.87
CA PRO E 56 -10.13 -39.45 -21.70
C PRO E 56 -9.17 -38.27 -21.86
N GLU E 57 -7.94 -38.51 -22.29
CA GLU E 57 -6.85 -37.49 -22.33
C GLU E 57 -7.22 -36.36 -23.31
N ALA E 58 -8.14 -36.59 -24.25
CA ALA E 58 -8.55 -35.63 -25.31
C ALA E 58 -8.92 -34.27 -24.72
N ILE E 59 -9.52 -34.25 -23.54
CA ILE E 59 -10.05 -32.99 -22.92
C ILE E 59 -8.88 -32.04 -22.62
N PHE E 60 -7.68 -32.57 -22.41
CA PHE E 60 -6.46 -31.75 -22.13
C PHE E 60 -5.47 -31.86 -23.31
N GLU E 61 -5.99 -31.99 -24.54
CA GLU E 61 -5.17 -32.00 -25.78
C GLU E 61 -5.49 -30.75 -26.61
N LEU E 62 -4.47 -30.01 -27.06
CA LEU E 62 -4.63 -28.75 -27.82
C LEU E 62 -5.34 -29.02 -29.16
N PRO E 63 -4.93 -30.03 -29.95
CA PRO E 63 -5.61 -30.32 -31.21
C PRO E 63 -7.13 -30.45 -31.03
N PHE E 64 -7.55 -31.28 -30.07
CA PHE E 64 -8.99 -31.52 -29.79
C PHE E 64 -9.64 -30.23 -29.28
N PHE E 65 -8.94 -29.46 -28.47
CA PHE E 65 -9.45 -28.20 -27.87
C PHE E 65 -9.78 -27.21 -28.98
N PHE E 66 -8.90 -27.10 -29.99
CA PHE E 66 -9.11 -26.16 -31.13
C PHE E 66 -10.24 -26.66 -32.03
N HIS E 67 -10.38 -27.98 -32.18
CA HIS E 67 -11.52 -28.60 -32.91
C HIS E 67 -12.81 -28.32 -32.14
N ASN E 68 -12.78 -28.44 -30.80
CA ASN E 68 -13.98 -28.35 -29.93
C ASN E 68 -13.57 -28.05 -28.50
N LYS E 70 -15.44 -27.15 -26.04
CA LYS E 70 -16.73 -27.09 -25.30
C LYS E 70 -16.77 -28.16 -24.20
N PRO E 71 -16.32 -29.40 -24.44
CA PRO E 71 -16.10 -30.37 -23.37
C PRO E 71 -15.22 -29.81 -22.24
N PHE E 72 -14.09 -29.19 -22.61
CA PHE E 72 -13.16 -28.58 -21.63
C PHE E 72 -13.93 -27.54 -20.80
N PHE E 73 -14.68 -26.66 -21.44
CA PHE E 73 -15.37 -25.53 -20.77
C PHE E 73 -16.59 -26.03 -19.99
N THR E 74 -17.16 -27.18 -20.36
CA THR E 74 -18.19 -27.87 -19.53
C THR E 74 -17.55 -28.25 -18.19
N LEU E 75 -16.43 -28.97 -18.26
CA LEU E 75 -15.66 -29.39 -17.06
C LEU E 75 -15.25 -28.15 -16.27
N ALA E 76 -14.78 -27.11 -16.96
CA ALA E 76 -14.35 -25.85 -16.32
C ALA E 76 -15.51 -25.30 -15.49
N LYS E 77 -16.71 -25.34 -16.06
CA LYS E 77 -17.93 -24.79 -15.42
C LYS E 77 -18.20 -25.54 -14.11
N GLU E 78 -18.16 -26.86 -14.18
CA GLU E 78 -18.41 -27.78 -13.04
C GLU E 78 -17.39 -27.45 -11.93
N LEU E 79 -16.14 -27.21 -12.29
CA LEU E 79 -15.01 -27.14 -11.34
C LEU E 79 -14.94 -25.81 -10.61
N TYR E 80 -15.57 -24.75 -11.09
CA TYR E 80 -15.52 -23.43 -10.38
C TYR E 80 -16.10 -23.68 -8.99
N PRO E 81 -15.51 -23.05 -7.95
CA PRO E 81 -15.72 -23.47 -6.56
C PRO E 81 -17.15 -23.55 -6.04
N GLY E 82 -17.34 -24.46 -5.09
CA GLY E 82 -18.61 -24.66 -4.38
C GLY E 82 -19.30 -25.89 -4.91
N ASN E 83 -19.07 -26.23 -6.18
CA ASN E 83 -19.77 -27.38 -6.82
C ASN E 83 -19.46 -28.69 -6.10
N TYR E 84 -18.23 -28.85 -5.59
CA TYR E 84 -17.80 -30.09 -4.92
C TYR E 84 -17.14 -29.74 -3.60
N LYS E 85 -17.15 -30.69 -2.68
CA LYS E 85 -16.53 -30.57 -1.35
C LYS E 85 -15.36 -31.55 -1.27
N PRO E 86 -14.35 -31.24 -0.46
CA PRO E 86 -13.22 -32.14 -0.27
C PRO E 86 -13.71 -33.38 0.50
N ASN E 87 -13.12 -34.54 0.18
CA ASN E 87 -13.41 -35.82 0.86
C ASN E 87 -12.32 -36.11 1.89
N VAL E 88 -12.36 -37.31 2.47
CA VAL E 88 -11.54 -37.70 3.65
C VAL E 88 -10.06 -37.64 3.25
N THR E 89 -9.73 -37.90 1.98
CA THR E 89 -8.33 -37.93 1.51
C THR E 89 -7.73 -36.52 1.63
N HIS E 90 -8.48 -35.51 1.20
CA HIS E 90 -8.09 -34.10 1.33
C HIS E 90 -7.86 -33.75 2.80
N TYR E 91 -8.83 -34.09 3.66
CA TYR E 91 -8.79 -33.74 5.10
C TYR E 91 -7.62 -34.44 5.79
N PHE E 92 -7.26 -35.63 5.31
CA PHE E 92 -6.08 -36.36 5.83
C PHE E 92 -4.83 -35.52 5.59
N LEU E 93 -4.71 -35.00 4.37
CA LEU E 93 -3.55 -34.16 3.94
C LEU E 93 -3.56 -32.87 4.75
N ARG E 94 -4.75 -32.29 4.95
CA ARG E 94 -4.93 -31.07 5.77
C ARG E 94 -4.42 -31.35 7.17
N LEU E 95 -4.77 -32.50 7.74
CA LEU E 95 -4.42 -32.85 9.13
C LEU E 95 -2.90 -33.05 9.23
N LEU E 96 -2.30 -33.60 8.18
CA LEU E 96 -0.82 -33.73 8.07
C LEU E 96 -0.17 -32.34 8.15
N HIS E 97 -0.77 -31.36 7.50
CA HIS E 97 -0.32 -29.94 7.52
C HIS E 97 -0.46 -29.35 8.92
N ASP E 98 -1.65 -29.50 9.53
CA ASP E 98 -1.96 -28.95 10.88
C ASP E 98 -0.96 -29.48 11.91
N LYS E 99 -0.46 -30.71 11.73
CA LYS E 99 0.47 -31.34 12.72
C LYS E 99 1.93 -31.01 12.37
N GLY E 100 2.18 -30.17 11.38
CA GLY E 100 3.52 -29.67 11.03
C GLY E 100 4.36 -30.74 10.38
N LEU E 101 3.76 -31.62 9.58
CA LEU E 101 4.48 -32.76 8.94
C LEU E 101 4.54 -32.58 7.41
N LEU E 102 3.64 -31.80 6.82
CA LEU E 102 3.59 -31.59 5.35
C LEU E 102 4.66 -30.59 4.91
N LEU E 103 5.61 -31.05 4.08
CA LEU E 103 6.63 -30.18 3.44
C LEU E 103 5.99 -29.50 2.22
N ARG E 104 5.32 -30.31 1.39
CA ARG E 104 4.68 -29.86 0.15
C ARG E 104 3.73 -30.95 -0.36
N LEU E 105 2.60 -30.51 -0.90
CA LEU E 105 1.62 -31.35 -1.59
C LEU E 105 1.65 -30.96 -3.07
N TYR E 106 2.16 -31.85 -3.92
CA TYR E 106 2.15 -31.73 -5.39
C TYR E 106 0.89 -32.41 -5.89
N THR E 107 0.04 -31.69 -6.62
CA THR E 107 -1.23 -32.21 -7.16
C THR E 107 -1.25 -32.09 -8.68
N GLN E 108 -1.87 -33.08 -9.33
CA GLN E 108 -2.16 -33.06 -10.79
C GLN E 108 -3.64 -32.69 -10.99
N ASN E 109 -4.31 -32.28 -9.92
CA ASN E 109 -5.75 -32.00 -9.96
C ASN E 109 -5.95 -30.49 -10.14
N ILE E 110 -7.06 -30.09 -10.73
CA ILE E 110 -7.40 -28.67 -11.01
C ILE E 110 -8.77 -28.35 -10.39
N ASP E 111 -9.19 -29.12 -9.38
CA ASP E 111 -10.52 -29.00 -8.73
C ASP E 111 -10.45 -28.03 -7.53
N GLY E 112 -9.24 -27.66 -7.11
CA GLY E 112 -8.99 -26.68 -6.05
C GLY E 112 -9.44 -27.17 -4.67
N LEU E 113 -9.67 -28.47 -4.51
CA LEU E 113 -10.19 -29.05 -3.24
C LEU E 113 -9.07 -29.08 -2.21
N GLU E 114 -7.80 -29.13 -2.60
CA GLU E 114 -6.69 -29.06 -1.62
C GLU E 114 -6.75 -27.71 -0.89
N ARG E 115 -7.04 -26.64 -1.62
CA ARG E 115 -7.13 -25.26 -1.05
C ARG E 115 -8.36 -25.17 -0.15
N VAL E 116 -9.48 -25.68 -0.65
CA VAL E 116 -10.79 -25.63 0.06
C VAL E 116 -10.68 -26.45 1.35
N SER E 117 -9.87 -27.51 1.35
CA SER E 117 -9.69 -28.39 2.54
C SER E 117 -8.94 -27.62 3.63
N GLY E 118 -8.31 -26.50 3.31
CA GLY E 118 -7.66 -25.63 4.30
C GLY E 118 -6.14 -25.70 4.25
N ILE E 119 -5.56 -26.30 3.21
CA ILE E 119 -4.08 -26.29 2.99
C ILE E 119 -3.69 -24.97 2.34
N PRO E 120 -2.77 -24.19 2.95
CA PRO E 120 -2.35 -22.93 2.37
C PRO E 120 -1.67 -23.14 1.01
N ALA E 121 -1.86 -22.18 0.10
CA ALA E 121 -1.27 -22.13 -1.25
C ALA E 121 0.25 -22.28 -1.15
N SER E 122 0.87 -21.79 -0.08
CA SER E 122 2.35 -21.87 0.11
C SER E 122 2.81 -23.33 0.18
N LYS E 123 1.91 -24.24 0.54
CA LYS E 123 2.24 -25.68 0.73
C LYS E 123 1.82 -26.48 -0.49
N LEU E 124 1.21 -25.83 -1.47
CA LEU E 124 0.65 -26.51 -2.67
C LEU E 124 1.52 -26.24 -3.89
N VAL E 125 1.68 -27.24 -4.74
CA VAL E 125 2.19 -27.07 -6.12
C VAL E 125 1.16 -27.68 -7.06
N GLU E 126 0.30 -26.82 -7.64
CA GLU E 126 -0.75 -27.22 -8.61
C GLU E 126 -0.03 -27.43 -9.94
N ALA E 127 0.57 -28.60 -10.09
CA ALA E 127 1.52 -28.92 -11.18
C ALA E 127 0.83 -28.89 -12.53
N HIS E 128 -0.49 -29.07 -12.58
CA HIS E 128 -1.20 -29.13 -13.89
C HIS E 128 -1.97 -27.83 -14.11
N GLY E 129 -1.61 -26.79 -13.36
CA GLY E 129 -2.08 -25.42 -13.59
C GLY E 129 -3.27 -25.07 -12.72
N THR E 130 -3.96 -24.00 -13.08
CA THR E 130 -4.99 -23.34 -12.23
C THR E 130 -5.97 -22.56 -13.12
N PHE E 131 -7.16 -22.30 -12.61
CA PHE E 131 -8.19 -21.47 -13.28
C PHE E 131 -8.01 -20.00 -12.89
N ALA E 132 -7.13 -19.72 -11.93
CA ALA E 132 -6.84 -18.38 -11.38
C ALA E 132 -6.37 -17.42 -12.47
N SER E 133 -5.81 -17.94 -13.57
CA SER E 133 -5.28 -17.15 -14.69
C SER E 133 -5.58 -17.83 -16.01
N ALA E 134 -5.62 -17.05 -17.09
CA ALA E 134 -5.91 -17.52 -18.46
C ALA E 134 -4.93 -16.88 -19.42
N THR E 135 -4.87 -17.42 -20.64
CA THR E 135 -3.98 -16.93 -21.72
C THR E 135 -4.72 -16.98 -23.05
N CYS E 136 -4.60 -15.93 -23.85
CA CYS E 136 -5.13 -15.92 -25.23
C CYS E 136 -4.35 -16.96 -26.05
N THR E 137 -5.04 -17.85 -26.73
CA THR E 137 -4.41 -18.94 -27.52
C THR E 137 -3.76 -18.41 -28.80
N VAL E 138 -4.02 -17.15 -29.18
CA VAL E 138 -3.44 -16.57 -30.44
C VAL E 138 -2.42 -15.49 -30.08
N CYS E 139 -2.74 -14.51 -29.24
CA CYS E 139 -1.84 -13.35 -28.97
C CYS E 139 -1.01 -13.56 -27.70
N GLN E 140 -1.20 -14.68 -26.99
CA GLN E 140 -0.50 -15.03 -25.74
C GLN E 140 -0.70 -13.96 -24.64
N ARG E 141 -1.69 -13.09 -24.76
CA ARG E 141 -1.95 -12.10 -23.68
C ARG E 141 -2.43 -12.86 -22.44
N PRO E 142 -1.85 -12.57 -21.25
CA PRO E 142 -2.39 -13.05 -19.97
C PRO E 142 -3.62 -12.27 -19.48
N PHE E 143 -4.51 -12.97 -18.79
CA PHE E 143 -5.70 -12.39 -18.11
C PHE E 143 -5.85 -13.03 -16.73
N PRO E 144 -6.49 -12.34 -15.77
CA PRO E 144 -6.94 -12.97 -14.54
C PRO E 144 -8.12 -13.89 -14.87
N GLY E 145 -8.25 -15.00 -14.14
CA GLY E 145 -9.26 -16.03 -14.38
C GLY E 145 -10.69 -15.49 -14.27
N GLU E 146 -10.89 -14.48 -13.43
CA GLU E 146 -12.24 -13.93 -13.14
C GLU E 146 -12.82 -13.30 -14.42
N ASP E 147 -11.98 -12.75 -15.30
CA ASP E 147 -12.41 -12.13 -16.58
C ASP E 147 -13.21 -13.13 -17.41
N ILE E 148 -12.79 -14.40 -17.47
CA ILE E 148 -13.45 -15.42 -18.33
C ILE E 148 -14.56 -16.17 -17.56
N ARG E 149 -14.63 -15.99 -16.23
CA ARG E 149 -15.58 -16.74 -15.35
C ARG E 149 -17.02 -16.60 -15.87
N ALA E 150 -17.47 -15.36 -16.04
CA ALA E 150 -18.84 -15.03 -16.49
C ALA E 150 -19.16 -15.79 -17.79
N ASP E 151 -18.25 -15.75 -18.75
CA ASP E 151 -18.41 -16.42 -20.09
C ASP E 151 -18.53 -17.92 -19.88
N VAL E 152 -17.76 -18.48 -18.96
CA VAL E 152 -17.69 -19.95 -18.75
C VAL E 152 -18.97 -20.40 -18.03
N MET E 153 -19.41 -19.63 -17.04
CA MET E 153 -20.64 -19.91 -16.25
C MET E 153 -21.87 -19.83 -17.15
N ALA E 154 -21.82 -18.99 -18.18
CA ALA E 154 -22.93 -18.73 -19.13
C ALA E 154 -22.78 -19.57 -20.40
N ASP E 155 -21.92 -20.59 -20.37
CA ASP E 155 -21.77 -21.59 -21.47
C ASP E 155 -21.32 -20.90 -22.75
N ARG E 156 -20.35 -19.99 -22.66
CA ARG E 156 -19.77 -19.29 -23.84
C ARG E 156 -18.26 -19.52 -23.85
N VAL E 157 -17.69 -19.77 -25.03
CA VAL E 157 -16.23 -19.88 -25.20
C VAL E 157 -15.63 -18.47 -25.14
N PRO E 158 -14.82 -18.15 -24.12
CA PRO E 158 -14.32 -16.78 -23.94
C PRO E 158 -13.36 -16.40 -25.07
N ARG E 159 -13.44 -15.14 -25.51
CA ARG E 159 -12.62 -14.61 -26.63
C ARG E 159 -11.75 -13.45 -26.16
N CYS E 160 -10.57 -13.28 -26.77
CA CYS E 160 -9.62 -12.16 -26.50
C CYS E 160 -10.28 -10.83 -26.90
N PRO E 161 -10.32 -9.83 -25.99
CA PRO E 161 -10.86 -8.51 -26.32
C PRO E 161 -9.94 -7.68 -27.23
N VAL E 162 -8.77 -8.21 -27.61
CA VAL E 162 -7.84 -7.56 -28.57
C VAL E 162 -7.94 -8.31 -29.89
N CYS E 163 -7.67 -9.61 -29.90
CA CYS E 163 -7.31 -10.37 -31.12
C CYS E 163 -8.44 -11.33 -31.53
N THR E 164 -9.48 -11.50 -30.71
CA THR E 164 -10.74 -12.26 -31.00
C THR E 164 -10.51 -13.79 -30.87
N GLY E 165 -9.32 -14.22 -30.46
CA GLY E 165 -9.00 -15.65 -30.34
C GLY E 165 -9.60 -16.24 -29.08
N VAL E 166 -9.61 -17.57 -28.98
CA VAL E 166 -10.14 -18.30 -27.79
C VAL E 166 -9.18 -18.10 -26.62
N VAL E 167 -9.71 -17.70 -25.47
CA VAL E 167 -8.91 -17.54 -24.22
C VAL E 167 -9.09 -18.79 -23.36
N LYS E 168 -7.98 -19.45 -23.01
CA LYS E 168 -7.98 -20.74 -22.27
C LYS E 168 -7.39 -20.53 -20.88
N PRO E 169 -8.03 -21.06 -19.82
CA PRO E 169 -7.48 -21.02 -18.47
C PRO E 169 -6.14 -21.75 -18.42
N ASP E 170 -5.27 -21.39 -17.48
CA ASP E 170 -3.86 -21.86 -17.44
C ASP E 170 -3.82 -23.28 -16.87
N ILE E 171 -4.60 -24.19 -17.48
CA ILE E 171 -4.53 -25.65 -17.21
C ILE E 171 -3.46 -26.15 -18.16
N VAL E 172 -2.49 -26.89 -17.65
CA VAL E 172 -1.40 -27.45 -18.48
C VAL E 172 -1.99 -28.58 -19.30
N PHE E 173 -2.01 -28.43 -20.62
CA PHE E 173 -2.44 -29.46 -21.60
C PHE E 173 -1.23 -30.29 -21.98
N PHE E 174 -1.48 -31.46 -22.58
CA PHE E 174 -0.43 -32.35 -23.14
C PHE E 174 0.35 -31.52 -24.16
N GLY E 175 1.66 -31.42 -23.98
CA GLY E 175 2.57 -30.64 -24.84
C GLY E 175 2.97 -29.32 -24.23
N GLU E 176 2.20 -28.79 -23.27
CA GLU E 176 2.51 -27.48 -22.64
C GLU E 176 3.53 -27.72 -21.53
N PRO E 177 4.39 -26.73 -21.24
CA PRO E 177 5.24 -26.79 -20.05
C PRO E 177 4.46 -26.56 -18.75
N LEU E 178 4.99 -27.05 -17.64
CA LEU E 178 4.32 -26.95 -16.32
C LEU E 178 4.63 -25.57 -15.74
N PRO E 179 3.84 -25.07 -14.78
CA PRO E 179 4.12 -23.80 -14.14
C PRO E 179 5.53 -23.76 -13.55
N GLN E 180 6.07 -22.54 -13.45
CA GLN E 180 7.37 -22.24 -12.81
C GLN E 180 7.41 -22.84 -11.41
N ARG E 181 6.27 -22.86 -10.72
CA ARG E 181 6.21 -23.28 -9.30
C ARG E 181 6.62 -24.76 -9.21
N PHE E 182 6.45 -25.52 -10.30
CA PHE E 182 6.85 -26.95 -10.36
C PHE E 182 8.33 -27.09 -10.03
N LEU E 183 9.13 -26.07 -10.31
CA LEU E 183 10.61 -26.13 -10.12
C LEU E 183 10.92 -26.22 -8.64
N LEU E 184 9.96 -25.93 -7.77
CA LEU E 184 10.12 -26.10 -6.30
C LEU E 184 10.52 -27.56 -5.98
N HIS E 185 10.25 -28.52 -6.87
CA HIS E 185 10.60 -29.95 -6.64
C HIS E 185 12.11 -30.10 -6.46
N VAL E 186 12.90 -29.26 -7.11
CA VAL E 186 14.39 -29.35 -7.11
C VAL E 186 14.89 -29.22 -5.68
N VAL E 187 14.20 -28.39 -4.87
CA VAL E 187 14.59 -28.16 -3.46
C VAL E 187 13.82 -29.15 -2.55
N ASP E 188 12.57 -29.47 -2.89
CA ASP E 188 11.63 -30.20 -2.00
C ASP E 188 12.00 -31.68 -1.89
N PHE E 189 12.20 -32.38 -3.00
CA PHE E 189 12.30 -33.87 -3.06
C PHE E 189 13.59 -34.36 -2.41
N PRO E 190 14.75 -33.70 -2.62
CA PRO E 190 15.95 -34.03 -1.83
C PRO E 190 15.77 -33.88 -0.32
N MET E 191 14.86 -33.02 0.16
CA MET E 191 14.64 -32.72 1.59
C MET E 191 13.64 -33.71 2.22
N ALA E 192 12.77 -34.30 1.40
CA ALA E 192 11.69 -35.21 1.84
C ALA E 192 12.28 -36.40 2.59
N ASP E 193 11.66 -36.76 3.72
CA ASP E 193 12.03 -37.95 4.51
C ASP E 193 10.87 -38.95 4.50
N LEU E 194 9.80 -38.66 3.77
CA LEU E 194 8.70 -39.63 3.46
C LEU E 194 7.93 -39.13 2.24
N LEU E 195 7.59 -40.02 1.30
CA LEU E 195 6.80 -39.69 0.10
C LEU E 195 5.49 -40.50 0.11
N LEU E 196 4.35 -39.81 0.03
CA LEU E 196 2.99 -40.42 -0.06
C LEU E 196 2.49 -40.20 -1.49
N ILE E 197 2.06 -41.25 -2.17
CA ILE E 197 1.47 -41.16 -3.52
C ILE E 197 0.03 -41.66 -3.43
N LEU E 198 -0.95 -40.76 -3.58
CA LEU E 198 -2.39 -41.08 -3.39
C LEU E 198 -3.13 -40.90 -4.72
N GLY E 199 -3.83 -41.94 -5.16
CA GLY E 199 -4.88 -41.84 -6.19
C GLY E 199 -4.35 -41.34 -7.51
N THR E 200 -3.28 -41.94 -8.02
CA THR E 200 -2.70 -41.59 -9.34
C THR E 200 -2.18 -42.86 -10.01
N SER E 201 -2.38 -42.96 -11.32
CA SER E 201 -1.85 -44.02 -12.20
C SER E 201 -0.41 -43.71 -12.62
N LEU E 202 0.10 -42.53 -12.28
CA LEU E 202 1.46 -42.06 -12.68
C LEU E 202 1.66 -42.30 -14.17
N GLU E 203 0.65 -41.96 -14.98
CA GLU E 203 0.65 -42.09 -16.46
C GLU E 203 1.05 -40.77 -17.11
N VAL E 204 1.29 -39.70 -16.33
CA VAL E 204 1.58 -38.34 -16.88
C VAL E 204 2.95 -37.87 -16.38
N GLU E 205 3.83 -37.51 -17.33
CA GLU E 205 5.18 -36.96 -17.10
C GLU E 205 5.12 -35.45 -17.34
N PRO E 206 6.08 -34.65 -16.82
CA PRO E 206 7.14 -35.14 -15.95
C PRO E 206 6.75 -35.38 -14.48
N PHE E 207 5.47 -35.30 -14.15
CA PHE E 207 4.98 -35.39 -12.75
C PHE E 207 5.37 -36.76 -12.19
N ALA E 208 5.13 -37.85 -12.93
CA ALA E 208 5.34 -39.24 -12.48
C ALA E 208 6.79 -39.45 -12.05
N SER E 209 7.73 -38.88 -12.79
CA SER E 209 9.19 -39.07 -12.60
C SER E 209 9.59 -38.55 -11.21
N LEU E 210 8.80 -37.68 -10.59
CA LEU E 210 9.08 -37.12 -9.24
C LEU E 210 9.21 -38.23 -8.21
N THR E 211 8.57 -39.38 -8.41
CA THR E 211 8.68 -40.55 -7.50
C THR E 211 10.14 -40.97 -7.35
N GLU E 212 10.95 -40.78 -8.38
CA GLU E 212 12.38 -41.17 -8.40
C GLU E 212 13.24 -40.10 -7.70
N ALA E 213 12.72 -38.90 -7.47
CA ALA E 213 13.53 -37.73 -7.06
C ALA E 213 13.89 -37.79 -5.57
N VAL E 214 13.24 -38.62 -4.76
CA VAL E 214 13.55 -38.70 -3.29
C VAL E 214 14.78 -39.60 -3.10
N ARG E 215 15.51 -39.42 -2.02
CA ARG E 215 16.72 -40.22 -1.67
C ARG E 215 16.28 -41.68 -1.50
N SER E 216 17.17 -42.64 -1.80
CA SER E 216 16.85 -44.10 -1.82
C SER E 216 16.43 -44.58 -0.43
N SER E 217 16.92 -43.97 0.63
CA SER E 217 16.62 -44.32 2.04
C SER E 217 15.17 -43.92 2.40
N VAL E 218 14.47 -43.18 1.56
CA VAL E 218 13.14 -42.57 1.90
C VAL E 218 12.04 -43.56 1.56
N PRO E 219 11.20 -43.96 2.53
CA PRO E 219 10.04 -44.79 2.22
C PRO E 219 9.09 -44.06 1.24
N ARG E 220 8.52 -44.82 0.30
CA ARG E 220 7.51 -44.35 -0.65
C ARG E 220 6.23 -45.15 -0.42
N LEU E 221 5.23 -44.55 0.25
CA LEU E 221 3.89 -45.18 0.46
C LEU E 221 2.98 -44.87 -0.74
N LEU E 222 2.48 -45.88 -1.43
CA LEU E 222 1.46 -45.75 -2.50
C LEU E 222 0.13 -46.22 -1.94
N ILE E 223 -0.88 -45.38 -1.98
CA ILE E 223 -2.29 -45.77 -1.69
C ILE E 223 -3.06 -45.56 -2.98
N ASN E 224 -3.41 -46.65 -3.66
CA ASN E 224 -3.94 -46.61 -5.04
C ASN E 224 -4.68 -47.92 -5.34
N ARG E 225 -5.51 -47.94 -6.39
CA ARG E 225 -6.25 -49.16 -6.83
C ARG E 225 -5.23 -50.25 -7.18
N ASP E 226 -4.08 -49.91 -7.75
CA ASP E 226 -3.06 -50.93 -8.14
C ASP E 226 -1.65 -50.33 -8.22
N LEU E 227 -0.64 -51.20 -8.23
CA LEU E 227 0.80 -50.81 -8.28
C LEU E 227 1.10 -50.26 -9.69
N VAL E 228 1.70 -49.07 -9.77
CA VAL E 228 1.76 -48.29 -11.04
C VAL E 228 3.11 -47.58 -11.22
N GLY E 229 3.42 -47.30 -12.49
CA GLY E 229 4.52 -46.39 -12.91
C GLY E 229 5.87 -46.81 -12.33
N PRO E 230 6.76 -45.84 -12.06
CA PRO E 230 8.08 -46.14 -11.53
C PRO E 230 8.06 -47.09 -10.33
N LEU E 231 7.02 -47.02 -9.49
CA LEU E 231 6.90 -47.89 -8.31
C LEU E 231 6.72 -49.35 -8.76
N ALA E 232 6.11 -49.60 -9.92
CA ALA E 232 6.02 -50.96 -10.50
C ALA E 232 7.36 -51.31 -11.18
N TRP E 233 7.90 -50.39 -11.96
CA TRP E 233 9.09 -50.63 -12.84
C TRP E 233 10.36 -50.63 -11.99
N HIS E 234 10.52 -49.68 -11.06
CA HIS E 234 11.79 -49.45 -10.33
C HIS E 234 11.50 -49.43 -8.82
N PRO E 235 11.18 -50.59 -8.22
CA PRO E 235 10.82 -50.65 -6.81
C PRO E 235 12.07 -50.38 -5.97
N ARG E 236 11.86 -50.06 -4.70
CA ARG E 236 12.94 -49.85 -3.71
C ARG E 236 12.58 -50.60 -2.43
N SER E 237 13.58 -50.97 -1.62
CA SER E 237 13.39 -51.81 -0.41
C SER E 237 12.36 -51.17 0.53
N ARG E 238 12.24 -49.84 0.55
CA ARG E 238 11.40 -49.16 1.58
C ARG E 238 10.08 -48.67 0.95
N ASP E 239 9.67 -49.21 -0.19
CA ASP E 239 8.34 -48.96 -0.78
C ASP E 239 7.27 -49.76 -0.04
N VAL E 240 6.10 -49.14 0.12
CA VAL E 240 4.89 -49.77 0.71
C VAL E 240 3.72 -49.47 -0.22
N ALA E 241 2.98 -50.51 -0.61
CA ALA E 241 1.80 -50.39 -1.48
C ALA E 241 0.59 -50.84 -0.66
N GLN E 242 -0.41 -49.97 -0.54
CA GLN E 242 -1.71 -50.26 0.06
C GLN E 242 -2.73 -50.23 -1.07
N LEU E 243 -2.83 -51.33 -1.82
CA LEU E 243 -3.65 -51.43 -3.05
C LEU E 243 -5.10 -51.66 -2.66
N GLY E 244 -6.01 -50.93 -3.30
CA GLY E 244 -7.45 -50.95 -3.00
C GLY E 244 -8.05 -49.57 -3.16
N ASP E 245 -9.33 -49.42 -2.82
CA ASP E 245 -10.02 -48.11 -2.76
C ASP E 245 -9.12 -47.13 -2.02
N VAL E 246 -8.88 -45.96 -2.60
CA VAL E 246 -7.98 -44.92 -2.01
C VAL E 246 -8.55 -44.49 -0.66
N VAL E 247 -9.85 -44.23 -0.56
CA VAL E 247 -10.47 -43.75 0.72
C VAL E 247 -10.34 -44.87 1.77
N HIS E 248 -10.45 -46.15 1.39
CA HIS E 248 -10.27 -47.28 2.33
C HIS E 248 -8.81 -47.28 2.84
N GLY E 249 -7.84 -47.22 1.94
CA GLY E 249 -6.42 -47.14 2.30
C GLY E 249 -6.14 -45.98 3.23
N VAL E 250 -6.70 -44.81 2.96
CA VAL E 250 -6.43 -43.59 3.78
C VAL E 250 -7.02 -43.80 5.17
N GLU E 251 -8.27 -44.26 5.26
CA GLU E 251 -8.96 -44.52 6.56
C GLU E 251 -8.22 -45.61 7.37
N SER E 252 -7.68 -46.63 6.69
CA SER E 252 -6.82 -47.67 7.31
C SER E 252 -5.61 -46.99 7.95
N LEU E 253 -4.92 -46.11 7.21
CA LEU E 253 -3.71 -45.42 7.68
C LEU E 253 -4.10 -44.48 8.83
N VAL E 254 -5.22 -43.81 8.69
CA VAL E 254 -5.73 -42.85 9.72
C VAL E 254 -5.93 -43.62 11.04
N GLU E 255 -6.53 -44.81 10.97
CA GLU E 255 -6.81 -45.67 12.16
C GLU E 255 -5.48 -46.10 12.77
N LEU E 256 -4.52 -46.53 11.96
CA LEU E 256 -3.17 -46.94 12.44
C LEU E 256 -2.47 -45.76 13.12
N LEU E 257 -2.71 -44.54 12.64
CA LEU E 257 -2.13 -43.29 13.23
C LEU E 257 -2.83 -42.94 14.54
N GLY E 258 -4.08 -43.35 14.70
CA GLY E 258 -4.93 -43.01 15.86
C GLY E 258 -5.61 -41.68 15.69
N TRP E 259 -5.88 -41.26 14.44
CA TRP E 259 -6.45 -39.94 14.13
C TRP E 259 -7.94 -40.05 13.79
N THR E 260 -8.57 -41.22 13.91
CA THR E 260 -9.93 -41.47 13.39
C THR E 260 -10.92 -40.50 14.03
N GLU E 261 -10.85 -40.31 15.37
CA GLU E 261 -11.73 -39.39 16.11
C GLU E 261 -11.51 -37.96 15.57
N GLU E 262 -10.24 -37.52 15.58
CA GLU E 262 -9.82 -36.17 15.16
C GLU E 262 -10.26 -35.90 13.72
N MET E 263 -10.06 -36.87 12.83
CA MET E 263 -10.50 -36.82 11.42
C MET E 263 -12.01 -36.62 11.36
N ARG E 264 -12.77 -37.48 12.04
CA ARG E 264 -14.26 -37.43 12.05
C ARG E 264 -14.71 -36.03 12.49
N ASP E 265 -14.06 -35.46 13.50
CA ASP E 265 -14.37 -34.11 14.05
C ASP E 265 -14.06 -33.03 12.99
N LEU E 266 -12.86 -33.08 12.41
CA LEU E 266 -12.39 -32.13 11.38
C LEU E 266 -13.36 -32.16 10.19
N VAL E 267 -13.67 -33.35 9.67
CA VAL E 267 -14.51 -33.49 8.46
C VAL E 267 -15.87 -32.85 8.75
N GLN E 268 -16.41 -33.05 9.95
CA GLN E 268 -17.76 -32.57 10.34
C GLN E 268 -17.77 -31.04 10.33
N ARG E 269 -16.84 -30.41 11.06
CA ARG E 269 -16.76 -28.92 11.19
C ARG E 269 -16.60 -28.30 9.80
N GLU E 270 -15.67 -28.83 9.00
CA GLU E 270 -15.27 -28.24 7.70
C GLU E 270 -16.39 -28.42 6.67
N THR E 271 -17.12 -29.55 6.65
CA THR E 271 -18.26 -29.79 5.72
C THR E 271 -19.50 -29.03 6.22
N GLY E 272 -19.59 -28.78 7.53
CA GLY E 272 -20.59 -27.89 8.15
C GLY E 272 -20.49 -26.47 7.63
N LYS E 273 -19.27 -26.01 7.31
CA LYS E 273 -18.98 -24.61 6.88
C LYS E 273 -19.15 -24.45 5.36
N LEU E 274 -19.75 -25.40 4.62
CA LEU E 274 -20.26 -25.13 3.23
C LEU E 274 -21.76 -25.35 3.13
N ARG F 1 10.90 -30.48 -19.34
CA ARG F 1 10.07 -31.18 -20.37
C ARG F 1 8.64 -30.63 -20.32
N THR F 2 7.91 -30.79 -21.43
CA THR F 2 6.46 -30.52 -21.52
C THR F 2 5.65 -31.73 -21.02
N LYS F 3 4.38 -31.52 -20.71
CA LYS F 3 3.46 -32.58 -20.24
C LYS F 3 3.32 -33.64 -21.33
N GLN F 4 3.63 -34.90 -21.00
CA GLN F 4 3.57 -36.06 -21.91
C GLN F 4 3.02 -37.27 -21.16
N THR F 5 2.34 -38.17 -21.88
CA THR F 5 1.99 -39.53 -21.38
C THR F 5 3.32 -40.27 -21.14
N ALA F 6 3.28 -41.35 -20.36
CA ALA F 6 4.46 -42.08 -19.85
C ALA F 6 4.74 -43.31 -20.73
N ARG F 7 6.01 -43.61 -20.99
CA ARG F 7 6.43 -44.80 -21.79
C ARG F 7 5.70 -44.73 -23.15
N ARG G 1 -27.33 15.93 37.63
CA ARG G 1 -26.20 15.10 37.13
C ARG G 1 -25.55 15.78 35.92
N THR G 2 -24.34 15.34 35.57
CA THR G 2 -23.53 15.85 34.44
C THR G 2 -23.05 14.63 33.64
N LYS G 3 -22.44 14.87 32.48
CA LYS G 3 -22.00 13.81 31.55
C LYS G 3 -20.84 13.04 32.20
N GLN G 4 -21.14 11.87 32.77
CA GLN G 4 -20.16 10.95 33.39
C GLN G 4 -20.28 9.61 32.65
N THR G 5 -19.14 8.99 32.30
CA THR G 5 -19.10 7.61 31.76
C THR G 5 -19.73 6.71 32.83
N ALA G 6 -20.59 5.79 32.40
CA ALA G 6 -21.36 4.89 33.29
C ALA G 6 -20.40 3.98 34.05
N ARG G 7 -20.70 3.68 35.32
CA ARG G 7 -20.05 2.63 36.15
C ARG G 7 -18.52 2.70 36.00
N GLY H 1 -44.06 -11.50 27.76
CA GLY H 1 -42.94 -12.35 28.28
C GLY H 1 -43.02 -13.80 27.82
N LYS H 2 -42.07 -14.26 27.00
CA LYS H 2 -41.03 -13.42 26.42
C LYS H 2 -41.55 -12.86 25.09
N LEU H 3 -41.28 -11.57 24.83
CA LEU H 3 -41.74 -10.84 23.62
C LEU H 3 -40.68 -10.98 22.53
N SER H 4 -41.08 -10.84 21.27
CA SER H 4 -40.22 -10.95 20.08
C SER H 4 -40.30 -9.68 19.21
N LEU H 5 -39.35 -9.50 18.31
CA LEU H 5 -39.34 -8.36 17.36
C LEU H 5 -40.70 -8.31 16.63
N GLN H 6 -41.29 -9.45 16.27
CA GLN H 6 -42.59 -9.49 15.55
C GLN H 6 -43.73 -9.03 16.49
N ASP H 7 -43.67 -9.38 17.77
CA ASP H 7 -44.67 -8.94 18.78
C ASP H 7 -44.68 -7.40 18.83
N VAL H 8 -43.51 -6.78 18.87
CA VAL H 8 -43.35 -5.29 18.94
C VAL H 8 -43.90 -4.69 17.65
N ALA H 9 -43.52 -5.24 16.51
CA ALA H 9 -44.00 -4.80 15.18
C ALA H 9 -45.52 -4.84 15.19
N GLU H 10 -46.14 -5.89 15.75
CA GLU H 10 -47.61 -6.06 15.70
C GLU H 10 -48.27 -5.06 16.66
N LEU H 11 -47.60 -4.70 17.77
CA LEU H 11 -48.07 -3.63 18.69
C LEU H 11 -48.16 -2.28 17.93
N ILE H 12 -47.11 -1.95 17.17
CA ILE H 12 -47.02 -0.69 16.39
C ILE H 12 -48.08 -0.71 15.28
N ARG H 13 -48.26 -1.84 14.60
CA ARG H 13 -49.24 -1.99 13.49
C ARG H 13 -50.67 -1.87 14.04
N ALA H 14 -50.94 -2.38 15.24
CA ALA H 14 -52.25 -2.29 15.92
C ALA H 14 -52.47 -0.89 16.51
N ARG H 15 -51.46 -0.02 16.43
CA ARG H 15 -51.44 1.34 17.05
C ARG H 15 -51.70 1.18 18.56
N ALA H 16 -51.28 0.06 19.16
CA ALA H 16 -51.35 -0.20 20.61
C ALA H 16 -50.23 0.62 21.28
N CYS H 17 -49.11 0.81 20.58
CA CYS H 17 -48.03 1.73 21.00
C CYS H 17 -48.13 2.98 20.12
N GLN H 18 -48.50 4.12 20.70
CA GLN H 18 -48.63 5.41 19.93
C GLN H 18 -47.70 6.49 20.51
N ARG H 19 -47.07 6.22 21.64
CA ARG H 19 -46.18 7.19 22.34
C ARG H 19 -44.79 6.55 22.43
N VAL H 20 -44.13 6.41 21.29
CA VAL H 20 -42.80 5.75 21.20
C VAL H 20 -41.73 6.79 21.53
N VAL H 21 -40.93 6.52 22.55
CA VAL H 21 -39.70 7.31 22.83
C VAL H 21 -38.52 6.52 22.29
N VAL H 22 -37.55 7.23 21.71
CA VAL H 22 -36.40 6.62 20.99
C VAL H 22 -35.12 7.18 21.58
N MET H 23 -34.18 6.31 21.88
CA MET H 23 -32.83 6.69 22.36
C MET H 23 -31.81 6.16 21.35
N VAL H 24 -31.03 7.05 20.74
CA VAL H 24 -30.06 6.67 19.69
C VAL H 24 -28.65 7.15 20.07
N GLY H 25 -27.63 6.49 19.51
CA GLY H 25 -26.21 6.79 19.70
C GLY H 25 -25.48 6.77 18.35
N ALA H 26 -24.14 6.74 18.38
CA ALA H 26 -23.28 6.86 17.20
C ALA H 26 -23.47 5.64 16.29
N GLY H 27 -24.01 4.54 16.84
CA GLY H 27 -24.33 3.33 16.07
C GLY H 27 -25.14 3.64 14.82
N ILE H 28 -26.13 4.52 14.93
CA ILE H 28 -27.11 4.76 13.83
C ILE H 28 -26.47 5.67 12.78
N SER H 29 -25.37 6.36 13.10
CA SER H 29 -24.75 7.35 12.19
C SER H 29 -23.53 6.78 11.44
N THR H 30 -23.02 5.62 11.84
CA THR H 30 -21.88 4.92 11.18
C THR H 30 -22.22 4.62 9.72
N PRO H 31 -23.42 4.07 9.39
CA PRO H 31 -23.76 3.84 7.99
C PRO H 31 -23.69 5.10 7.13
N SER H 32 -23.63 6.27 7.75
CA SER H 32 -23.64 7.56 7.03
C SER H 32 -22.31 8.02 6.42
N GLY H 33 -21.09 7.78 6.91
CA GLY H 33 -20.73 7.30 8.23
C GLY H 33 -19.78 8.31 8.87
N ILE H 34 -19.61 8.28 10.19
CA ILE H 34 -19.05 9.45 10.91
C ILE H 34 -17.73 9.15 11.64
N PRO H 35 -17.62 8.36 12.76
CA PRO H 35 -16.36 8.34 13.51
C PRO H 35 -15.48 7.11 13.26
N PRO H 54 -4.97 10.60 23.10
CA PRO H 54 -4.52 9.60 24.05
C PRO H 54 -5.50 8.42 24.18
N TYR H 55 -6.79 8.68 24.43
CA TYR H 55 -7.87 7.63 24.51
C TYR H 55 -9.12 8.21 23.85
N PRO H 56 -10.19 7.42 23.58
CA PRO H 56 -11.36 7.92 22.86
C PRO H 56 -12.11 9.09 23.53
N GLU H 57 -12.48 8.94 24.81
CA GLU H 57 -13.37 9.90 25.50
C GLU H 57 -12.66 11.26 25.66
N ALA H 58 -11.32 11.30 25.54
CA ALA H 58 -10.48 12.51 25.71
C ALA H 58 -11.01 13.68 24.87
N ILE H 59 -11.54 13.40 23.68
CA ILE H 59 -11.96 14.47 22.72
C ILE H 59 -13.10 15.29 23.33
N PHE H 60 -13.87 14.72 24.24
CA PHE H 60 -14.98 15.43 24.95
C PHE H 60 -14.65 15.60 26.43
N GLU H 61 -13.37 15.79 26.76
CA GLU H 61 -12.92 16.09 28.15
C GLU H 61 -12.33 17.50 28.18
N LEU H 62 -12.77 18.31 29.16
CA LEU H 62 -12.35 19.73 29.30
C LEU H 62 -10.84 19.81 29.56
N PRO H 63 -10.26 19.02 30.50
CA PRO H 63 -8.82 19.05 30.72
C PRO H 63 -8.01 18.94 29.42
N PHE H 64 -8.30 17.90 28.61
CA PHE H 64 -7.59 17.65 27.33
C PHE H 64 -7.85 18.81 26.37
N PHE H 65 -9.08 19.32 26.34
CA PHE H 65 -9.51 20.38 25.39
C PHE H 65 -8.69 21.64 25.67
N PHE H 66 -8.50 21.98 26.95
CA PHE H 66 -7.75 23.19 27.38
C PHE H 66 -6.26 23.00 27.08
N HIS H 67 -5.74 21.78 27.24
CA HIS H 67 -4.36 21.41 26.88
C HIS H 67 -4.19 21.53 25.36
N ASN H 68 -5.17 21.06 24.58
CA ASN H 68 -5.10 20.98 23.10
C ASN H 68 -6.49 20.84 22.49
N PRO H 69 -7.09 21.93 21.99
CA PRO H 69 -8.42 21.88 21.41
C PRO H 69 -8.49 21.43 19.94
N LYS H 70 -7.36 21.11 19.32
CA LYS H 70 -7.29 20.93 17.84
C LYS H 70 -7.98 19.64 17.40
N PRO H 71 -7.78 18.50 18.09
CA PRO H 71 -8.52 17.27 17.78
C PRO H 71 -10.04 17.47 17.77
N PHE H 72 -10.58 18.14 18.80
CA PHE H 72 -12.03 18.46 18.87
C PHE H 72 -12.44 19.26 17.63
N PHE H 73 -11.69 20.31 17.29
CA PHE H 73 -12.05 21.22 16.18
C PHE H 73 -11.82 20.55 14.82
N THR H 74 -10.94 19.53 14.73
CA THR H 74 -10.82 18.66 13.53
C THR H 74 -12.13 17.91 13.33
N LEU H 75 -12.61 17.24 14.38
CA LEU H 75 -13.90 16.51 14.39
C LEU H 75 -15.03 17.50 14.07
N ALA H 76 -15.00 18.68 14.70
CA ALA H 76 -16.03 19.73 14.50
C ALA H 76 -16.08 20.07 13.01
N LYS H 77 -14.92 20.17 12.37
CA LYS H 77 -14.78 20.55 10.93
C LYS H 77 -15.50 19.52 10.07
N GLU H 78 -15.22 18.25 10.33
CA GLU H 78 -15.78 17.09 9.60
C GLU H 78 -17.31 17.12 9.73
N LEU H 79 -17.81 17.43 10.92
CA LEU H 79 -19.23 17.24 11.28
C LEU H 79 -20.12 18.35 10.73
N TYR H 80 -19.58 19.53 10.40
CA TYR H 80 -20.44 20.68 10.06
C TYR H 80 -21.27 20.28 8.85
N PRO H 81 -22.57 20.66 8.81
CA PRO H 81 -23.52 20.03 7.89
C PRO H 81 -23.27 20.20 6.39
N GLY H 82 -23.96 19.35 5.63
CA GLY H 82 -23.78 19.18 4.16
C GLY H 82 -22.91 17.97 3.91
N ASN H 83 -21.98 17.70 4.82
CA ASN H 83 -20.95 16.65 4.63
C ASN H 83 -21.60 15.28 4.51
N TYR H 84 -22.67 15.02 5.25
CA TYR H 84 -23.21 13.64 5.38
C TYR H 84 -24.71 13.67 5.23
N LYS H 85 -25.28 12.55 4.81
CA LYS H 85 -26.72 12.37 4.59
C LYS H 85 -27.26 11.38 5.61
N PRO H 86 -28.55 11.51 5.97
CA PRO H 86 -29.16 10.54 6.87
C PRO H 86 -29.29 9.19 6.15
N ASN H 87 -29.16 8.10 6.90
CA ASN H 87 -29.31 6.72 6.41
C ASN H 87 -30.71 6.20 6.78
N VAL H 88 -30.94 4.92 6.52
CA VAL H 88 -32.27 4.27 6.63
C VAL H 88 -32.75 4.34 8.08
N THR H 89 -31.85 4.34 9.05
CA THR H 89 -32.23 4.37 10.49
C THR H 89 -32.89 5.70 10.81
N HIS H 90 -32.32 6.80 10.32
CA HIS H 90 -32.89 8.16 10.46
C HIS H 90 -34.28 8.17 9.84
N TYR H 91 -34.40 7.70 8.60
CA TYR H 91 -35.67 7.77 7.83
C TYR H 91 -36.72 6.90 8.49
N PHE H 92 -36.32 5.82 9.16
CA PHE H 92 -37.25 4.96 9.93
C PHE H 92 -37.87 5.80 11.05
N LEU H 93 -37.04 6.56 11.77
CA LEU H 93 -37.47 7.44 12.88
C LEU H 93 -38.36 8.55 12.31
N ARG H 94 -37.99 9.11 11.16
CA ARG H 94 -38.80 10.13 10.46
C ARG H 94 -40.18 9.54 10.14
N LEU H 95 -40.23 8.30 9.66
CA LEU H 95 -41.50 7.64 9.25
C LEU H 95 -42.35 7.38 10.49
N LEU H 96 -41.72 7.06 11.62
CA LEU H 96 -42.40 6.91 12.93
C LEU H 96 -43.10 8.22 13.28
N HIS H 97 -42.44 9.35 13.03
CA HIS H 97 -42.97 10.71 13.26
C HIS H 97 -44.15 10.98 12.32
N ASP H 98 -43.98 10.74 11.03
CA ASP H 98 -44.99 10.97 9.97
C ASP H 98 -46.28 10.22 10.30
N LYS H 99 -46.19 9.06 10.95
CA LYS H 99 -47.38 8.22 11.25
C LYS H 99 -47.95 8.56 12.62
N GLY H 100 -47.45 9.62 13.29
CA GLY H 100 -47.99 10.10 14.58
C GLY H 100 -47.72 9.13 15.71
N LEU H 101 -46.57 8.48 15.71
CA LEU H 101 -46.20 7.47 16.74
C LEU H 101 -45.01 7.95 17.59
N LEU H 102 -44.21 8.88 17.10
CA LEU H 102 -43.01 9.38 17.83
C LEU H 102 -43.43 10.41 18.87
N LEU H 103 -43.18 10.12 20.14
CA LEU H 103 -43.38 11.07 21.26
C LEU H 103 -42.16 11.99 21.33
N ARG H 104 -40.97 11.39 21.30
CA ARG H 104 -39.70 12.13 21.35
C ARG H 104 -38.55 11.21 20.92
N LEU H 105 -37.58 11.79 20.24
CA LEU H 105 -36.31 11.16 19.90
C LEU H 105 -35.21 11.84 20.72
N TYR H 106 -34.65 11.12 21.68
CA TYR H 106 -33.46 11.54 22.48
C TYR H 106 -32.22 11.03 21.77
N THR H 107 -31.31 11.92 21.40
CA THR H 107 -30.06 11.54 20.68
C THR H 107 -28.83 11.93 21.51
N GLN H 108 -27.80 11.11 21.42
CA GLN H 108 -26.43 11.38 21.95
C GLN H 108 -25.54 11.90 20.84
N ASN H 109 -26.11 12.10 19.64
CA ASN H 109 -25.33 12.41 18.43
C ASN H 109 -25.31 13.92 18.26
N ILE H 110 -24.25 14.43 17.63
CA ILE H 110 -24.07 15.88 17.36
C ILE H 110 -23.92 16.09 15.85
N ASP H 111 -24.42 15.17 15.03
CA ASP H 111 -24.26 15.20 13.55
C ASP H 111 -25.46 15.91 12.90
N GLY H 112 -26.53 16.16 13.65
CA GLY H 112 -27.71 16.90 13.17
C GLY H 112 -28.49 16.18 12.07
N LEU H 113 -28.24 14.88 11.89
CA LEU H 113 -28.88 14.09 10.81
C LEU H 113 -30.35 13.80 11.15
N GLU H 114 -30.73 13.80 12.42
CA GLU H 114 -32.14 13.60 12.78
C GLU H 114 -32.93 14.79 12.23
N ARG H 115 -32.38 16.00 12.30
CA ARG H 115 -33.05 17.25 11.81
C ARG H 115 -33.09 17.20 10.30
N VAL H 116 -31.98 16.83 9.66
CA VAL H 116 -31.92 16.85 8.16
C VAL H 116 -32.82 15.73 7.63
N SER H 117 -33.11 14.68 8.39
CA SER H 117 -34.02 13.59 7.97
C SER H 117 -35.47 14.12 7.95
N GLY H 118 -35.72 15.27 8.56
CA GLY H 118 -37.01 16.00 8.52
C GLY H 118 -37.83 15.83 9.79
N ILE H 119 -37.20 15.40 10.89
CA ILE H 119 -37.82 15.37 12.24
C ILE H 119 -37.76 16.79 12.82
N PRO H 120 -38.93 17.36 13.20
CA PRO H 120 -38.95 18.74 13.68
C PRO H 120 -38.18 18.83 14.99
N ALA H 121 -37.55 20.00 15.23
CA ALA H 121 -36.79 20.33 16.46
C ALA H 121 -37.63 20.04 17.70
N SER H 122 -38.94 20.25 17.63
CA SER H 122 -39.87 20.06 18.76
C SER H 122 -39.87 18.60 19.21
N LYS H 123 -39.50 17.67 18.34
CA LYS H 123 -39.54 16.21 18.61
C LYS H 123 -38.17 15.70 19.02
N LEU H 124 -37.16 16.56 18.97
CA LEU H 124 -35.76 16.16 19.23
C LEU H 124 -35.29 16.65 20.59
N VAL H 125 -34.52 15.82 21.28
CA VAL H 125 -33.72 16.26 22.45
C VAL H 125 -32.27 15.88 22.16
N GLU H 126 -31.49 16.86 21.69
CA GLU H 126 -30.04 16.71 21.41
C GLU H 126 -29.33 16.75 22.77
N ALA H 127 -29.34 15.63 23.47
CA ALA H 127 -28.95 15.52 24.89
C ALA H 127 -27.48 15.84 25.08
N HIS H 128 -26.64 15.69 24.05
CA HIS H 128 -25.18 15.89 24.19
C HIS H 128 -24.81 17.21 23.51
N GLY H 129 -25.80 18.06 23.25
CA GLY H 129 -25.57 19.43 22.77
C GLY H 129 -25.64 19.55 21.27
N THR H 130 -25.17 20.68 20.75
CA THR H 130 -25.36 21.11 19.34
C THR H 130 -24.26 22.10 18.95
N PHE H 131 -24.00 22.24 17.66
CA PHE H 131 -23.04 23.21 17.08
C PHE H 131 -23.74 24.55 16.82
N ALA H 132 -25.07 24.59 16.97
CA ALA H 132 -25.93 25.77 16.68
C ALA H 132 -25.51 26.96 17.56
N SER H 133 -24.91 26.70 18.72
CA SER H 133 -24.53 27.73 19.70
C SER H 133 -23.18 27.40 20.32
N ALA H 134 -22.48 28.42 20.82
CA ALA H 134 -21.15 28.29 21.42
C ALA H 134 -21.09 29.12 22.71
N THR H 135 -20.06 28.90 23.52
CA THR H 135 -19.83 29.57 24.81
C THR H 135 -18.33 29.82 25.02
N CYS H 136 -17.95 30.95 25.61
CA CYS H 136 -16.54 31.37 25.78
C CYS H 136 -15.61 30.41 26.57
N THR H 137 -16.01 29.72 27.64
CA THR H 137 -15.09 28.96 28.51
C THR H 137 -14.42 29.89 29.53
N VAL H 138 -14.49 31.23 29.41
CA VAL H 138 -13.79 32.14 30.38
C VAL H 138 -14.60 33.42 30.67
N GLN H 140 -18.02 32.89 30.76
CA GLN H 140 -18.31 32.27 29.45
C GLN H 140 -19.53 32.96 28.80
N ARG H 141 -19.29 33.87 27.83
CA ARG H 141 -20.29 34.61 27.04
C ARG H 141 -20.85 33.70 25.95
N PRO H 142 -22.18 33.72 25.70
CA PRO H 142 -22.79 32.97 24.60
C PRO H 142 -22.64 33.62 23.22
N PHE H 143 -22.52 32.78 22.19
CA PHE H 143 -22.43 33.20 20.77
C PHE H 143 -23.30 32.28 19.93
N PRO H 144 -23.77 32.73 18.74
CA PRO H 144 -24.32 31.81 17.75
C PRO H 144 -23.18 30.97 17.15
N GLY H 145 -23.47 29.71 16.83
CA GLY H 145 -22.48 28.75 16.31
C GLY H 145 -21.91 29.18 14.96
N GLU H 146 -22.69 29.95 14.19
CA GLU H 146 -22.26 30.34 12.81
C GLU H 146 -21.05 31.30 12.93
N ASP H 147 -20.94 32.09 14.00
CA ASP H 147 -19.79 33.00 14.24
C ASP H 147 -18.47 32.20 14.21
N ILE H 148 -18.44 31.03 14.83
CA ILE H 148 -17.18 30.24 14.97
C ILE H 148 -17.01 29.28 13.78
N ARG H 149 -18.03 29.09 12.95
CA ARG H 149 -17.98 28.16 11.79
C ARG H 149 -16.79 28.51 10.89
N ALA H 150 -16.69 29.77 10.47
CA ALA H 150 -15.64 30.27 9.55
C ALA H 150 -14.27 29.92 10.14
N ASP H 151 -14.06 30.19 11.44
CA ASP H 151 -12.78 29.92 12.15
C ASP H 151 -12.48 28.43 12.12
N VAL H 152 -13.50 27.59 12.29
CA VAL H 152 -13.33 26.12 12.41
C VAL H 152 -13.03 25.55 11.03
N MET H 153 -13.73 26.03 10.00
CA MET H 153 -13.55 25.59 8.58
C MET H 153 -12.15 25.97 8.09
N ALA H 154 -11.59 27.07 8.63
CA ALA H 154 -10.28 27.62 8.22
C ALA H 154 -9.17 27.14 9.17
N ASP H 155 -9.45 26.14 10.00
CA ASP H 155 -8.45 25.49 10.89
C ASP H 155 -7.87 26.52 11.88
N ARG H 156 -8.73 27.35 12.47
CA ARG H 156 -8.33 28.33 13.51
C ARG H 156 -9.15 28.08 14.78
N VAL H 157 -8.50 28.15 15.93
CA VAL H 157 -9.19 28.00 17.24
C VAL H 157 -9.93 29.30 17.55
N PRO H 158 -11.28 29.32 17.58
CA PRO H 158 -12.01 30.57 17.76
C PRO H 158 -11.78 31.14 19.17
N ARG H 159 -11.61 32.46 19.26
CA ARG H 159 -11.27 33.17 20.51
C ARG H 159 -12.34 34.23 20.78
N CYS H 160 -12.63 34.48 22.05
CA CYS H 160 -13.58 35.53 22.50
C CYS H 160 -12.96 36.89 22.21
N PRO H 161 -13.69 37.82 21.57
CA PRO H 161 -13.35 39.26 21.68
C PRO H 161 -13.65 39.82 23.09
N VAL H 162 -12.62 39.94 23.94
CA VAL H 162 -12.66 40.60 25.29
C VAL H 162 -13.64 39.83 26.20
N CYS H 163 -13.26 38.63 26.67
CA CYS H 163 -11.89 38.15 26.85
C CYS H 163 -11.32 37.44 25.61
N THR H 164 -10.04 37.07 25.65
CA THR H 164 -9.29 36.40 24.55
C THR H 164 -9.41 34.87 24.68
N GLY H 165 -10.41 34.36 25.39
CA GLY H 165 -10.50 32.93 25.74
C GLY H 165 -10.98 32.08 24.58
N VAL H 166 -10.79 30.76 24.65
CA VAL H 166 -11.21 29.82 23.57
C VAL H 166 -12.72 29.68 23.61
N VAL H 167 -13.38 29.85 22.47
CA VAL H 167 -14.86 29.70 22.35
C VAL H 167 -15.17 28.30 21.82
N LYS H 168 -15.99 27.55 22.55
CA LYS H 168 -16.28 26.12 22.28
C LYS H 168 -17.77 25.99 21.93
N PRO H 169 -18.12 25.22 20.86
CA PRO H 169 -19.51 24.92 20.55
C PRO H 169 -20.17 24.18 21.71
N ASP H 170 -21.50 24.29 21.83
CA ASP H 170 -22.25 23.80 23.03
C ASP H 170 -22.43 22.27 22.92
N ILE H 171 -21.33 21.55 22.73
CA ILE H 171 -21.28 20.07 22.84
C ILE H 171 -21.05 19.79 24.32
N VAL H 172 -21.87 18.94 24.91
CA VAL H 172 -21.73 18.59 26.36
C VAL H 172 -20.51 17.70 26.48
N PHE H 173 -19.50 18.19 27.20
CA PHE H 173 -18.27 17.43 27.56
C PHE H 173 -18.52 16.70 28.86
N PHE H 174 -17.69 15.68 29.13
CA PHE H 174 -17.70 14.92 30.40
C PHE H 174 -17.48 15.94 31.51
N GLY H 175 -18.39 15.98 32.48
CA GLY H 175 -18.33 16.93 33.60
C GLY H 175 -19.24 18.14 33.42
N GLU H 176 -19.64 18.47 32.20
CA GLU H 176 -20.61 19.58 31.95
C GLU H 176 -22.02 19.05 32.20
N PRO H 177 -22.95 19.91 32.64
CA PRO H 177 -24.36 19.53 32.69
C PRO H 177 -24.96 19.47 31.28
N LEU H 178 -26.05 18.71 31.12
CA LEU H 178 -26.75 18.56 29.82
C LEU H 178 -27.62 19.78 29.62
N PRO H 179 -28.02 20.10 28.36
CA PRO H 179 -28.91 21.23 28.13
C PRO H 179 -30.21 21.09 28.94
N GLN H 180 -30.83 22.23 29.24
CA GLN H 180 -32.10 22.29 30.00
C GLN H 180 -33.16 21.47 29.27
N ARG H 181 -33.05 21.34 27.95
CA ARG H 181 -34.04 20.60 27.13
C ARG H 181 -34.08 19.13 27.55
N PHE H 182 -33.00 18.62 28.11
CA PHE H 182 -32.92 17.22 28.63
C PHE H 182 -34.02 16.98 29.66
N LEU H 183 -34.44 18.04 30.36
CA LEU H 183 -35.46 17.93 31.45
C LEU H 183 -36.79 17.48 30.86
N LEU H 184 -36.95 17.58 29.53
CA LEU H 184 -38.16 17.05 28.85
C LEU H 184 -38.42 15.58 29.24
N HIS H 185 -37.37 14.84 29.63
CA HIS H 185 -37.49 13.39 29.96
C HIS H 185 -38.47 13.20 31.12
N VAL H 186 -38.55 14.18 32.03
CA VAL H 186 -39.36 14.09 33.26
C VAL H 186 -40.83 13.92 32.87
N VAL H 187 -41.24 14.52 31.75
CA VAL H 187 -42.64 14.46 31.25
C VAL H 187 -42.78 13.29 30.26
N ASP H 188 -41.74 13.03 29.47
CA ASP H 188 -41.80 12.12 28.30
C ASP H 188 -41.86 10.65 28.74
N PHE H 189 -40.93 10.22 29.61
CA PHE H 189 -40.68 8.78 29.89
C PHE H 189 -41.83 8.17 30.68
N PRO H 190 -42.45 8.86 31.66
CA PRO H 190 -43.67 8.34 32.28
C PRO H 190 -44.82 8.12 31.29
N MET H 191 -44.89 8.88 30.19
CA MET H 191 -46.07 8.69 29.27
C MET H 191 -45.73 7.76 28.10
N ALA H 192 -44.47 7.38 27.91
CA ALA H 192 -44.02 6.46 26.85
C ALA H 192 -44.69 5.10 27.03
N ASP H 193 -45.21 4.51 25.95
CA ASP H 193 -45.84 3.17 25.94
C ASP H 193 -44.98 2.20 25.10
N LEU H 194 -43.85 2.67 24.57
CA LEU H 194 -42.81 1.82 23.92
C LEU H 194 -41.48 2.59 23.89
N LEU H 195 -40.38 1.92 24.22
CA LEU H 195 -39.01 2.50 24.19
C LEU H 195 -38.16 1.74 23.17
N LEU H 196 -37.59 2.44 22.19
CA LEU H 196 -36.62 1.90 21.21
C LEU H 196 -35.24 2.45 21.55
N ILE H 197 -34.25 1.56 21.65
CA ILE H 197 -32.83 1.95 21.87
C ILE H 197 -32.05 1.49 20.64
N LEU H 198 -31.55 2.42 19.84
CA LEU H 198 -30.90 2.12 18.55
C LEU H 198 -29.45 2.59 18.60
N GLY H 199 -28.51 1.68 18.31
CA GLY H 199 -27.12 2.02 17.99
C GLY H 199 -26.44 2.78 19.10
N THR H 200 -26.51 2.29 20.35
CA THR H 200 -25.81 2.91 21.51
C THR H 200 -25.32 1.81 22.43
N SER H 201 -24.12 2.00 22.97
CA SER H 201 -23.49 1.13 24.00
C SER H 201 -24.01 1.49 25.39
N LEU H 202 -24.79 2.58 25.53
CA LEU H 202 -25.30 3.09 26.83
C LEU H 202 -24.15 3.16 27.82
N GLU H 203 -23.00 3.69 27.39
CA GLU H 203 -21.78 3.84 28.21
C GLU H 203 -21.68 5.24 28.79
N VAL H 204 -22.64 6.13 28.50
CA VAL H 204 -22.60 7.55 28.95
C VAL H 204 -23.85 7.87 29.77
N GLU H 205 -23.65 8.40 30.98
CA GLU H 205 -24.71 8.87 31.92
C GLU H 205 -24.77 10.39 31.85
N PRO H 206 -25.88 11.06 32.23
CA PRO H 206 -27.09 10.37 32.72
C PRO H 206 -28.01 9.82 31.61
N PHE H 207 -27.57 9.84 30.35
CA PHE H 207 -28.39 9.44 29.18
C PHE H 207 -28.83 7.98 29.36
N ALA H 208 -27.89 7.09 29.69
CA ALA H 208 -28.12 5.63 29.75
C ALA H 208 -29.24 5.31 30.76
N SER H 209 -29.28 6.03 31.88
CA SER H 209 -30.20 5.77 33.01
C SER H 209 -31.65 5.95 32.54
N LEU H 210 -31.88 6.69 31.44
CA LEU H 210 -33.24 6.95 30.90
C LEU H 210 -33.95 5.63 30.58
N THR H 211 -33.21 4.57 30.27
CA THR H 211 -33.78 3.22 29.96
C THR H 211 -34.64 2.75 31.14
N GLU H 212 -34.29 3.13 32.37
CA GLU H 212 -35.01 2.71 33.60
C GLU H 212 -36.24 3.59 33.84
N ALA H 213 -36.36 4.74 33.16
CA ALA H 213 -37.38 5.75 33.50
C ALA H 213 -38.77 5.36 32.98
N VAL H 214 -38.91 4.38 32.09
CA VAL H 214 -40.26 4.00 31.56
C VAL H 214 -40.94 3.06 32.55
N ARG H 215 -42.28 3.05 32.53
CA ARG H 215 -43.12 2.20 33.41
C ARG H 215 -42.77 0.73 33.10
N SER H 216 -42.91 -0.15 34.10
CA SER H 216 -42.56 -1.59 34.02
C SER H 216 -43.37 -2.31 32.93
N SER H 217 -44.58 -1.86 32.63
CA SER H 217 -45.46 -2.49 31.61
C SER H 217 -44.92 -2.23 30.19
N VAL H 218 -43.94 -1.34 30.02
CA VAL H 218 -43.55 -0.81 28.69
C VAL H 218 -42.47 -1.70 28.09
N PRO H 219 -42.69 -2.28 26.89
CA PRO H 219 -41.62 -3.00 26.21
C PRO H 219 -40.44 -2.07 25.89
N ARG H 220 -39.22 -2.61 26.03
CA ARG H 220 -37.97 -1.92 25.67
C ARG H 220 -37.29 -2.72 24.56
N LEU H 221 -37.37 -2.25 23.32
CA LEU H 221 -36.69 -2.88 22.14
C LEU H 221 -35.28 -2.29 22.01
N LEU H 222 -34.25 -3.14 22.06
CA LEU H 222 -32.86 -2.76 21.75
C LEU H 222 -32.50 -3.29 20.37
N ILE H 223 -32.07 -2.43 19.45
CA ILE H 223 -31.49 -2.84 18.15
C ILE H 223 -30.05 -2.34 18.17
N ASN H 224 -29.10 -3.25 18.34
CA ASN H 224 -27.68 -2.89 18.64
C ASN H 224 -26.78 -4.09 18.32
N ARG H 225 -25.48 -3.86 18.18
CA ARG H 225 -24.46 -4.92 17.94
C ARG H 225 -24.54 -5.95 19.07
N ASP H 226 -24.79 -5.54 20.32
CA ASP H 226 -24.82 -6.47 21.48
C ASP H 226 -25.65 -5.92 22.63
N LEU H 227 -26.01 -6.79 23.58
CA LEU H 227 -26.81 -6.46 24.77
C LEU H 227 -25.95 -5.61 25.71
N VAL H 228 -26.45 -4.46 26.16
CA VAL H 228 -25.63 -3.41 26.81
C VAL H 228 -26.40 -2.73 27.96
N GLY H 229 -25.63 -2.14 28.87
CA GLY H 229 -26.09 -1.19 29.90
C GLY H 229 -27.19 -1.80 30.77
N PRO H 230 -28.10 -0.94 31.28
CA PRO H 230 -29.18 -1.40 32.15
C PRO H 230 -29.94 -2.60 31.58
N LEU H 231 -30.06 -2.69 30.25
CA LEU H 231 -30.78 -3.79 29.59
C LEU H 231 -30.03 -5.10 29.83
N ALA H 232 -28.70 -5.07 29.96
CA ALA H 232 -27.89 -6.25 30.34
C ALA H 232 -28.01 -6.49 31.85
N TRP H 233 -27.85 -5.42 32.64
CA TRP H 233 -27.75 -5.49 34.13
C TRP H 233 -29.13 -5.74 34.75
N HIS H 234 -30.17 -5.04 34.29
CA HIS H 234 -31.51 -5.03 34.95
C HIS H 234 -32.57 -5.34 33.89
N PRO H 235 -32.65 -6.60 33.40
CA PRO H 235 -33.61 -6.95 32.36
C PRO H 235 -35.03 -6.91 32.94
N ARG H 236 -36.04 -6.83 32.07
CA ARG H 236 -37.46 -6.85 32.46
C ARG H 236 -38.21 -7.81 31.53
N SER H 237 -39.37 -8.31 31.97
CA SER H 237 -40.17 -9.33 31.26
C SER H 237 -40.45 -8.90 29.81
N ARG H 238 -40.60 -7.61 29.55
CA ARG H 238 -41.07 -7.12 28.22
C ARG H 238 -39.92 -6.55 27.39
N ASP H 239 -38.67 -6.87 27.73
CA ASP H 239 -37.49 -6.43 26.93
C ASP H 239 -37.31 -7.34 25.71
N VAL H 240 -36.89 -6.74 24.60
CA VAL H 240 -36.58 -7.45 23.32
C VAL H 240 -35.25 -6.91 22.82
N ALA H 241 -34.33 -7.78 22.48
CA ALA H 241 -33.00 -7.44 21.94
C ALA H 241 -32.91 -8.05 20.54
N GLN H 242 -32.63 -7.22 19.55
CA GLN H 242 -32.39 -7.63 18.15
C GLN H 242 -30.91 -7.32 17.90
N LEU H 243 -30.03 -8.24 18.31
CA LEU H 243 -28.56 -8.06 18.32
C LEU H 243 -28.04 -8.32 16.90
N GLY H 244 -27.15 -7.45 16.42
CA GLY H 244 -26.62 -7.50 15.06
C GLY H 244 -26.41 -6.10 14.51
N ASP H 245 -26.05 -6.01 13.23
CA ASP H 245 -25.92 -4.73 12.51
C ASP H 245 -27.19 -3.92 12.77
N VAL H 246 -27.08 -2.66 13.17
CA VAL H 246 -28.27 -1.80 13.50
C VAL H 246 -29.12 -1.64 12.23
N VAL H 247 -28.49 -1.39 11.07
CA VAL H 247 -29.24 -1.22 9.78
C VAL H 247 -30.02 -2.51 9.47
N HIS H 248 -29.44 -3.68 9.71
CA HIS H 248 -30.09 -5.00 9.48
C HIS H 248 -31.30 -5.11 10.40
N GLY H 249 -31.12 -4.87 11.70
CA GLY H 249 -32.20 -4.89 12.69
C GLY H 249 -33.34 -3.97 12.28
N VAL H 250 -33.02 -2.76 11.83
CA VAL H 250 -34.05 -1.74 11.48
C VAL H 250 -34.81 -2.23 10.25
N GLU H 251 -34.12 -2.68 9.22
CA GLU H 251 -34.75 -3.18 7.96
C GLU H 251 -35.62 -4.42 8.25
N SER H 252 -35.18 -5.29 9.16
CA SER H 252 -35.96 -6.45 9.65
C SER H 252 -37.27 -5.95 10.24
N LEU H 253 -37.20 -4.96 11.13
CA LEU H 253 -38.38 -4.41 11.84
C LEU H 253 -39.27 -3.71 10.80
N VAL H 254 -38.68 -2.98 9.87
CA VAL H 254 -39.43 -2.25 8.80
C VAL H 254 -40.24 -3.28 8.00
N GLU H 255 -39.64 -4.40 7.63
CA GLU H 255 -40.31 -5.47 6.84
C GLU H 255 -41.45 -6.07 7.68
N LEU H 256 -41.22 -6.35 8.97
CA LEU H 256 -42.26 -6.88 9.89
C LEU H 256 -43.42 -5.88 10.01
N LEU H 257 -43.13 -4.57 9.95
CA LEU H 257 -44.14 -3.49 10.02
C LEU H 257 -44.91 -3.41 8.70
N GLY H 258 -44.30 -3.81 7.59
CA GLY H 258 -44.87 -3.67 6.24
C GLY H 258 -44.62 -2.30 5.65
N TRP H 259 -43.52 -1.64 6.04
CA TRP H 259 -43.18 -0.26 5.61
C TRP H 259 -42.09 -0.28 4.54
N THR H 260 -41.65 -1.42 4.03
CA THR H 260 -40.42 -1.48 3.16
C THR H 260 -40.61 -0.62 1.91
N GLU H 261 -41.77 -0.71 1.25
CA GLU H 261 -42.08 0.07 0.03
C GLU H 261 -42.10 1.56 0.41
N GLU H 262 -42.87 1.90 1.45
CA GLU H 262 -43.04 3.30 1.96
C GLU H 262 -41.68 3.91 2.32
N MET H 263 -40.82 3.14 3.00
CA MET H 263 -39.43 3.52 3.34
C MET H 263 -38.66 3.81 2.06
N ARG H 264 -38.65 2.88 1.12
CA ARG H 264 -37.94 3.00 -0.18
C ARG H 264 -38.37 4.31 -0.84
N ASP H 265 -39.67 4.62 -0.85
CA ASP H 265 -40.24 5.84 -1.48
C ASP H 265 -39.76 7.09 -0.74
N LEU H 266 -39.87 7.10 0.58
CA LEU H 266 -39.43 8.22 1.46
C LEU H 266 -37.93 8.47 1.23
N VAL H 267 -37.11 7.44 1.29
CA VAL H 267 -35.63 7.60 1.17
C VAL H 267 -35.32 8.21 -0.20
N GLN H 268 -36.03 7.79 -1.25
CA GLN H 268 -35.78 8.26 -2.63
C GLN H 268 -36.11 9.76 -2.74
N ARG H 269 -37.31 10.17 -2.32
CA ARG H 269 -37.75 11.60 -2.37
C ARG H 269 -36.77 12.47 -1.57
N GLU H 270 -36.43 12.05 -0.35
CA GLU H 270 -35.63 12.85 0.61
C GLU H 270 -34.17 12.96 0.16
N THR H 271 -33.59 11.91 -0.42
CA THR H 271 -32.19 11.93 -0.95
C THR H 271 -32.18 12.65 -2.30
N GLY H 272 -33.29 12.64 -3.03
CA GLY H 272 -33.50 13.47 -4.23
C GLY H 272 -33.38 14.95 -3.93
N LYS H 273 -33.84 15.39 -2.75
CA LYS H 273 -33.93 16.82 -2.34
C LYS H 273 -32.63 17.32 -1.70
N LEU H 274 -31.55 16.53 -1.69
CA LEU H 274 -30.36 16.79 -0.81
C LEU H 274 -29.08 16.80 -1.67
N ARG I 1 4.04 -35.26 -36.64
CA ARG I 1 3.06 -34.50 -37.46
C ARG I 1 3.06 -34.98 -38.92
N THR I 2 4.19 -35.05 -39.64
CA THR I 2 5.56 -34.72 -39.23
C THR I 2 6.29 -34.11 -40.46
N LYS I 3 7.31 -33.26 -40.30
CA LYS I 3 7.99 -32.62 -41.47
C LYS I 3 8.53 -33.71 -42.41
N GLN I 4 7.91 -33.90 -43.58
CA GLN I 4 8.22 -35.01 -44.54
C GLN I 4 8.25 -34.50 -45.98
N THR I 5 8.61 -35.35 -46.95
CA THR I 5 8.56 -35.03 -48.40
C THR I 5 7.13 -35.25 -48.92
N ALA I 6 6.81 -34.70 -50.10
CA ALA I 6 5.45 -34.64 -50.71
C ALA I 6 4.73 -35.99 -50.56
N LYS J 2 34.63 49.91 -0.92
CA LYS J 2 33.50 49.64 -0.02
C LYS J 2 32.31 49.06 -0.81
N LEU J 3 31.13 49.13 -0.22
CA LEU J 3 29.84 48.65 -0.77
C LEU J 3 28.70 49.45 -0.12
N SER J 4 27.52 49.48 -0.73
CA SER J 4 26.38 50.22 -0.14
C SER J 4 25.08 49.44 -0.21
N LEU J 5 24.07 49.92 0.50
CA LEU J 5 22.77 49.22 0.64
C LEU J 5 22.23 48.89 -0.75
N GLN J 6 22.37 49.79 -1.73
CA GLN J 6 21.88 49.58 -3.11
C GLN J 6 22.70 48.49 -3.82
N ASP J 7 24.01 48.43 -3.58
CA ASP J 7 24.89 47.36 -4.15
C ASP J 7 24.38 45.99 -3.69
N VAL J 8 24.05 45.85 -2.40
CA VAL J 8 23.57 44.57 -1.81
C VAL J 8 22.22 44.24 -2.43
N ALA J 9 21.31 45.21 -2.49
CA ALA J 9 19.98 45.06 -3.13
C ALA J 9 20.18 44.55 -4.56
N GLU J 10 21.15 45.08 -5.31
CA GLU J 10 21.38 44.71 -6.73
C GLU J 10 21.94 43.29 -6.81
N LEU J 11 22.75 42.89 -5.82
CA LEU J 11 23.27 41.49 -5.73
C LEU J 11 22.10 40.51 -5.55
N ILE J 12 21.16 40.83 -4.66
CA ILE J 12 19.98 39.99 -4.36
C ILE J 12 19.08 39.93 -5.60
N ARG J 13 18.87 41.07 -6.28
CA ARG J 13 18.00 41.16 -7.47
C ARG J 13 18.62 40.35 -8.62
N ALA J 14 19.95 40.35 -8.75
CA ALA J 14 20.68 39.58 -9.79
C ALA J 14 20.72 38.09 -9.43
N ARG J 15 20.26 37.72 -8.23
CA ARG J 15 20.39 36.35 -7.66
C ARG J 15 21.87 35.96 -7.66
N ALA J 16 22.77 36.93 -7.47
CA ALA J 16 24.20 36.69 -7.21
C ALA J 16 24.36 36.18 -5.78
N CYS J 17 23.49 36.62 -4.88
CA CYS J 17 23.38 36.08 -3.50
C CYS J 17 22.13 35.20 -3.45
N GLN J 18 22.30 33.87 -3.32
CA GLN J 18 21.18 32.90 -3.26
C GLN J 18 21.16 32.15 -1.92
N ARG J 19 22.22 32.24 -1.13
CA ARG J 19 22.39 31.51 0.13
C ARG J 19 22.56 32.54 1.25
N VAL J 20 21.48 33.26 1.57
CA VAL J 20 21.51 34.33 2.61
C VAL J 20 21.33 33.69 3.98
N VAL J 21 22.29 33.87 4.89
CA VAL J 21 22.10 33.54 6.33
C VAL J 21 21.79 34.83 7.08
N VAL J 22 20.88 34.74 8.03
CA VAL J 22 20.33 35.92 8.75
C VAL J 22 20.52 35.71 10.26
N MET J 23 21.00 36.73 10.94
CA MET J 23 21.15 36.73 12.40
C MET J 23 20.30 37.87 12.95
N VAL J 24 19.34 37.57 13.82
CA VAL J 24 18.42 38.59 14.37
C VAL J 24 18.46 38.54 15.91
N GLY J 25 18.06 39.64 16.54
CA GLY J 25 17.97 39.81 18.00
C GLY J 25 16.67 40.50 18.39
N ALA J 26 16.59 40.99 19.63
CA ALA J 26 15.36 41.56 20.22
C ALA J 26 14.98 42.85 19.47
N GLY J 27 15.95 43.46 18.78
CA GLY J 27 15.74 44.67 17.96
C GLY J 27 14.55 44.51 17.02
N ILE J 28 14.44 43.35 16.36
CA ILE J 28 13.45 43.16 15.27
C ILE J 28 12.08 42.92 15.87
N SER J 29 11.98 42.59 17.16
CA SER J 29 10.69 42.19 17.80
C SER J 29 10.10 43.33 18.62
N THR J 30 10.87 44.37 18.93
CA THR J 30 10.39 45.57 19.69
C THR J 30 9.30 46.27 18.89
N PRO J 31 9.46 46.47 17.55
CA PRO J 31 8.41 47.06 16.73
C PRO J 31 7.07 46.34 16.90
N SER J 32 7.10 45.09 17.33
CA SER J 32 5.87 44.32 17.70
C SER J 32 5.58 44.60 19.17
N PRO J 54 15.67 43.68 39.94
CA PRO J 54 17.00 43.17 39.60
C PRO J 54 17.59 43.81 38.34
N TYR J 55 18.78 43.40 37.89
CA TYR J 55 19.49 43.97 36.70
C TYR J 55 18.93 43.30 35.44
N PRO J 56 19.32 43.70 34.20
CA PRO J 56 18.66 43.19 33.00
C PRO J 56 18.85 41.68 32.74
N GLU J 57 20.11 41.23 32.73
CA GLU J 57 20.45 39.83 32.31
C GLU J 57 19.93 38.84 33.36
N ALA J 58 19.60 39.31 34.57
CA ALA J 58 19.17 38.48 35.72
C ALA J 58 18.02 37.56 35.34
N ILE J 59 17.12 38.00 34.45
CA ILE J 59 15.90 37.25 34.08
C ILE J 59 16.28 35.91 33.43
N PHE J 60 17.45 35.83 32.79
CA PHE J 60 17.95 34.58 32.16
C PHE J 60 19.18 34.05 32.92
N GLU J 61 19.21 34.22 34.25
CA GLU J 61 20.28 33.67 35.11
C GLU J 61 19.66 32.64 36.09
N LEU J 62 20.26 31.44 36.19
CA LEU J 62 19.75 30.33 37.01
C LEU J 62 19.72 30.72 38.49
N PRO J 63 20.80 31.29 39.07
CA PRO J 63 20.78 31.68 40.49
C PRO J 63 19.57 32.56 40.83
N PHE J 64 19.32 33.61 40.04
CA PHE J 64 18.18 34.53 40.25
C PHE J 64 16.86 33.79 40.06
N PHE J 65 16.80 32.89 39.06
CA PHE J 65 15.58 32.13 38.72
C PHE J 65 15.17 31.27 39.91
N PHE J 66 16.14 30.61 40.56
CA PHE J 66 15.90 29.72 41.73
C PHE J 66 15.50 30.57 42.94
N HIS J 67 16.07 31.76 43.10
CA HIS J 67 15.68 32.73 44.16
C HIS J 67 14.25 33.19 43.89
N ASN J 68 13.91 33.49 42.63
CA ASN J 68 12.60 34.09 42.25
C ASN J 68 12.32 33.84 40.77
N PRO J 69 11.49 32.84 40.43
CA PRO J 69 11.17 32.56 39.03
C PRO J 69 10.03 33.41 38.46
N LYS J 70 9.45 34.32 39.26
CA LYS J 70 8.19 35.02 38.89
C LYS J 70 8.42 36.02 37.75
N PRO J 71 9.49 36.84 37.79
CA PRO J 71 9.81 37.73 36.67
C PRO J 71 9.90 36.99 35.33
N PHE J 72 10.63 35.88 35.31
CA PHE J 72 10.77 35.05 34.08
C PHE J 72 9.38 34.62 33.60
N PHE J 73 8.54 34.11 34.49
CA PHE J 73 7.22 33.53 34.13
C PHE J 73 6.23 34.65 33.77
N THR J 74 6.42 35.87 34.28
CA THR J 74 5.63 37.06 33.82
C THR J 74 5.96 37.30 32.34
N LEU J 75 7.24 37.40 32.01
CA LEU J 75 7.71 37.58 30.61
C LEU J 75 7.24 36.40 29.76
N ALA J 76 7.38 35.20 30.28
CA ALA J 76 7.02 33.95 29.59
C ALA J 76 5.56 34.03 29.19
N LYS J 77 4.72 34.60 30.06
CA LYS J 77 3.26 34.74 29.82
C LYS J 77 3.02 35.54 28.54
N GLU J 78 3.69 36.69 28.41
CA GLU J 78 3.53 37.59 27.25
C GLU J 78 3.94 36.85 25.97
N LEU J 79 5.00 36.06 26.02
CA LEU J 79 5.59 35.49 24.78
C LEU J 79 4.81 34.31 24.21
N TYR J 80 3.95 33.64 24.96
CA TYR J 80 3.03 32.64 24.33
C TYR J 80 2.21 33.41 23.31
N PRO J 81 1.91 32.82 22.12
CA PRO J 81 1.40 33.61 20.98
C PRO J 81 0.10 34.42 21.21
N GLY J 82 0.11 35.71 20.84
CA GLY J 82 -0.92 36.69 21.25
C GLY J 82 -0.32 37.80 22.09
N PRO J 86 3.88 39.38 14.10
CA PRO J 86 5.16 39.67 13.41
C PRO J 86 5.05 41.04 12.70
N ASN J 87 6.14 41.78 12.68
CA ASN J 87 6.22 43.09 12.00
C ASN J 87 6.93 42.92 10.66
N VAL J 88 7.19 44.04 9.98
CA VAL J 88 7.64 44.05 8.57
C VAL J 88 9.02 43.37 8.47
N THR J 89 9.82 43.40 9.53
CA THR J 89 11.17 42.76 9.54
C THR J 89 11.01 41.25 9.34
N HIS J 90 10.10 40.64 10.10
CA HIS J 90 9.78 39.21 10.01
C HIS J 90 9.33 38.90 8.59
N TYR J 91 8.37 39.66 8.05
CA TYR J 91 7.75 39.40 6.73
C TYR J 91 8.80 39.57 5.63
N PHE J 92 9.79 40.45 5.82
CA PHE J 92 10.91 40.62 4.87
C PHE J 92 11.67 39.31 4.78
N LEU J 93 11.97 38.73 5.94
CA LEU J 93 12.74 37.45 6.04
C LEU J 93 11.88 36.33 5.43
N ARG J 94 10.58 36.33 5.69
CA ARG J 94 9.62 35.37 5.10
C ARG J 94 9.69 35.50 3.57
N LEU J 95 9.70 36.71 3.05
CA LEU J 95 9.68 36.95 1.58
C LEU J 95 11.01 36.48 0.98
N LEU J 96 12.10 36.64 1.72
CA LEU J 96 13.44 36.11 1.32
C LEU J 96 13.34 34.58 1.15
N HIS J 97 12.61 33.93 2.05
CA HIS J 97 12.38 32.46 2.02
C HIS J 97 11.52 32.10 0.81
N ASP J 98 10.39 32.80 0.62
CA ASP J 98 9.44 32.56 -0.49
C ASP J 98 10.17 32.65 -1.84
N LYS J 99 11.19 33.48 -1.97
CA LYS J 99 11.92 33.68 -3.26
C LYS J 99 13.10 32.71 -3.38
N GLY J 100 13.27 31.78 -2.43
CA GLY J 100 14.32 30.75 -2.47
C GLY J 100 15.71 31.31 -2.25
N LEU J 101 15.84 32.32 -1.38
CA LEU J 101 17.13 33.02 -1.12
C LEU J 101 17.61 32.76 0.32
N LEU J 102 16.72 32.39 1.25
CA LEU J 102 17.07 32.16 2.67
C LEU J 102 17.70 30.77 2.83
N LEU J 103 18.95 30.70 3.26
CA LEU J 103 19.63 29.43 3.62
C LEU J 103 19.22 29.03 5.05
N ARG J 104 19.29 29.99 5.97
CA ARG J 104 18.94 29.79 7.38
C ARG J 104 18.78 31.13 8.08
N LEU J 105 17.82 31.19 9.00
CA LEU J 105 17.61 32.33 9.93
C LEU J 105 18.00 31.85 11.33
N TYR J 106 19.10 32.38 11.86
CA TYR J 106 19.53 32.18 13.27
C TYR J 106 18.93 33.30 14.11
N THR J 107 18.17 32.96 15.14
CA THR J 107 17.51 33.97 16.01
C THR J 107 17.97 33.78 17.47
N GLN J 108 18.07 34.89 18.18
CA GLN J 108 18.31 34.97 19.64
C GLN J 108 16.97 35.18 20.35
N ASN J 109 15.86 35.19 19.60
CA ASN J 109 14.53 35.56 20.12
C ASN J 109 13.79 34.29 20.48
N ILE J 110 12.90 34.38 21.46
CA ILE J 110 12.07 33.27 21.99
C ILE J 110 10.60 33.68 21.92
N ASP J 111 10.25 34.59 21.01
CA ASP J 111 8.86 35.11 20.82
C ASP J 111 8.12 34.28 19.77
N GLY J 112 8.84 33.43 19.03
CA GLY J 112 8.25 32.52 18.02
C GLY J 112 7.63 33.24 16.84
N LEU J 113 7.94 34.52 16.65
CA LEU J 113 7.33 35.34 15.56
C LEU J 113 7.94 34.95 14.20
N GLU J 114 9.17 34.41 14.16
CA GLU J 114 9.74 33.93 12.88
C GLU J 114 8.85 32.80 12.35
N ARG J 115 8.38 31.91 13.23
CA ARG J 115 7.53 30.75 12.87
C ARG J 115 6.16 31.27 12.42
N VAL J 116 5.60 32.19 13.20
CA VAL J 116 4.25 32.76 12.96
C VAL J 116 4.26 33.54 11.64
N SER J 117 5.40 34.12 11.26
CA SER J 117 5.54 34.89 10.00
C SER J 117 5.47 33.93 8.80
N GLY J 118 5.61 32.63 9.03
CA GLY J 118 5.46 31.60 7.98
C GLY J 118 6.78 31.01 7.52
N ILE J 119 7.88 31.24 8.25
CA ILE J 119 9.19 30.60 7.96
C ILE J 119 9.19 29.19 8.56
N PRO J 120 9.43 28.15 7.73
CA PRO J 120 9.38 26.78 8.23
C PRO J 120 10.48 26.53 9.27
N ALA J 121 10.20 25.67 10.24
CA ALA J 121 11.12 25.29 11.34
C ALA J 121 12.44 24.75 10.77
N SER J 122 12.38 24.13 9.60
CA SER J 122 13.58 23.57 8.92
C SER J 122 14.56 24.70 8.57
N LYS J 123 14.09 25.94 8.46
CA LYS J 123 14.90 27.11 8.05
C LYS J 123 15.32 27.92 9.27
N LEU J 124 14.85 27.54 10.46
CA LEU J 124 15.09 28.29 11.70
C LEU J 124 16.13 27.59 12.58
N VAL J 125 16.97 28.38 13.23
CA VAL J 125 17.79 27.92 14.37
C VAL J 125 17.51 28.85 15.54
N GLU J 126 16.63 28.42 16.44
CA GLU J 126 16.25 29.18 17.66
C GLU J 126 17.38 28.97 18.67
N ALA J 127 18.46 29.74 18.52
CA ALA J 127 19.75 29.52 19.21
C ALA J 127 19.60 29.71 20.72
N HIS J 128 18.61 30.46 21.19
CA HIS J 128 18.46 30.74 22.65
C HIS J 128 17.28 29.92 23.18
N GLY J 129 16.85 28.90 22.44
CA GLY J 129 15.89 27.89 22.92
C GLY J 129 14.47 28.21 22.50
N THR J 130 13.50 27.54 23.13
CA THR J 130 12.08 27.54 22.70
C THR J 130 11.19 27.25 23.90
N PHE J 131 9.93 27.67 23.81
CA PHE J 131 8.87 27.37 24.81
C PHE J 131 8.19 26.05 24.46
N ALA J 132 8.48 25.49 23.29
CA ALA J 132 7.89 24.24 22.76
C ALA J 132 8.17 23.06 23.70
N SER J 133 9.24 23.14 24.50
CA SER J 133 9.64 22.06 25.42
C SER J 133 10.11 22.67 26.75
N ALA J 134 10.02 21.88 27.82
CA ALA J 134 10.43 22.28 29.17
C ALA J 134 11.24 21.15 29.80
N THR J 135 11.91 21.47 30.91
CA THR J 135 12.74 20.51 31.68
C THR J 135 12.53 20.74 33.18
N CYS J 136 12.38 19.65 33.92
CA CYS J 136 12.30 19.74 35.40
C CYS J 136 13.69 20.18 35.91
N THR J 137 13.74 21.22 36.73
CA THR J 137 15.01 21.75 37.29
C THR J 137 15.62 20.80 38.34
N VAL J 138 14.88 19.81 38.82
CA VAL J 138 15.29 18.95 39.98
C VAL J 138 15.54 17.53 39.49
N CYS J 139 14.62 16.90 38.74
CA CYS J 139 14.89 15.69 37.92
C CYS J 139 15.00 16.23 36.49
N GLN J 140 15.92 15.87 35.64
CA GLN J 140 15.93 16.59 34.39
C GLN J 140 14.98 16.01 33.42
N ARG J 141 13.80 15.74 33.89
CA ARG J 141 12.76 15.08 33.06
C ARG J 141 12.29 16.08 32.02
N PRO J 142 12.21 15.68 30.72
CA PRO J 142 11.63 16.49 29.68
C PRO J 142 10.10 16.47 29.67
N PHE J 143 9.50 17.61 29.31
CA PHE J 143 8.04 17.75 29.10
C PHE J 143 7.80 18.51 27.81
N PRO J 144 6.63 18.31 27.15
CA PRO J 144 6.18 19.23 26.11
C PRO J 144 5.78 20.56 26.76
N GLY J 145 6.03 21.68 26.07
CA GLY J 145 5.80 23.03 26.59
C GLY J 145 4.33 23.29 26.93
N GLU J 146 3.42 22.61 26.22
CA GLU J 146 1.95 22.72 26.38
C GLU J 146 1.55 22.40 27.83
N ASP J 147 2.22 21.42 28.45
CA ASP J 147 1.95 20.97 29.84
C ASP J 147 2.02 22.17 30.81
N ILE J 148 3.00 23.05 30.64
CA ILE J 148 3.24 24.17 31.60
C ILE J 148 2.48 25.42 31.15
N ARG J 149 1.95 25.46 29.92
CA ARG J 149 1.30 26.67 29.33
C ARG J 149 0.19 27.18 30.26
N ALA J 150 -0.75 26.29 30.62
CA ALA J 150 -1.93 26.62 31.46
C ALA J 150 -1.45 27.27 32.76
N ASP J 151 -0.44 26.68 33.41
CA ASP J 151 0.11 27.16 34.70
C ASP J 151 0.70 28.56 34.50
N VAL J 152 1.37 28.79 33.37
CA VAL J 152 2.08 30.07 33.11
C VAL J 152 1.05 31.16 32.78
N MET J 153 0.03 30.82 32.00
CA MET J 153 -1.07 31.75 31.62
C MET J 153 -1.87 32.16 32.85
N ALA J 154 -1.95 31.28 33.85
CA ALA J 154 -2.73 31.49 35.10
C ALA J 154 -1.83 32.02 36.22
N ASP J 155 -0.62 32.47 35.90
CA ASP J 155 0.31 33.10 36.86
C ASP J 155 0.66 32.13 38.00
N ARG J 156 0.96 30.87 37.65
CA ARG J 156 1.41 29.84 38.62
C ARG J 156 2.76 29.28 38.16
N VAL J 157 3.66 29.03 39.11
CA VAL J 157 5.00 28.42 38.81
C VAL J 157 4.80 26.93 38.57
N PRO J 158 5.03 26.43 37.34
CA PRO J 158 4.73 25.04 37.04
C PRO J 158 5.66 24.06 37.79
N ARG J 159 5.10 22.96 38.27
CA ARG J 159 5.85 21.98 39.11
C ARG J 159 5.85 20.61 38.46
N CYS J 160 6.92 19.84 38.69
CA CYS J 160 7.08 18.44 38.19
C CYS J 160 6.04 17.55 38.88
N PRO J 161 5.25 16.78 38.12
CA PRO J 161 4.32 15.82 38.72
C PRO J 161 4.99 14.58 39.34
N VAL J 162 6.31 14.46 39.24
CA VAL J 162 7.09 13.32 39.80
C VAL J 162 7.84 13.81 41.04
N CYS J 163 8.62 14.88 40.92
CA CYS J 163 9.61 15.27 41.94
C CYS J 163 9.15 16.54 42.70
N THR J 164 8.14 17.26 42.22
CA THR J 164 7.57 18.50 42.83
C THR J 164 8.43 19.74 42.54
N GLY J 165 9.49 19.58 41.76
CA GLY J 165 10.43 20.68 41.45
C GLY J 165 9.86 21.65 40.43
N VAL J 166 10.45 22.83 40.29
CA VAL J 166 10.04 23.87 39.30
C VAL J 166 10.41 23.39 37.91
N VAL J 167 9.45 23.44 37.00
CA VAL J 167 9.65 23.07 35.56
C VAL J 167 9.85 24.35 34.76
N LYS J 168 10.97 24.45 34.04
CA LYS J 168 11.37 25.66 33.28
C LYS J 168 11.34 25.34 31.78
N PRO J 169 10.75 26.24 30.94
CA PRO J 169 10.80 26.09 29.49
C PRO J 169 12.25 26.10 28.99
N ASP J 170 12.52 25.47 27.84
CA ASP J 170 13.90 25.21 27.36
C ASP J 170 14.46 26.49 26.72
N ILE J 171 14.42 27.58 27.47
CA ILE J 171 15.09 28.86 27.10
C ILE J 171 16.51 28.71 27.62
N VAL J 172 17.50 28.96 26.76
CA VAL J 172 18.92 28.86 27.17
C VAL J 172 19.22 30.05 28.07
N PHE J 173 19.54 29.78 29.32
CA PHE J 173 19.96 30.79 30.33
C PHE J 173 21.49 30.92 30.24
N PHE J 174 22.00 32.01 30.83
CA PHE J 174 23.45 32.25 30.96
C PHE J 174 24.02 31.06 31.74
N GLY J 175 25.02 30.40 31.17
CA GLY J 175 25.67 29.22 31.76
C GLY J 175 25.24 27.93 31.08
N GLU J 176 24.04 27.89 30.49
CA GLU J 176 23.53 26.65 29.83
C GLU J 176 24.14 26.57 28.43
N PRO J 177 24.37 25.35 27.89
CA PRO J 177 24.77 25.22 26.49
C PRO J 177 23.59 25.50 25.54
N LEU J 178 23.89 25.86 24.28
CA LEU J 178 22.85 26.13 23.24
C LEU J 178 22.33 24.80 22.72
N PRO J 179 21.13 24.78 22.11
CA PRO J 179 20.60 23.56 21.50
C PRO J 179 21.58 22.96 20.49
N GLN J 180 21.51 21.65 20.34
CA GLN J 180 22.34 20.86 19.40
C GLN J 180 22.15 21.42 17.99
N ARG J 181 20.96 21.97 17.71
CA ARG J 181 20.60 22.48 16.36
C ARG J 181 21.52 23.65 16.00
N PHE J 182 22.09 24.33 16.99
CA PHE J 182 23.06 25.42 16.80
C PHE J 182 24.26 24.93 15.96
N LEU J 183 24.57 23.64 16.04
CA LEU J 183 25.74 23.04 15.34
C LEU J 183 25.53 23.13 13.82
N LEU J 184 24.30 23.38 13.38
CA LEU J 184 24.00 23.59 11.93
C LEU J 184 24.87 24.72 11.37
N HIS J 185 25.37 25.63 12.21
CA HIS J 185 26.22 26.76 11.76
C HIS J 185 27.47 26.23 11.04
N VAL J 186 27.98 25.07 11.47
CA VAL J 186 29.24 24.49 10.94
C VAL J 186 29.09 24.25 9.44
N VAL J 187 27.89 23.92 8.98
CA VAL J 187 27.62 23.65 7.54
C VAL J 187 27.13 24.95 6.87
N ASP J 188 26.36 25.76 7.59
CA ASP J 188 25.59 26.90 7.02
C ASP J 188 26.53 28.07 6.65
N PHE J 189 27.39 28.50 7.58
CA PHE J 189 28.14 29.78 7.46
C PHE J 189 29.23 29.69 6.39
N PRO J 190 29.96 28.57 6.24
CA PRO J 190 30.82 28.37 5.08
C PRO J 190 30.11 28.47 3.72
N MET J 191 28.81 28.15 3.65
CA MET J 191 28.03 28.10 2.39
C MET J 191 27.40 29.46 2.08
N ALA J 192 27.22 30.29 3.10
CA ALA J 192 26.56 31.62 2.99
C ALA J 192 27.33 32.50 2.01
N ASP J 193 26.61 33.15 1.10
CA ASP J 193 27.16 34.10 0.11
C ASP J 193 26.62 35.51 0.40
N LEU J 194 25.85 35.67 1.48
CA LEU J 194 25.45 36.99 2.04
C LEU J 194 25.02 36.78 3.49
N LEU J 195 25.44 37.66 4.39
CA LEU J 195 25.05 37.64 5.82
C LEU J 195 24.29 38.92 6.16
N LEU J 196 23.05 38.80 6.67
CA LEU J 196 22.26 39.94 7.21
C LEU J 196 22.22 39.85 8.73
N ILE J 197 22.55 40.94 9.42
CA ILE J 197 22.44 41.04 10.89
C ILE J 197 21.40 42.12 11.19
N LEU J 198 20.26 41.74 11.75
CA LEU J 198 19.12 42.64 12.01
C LEU J 198 18.85 42.74 13.51
N GLY J 199 18.84 43.95 14.03
CA GLY J 199 18.27 44.27 15.36
C GLY J 199 18.93 43.48 16.48
N THR J 200 20.26 43.50 16.56
CA THR J 200 21.03 42.84 17.64
C THR J 200 22.24 43.70 17.99
N SER J 201 22.56 43.77 19.27
CA SER J 201 23.78 44.43 19.81
C SER J 201 24.99 43.51 19.69
N LEU J 202 24.78 42.23 19.34
CA LEU J 202 25.82 41.17 19.33
C LEU J 202 26.59 41.21 20.65
N GLU J 203 25.86 41.30 21.76
CA GLU J 203 26.41 41.37 23.13
C GLU J 203 26.40 39.97 23.78
N VAL J 204 25.92 38.92 23.08
CA VAL J 204 25.83 37.55 23.64
C VAL J 204 26.60 36.57 22.74
N GLU J 205 27.51 35.80 23.34
CA GLU J 205 28.32 34.73 22.70
C GLU J 205 27.70 33.40 23.11
N PRO J 206 27.97 32.29 22.39
CA PRO J 206 28.74 32.31 21.15
C PRO J 206 27.98 32.75 19.90
N PHE J 207 26.77 33.29 20.05
CA PHE J 207 25.92 33.73 18.91
C PHE J 207 26.68 34.79 18.10
N ALA J 208 27.22 35.81 18.77
CA ALA J 208 27.85 36.99 18.14
C ALA J 208 29.01 36.55 17.25
N SER J 209 29.77 35.54 17.68
CA SER J 209 31.02 35.11 17.02
C SER J 209 30.67 34.56 15.62
N LEU J 210 29.40 34.18 15.36
CA LEU J 210 28.96 33.63 14.05
C LEU J 210 29.21 34.66 12.93
N THR J 211 29.25 35.96 13.25
CA THR J 211 29.52 37.02 12.25
C THR J 211 30.89 36.78 11.60
N GLU J 212 31.84 36.18 12.32
CA GLU J 212 33.21 35.91 11.82
C GLU J 212 33.23 34.64 10.96
N ALA J 213 32.20 33.81 11.01
CA ALA J 213 32.24 32.44 10.45
C ALA J 213 32.05 32.46 8.92
N VAL J 214 31.59 33.55 8.32
CA VAL J 214 31.39 33.61 6.84
C VAL J 214 32.74 33.92 6.17
N ARG J 215 32.90 33.48 4.92
CA ARG J 215 34.14 33.68 4.13
C ARG J 215 34.32 35.19 3.95
N SER J 216 35.57 35.64 3.83
CA SER J 216 35.94 37.09 3.81
C SER J 216 35.34 37.78 2.58
N SER J 217 35.14 37.05 1.47
CA SER J 217 34.54 37.59 0.23
C SER J 217 33.04 37.93 0.40
N VAL J 218 32.42 37.53 1.51
CA VAL J 218 30.93 37.59 1.67
C VAL J 218 30.56 38.94 2.27
N PRO J 219 29.70 39.73 1.61
CA PRO J 219 29.19 40.95 2.22
C PRO J 219 28.42 40.65 3.52
N ARG J 220 28.61 41.52 4.52
CA ARG J 220 27.87 41.48 5.80
C ARG J 220 27.07 42.76 5.93
N LEU J 221 25.75 42.69 5.71
CA LEU J 221 24.82 43.84 5.88
C LEU J 221 24.33 43.89 7.33
N LEU J 222 24.56 45.01 8.02
CA LEU J 222 24.00 45.26 9.36
C LEU J 222 22.86 46.27 9.22
N ILE J 223 21.66 45.92 9.66
CA ILE J 223 20.55 46.90 9.83
C ILE J 223 20.26 46.97 11.32
N ASN J 224 20.67 48.05 11.97
CA ASN J 224 20.61 48.17 13.45
C ASN J 224 20.63 49.66 13.85
N ARG J 225 20.26 49.95 15.09
CA ARG J 225 20.29 51.33 15.66
C ARG J 225 21.72 51.88 15.56
N ASP J 226 22.75 51.05 15.75
CA ASP J 226 24.16 51.54 15.65
C ASP J 226 25.13 50.39 15.35
N LEU J 227 26.35 50.75 14.92
CA LEU J 227 27.42 49.80 14.60
C LEU J 227 27.74 49.08 15.89
N VAL J 228 27.99 47.77 15.81
CA VAL J 228 28.18 46.91 17.01
C VAL J 228 29.11 45.72 16.73
N GLY J 229 29.55 45.09 17.82
CA GLY J 229 30.04 43.70 17.85
C GLY J 229 31.24 43.50 16.94
N PRO J 230 31.44 42.25 16.50
CA PRO J 230 32.70 41.87 15.83
C PRO J 230 32.93 42.76 14.60
N LEU J 231 31.85 43.13 13.92
CA LEU J 231 31.93 44.05 12.76
C LEU J 231 32.45 45.41 13.23
N ALA J 232 32.01 45.85 14.40
CA ALA J 232 32.45 47.13 15.01
C ALA J 232 33.90 46.96 15.47
N TRP J 233 34.20 45.82 16.09
CA TRP J 233 35.57 45.47 16.54
C TRP J 233 36.42 45.14 15.33
N HIS J 234 35.85 44.40 14.37
CA HIS J 234 36.58 44.02 13.13
C HIS J 234 35.69 44.35 11.95
N PRO J 235 36.16 45.22 11.03
CA PRO J 235 35.45 45.42 9.79
C PRO J 235 36.13 44.60 8.69
N ARG J 236 35.39 44.42 7.61
CA ARG J 236 35.89 43.84 6.35
C ARG J 236 35.46 44.75 5.20
N SER J 237 36.19 44.68 4.10
CA SER J 237 35.99 45.50 2.87
C SER J 237 34.52 45.46 2.43
N ARG J 238 33.82 44.34 2.62
CA ARG J 238 32.48 44.15 2.01
C ARG J 238 31.37 44.31 3.06
N ASP J 239 31.66 44.93 4.20
CA ASP J 239 30.63 45.21 5.24
C ASP J 239 29.84 46.45 4.85
N VAL J 240 28.54 46.45 5.13
CA VAL J 240 27.62 47.59 4.91
C VAL J 240 26.79 47.77 6.18
N ALA J 241 26.71 48.98 6.70
CA ALA J 241 25.91 49.31 7.90
C ALA J 241 24.81 50.29 7.49
N GLN J 242 23.57 49.97 7.76
CA GLN J 242 22.39 50.85 7.57
C GLN J 242 21.88 51.17 8.97
N LEU J 243 22.49 52.17 9.61
CA LEU J 243 22.25 52.52 11.04
C LEU J 243 20.99 53.37 11.12
N GLY J 244 20.12 53.06 12.07
CA GLY J 244 18.82 53.75 12.26
C GLY J 244 17.78 52.75 12.73
N ASP J 245 16.52 53.19 12.85
CA ASP J 245 15.36 52.32 13.15
C ASP J 245 15.45 51.08 12.26
N VAL J 246 15.38 49.88 12.83
CA VAL J 246 15.53 48.59 12.09
C VAL J 246 14.40 48.50 11.04
N VAL J 247 13.17 48.83 11.42
CA VAL J 247 11.99 48.75 10.48
C VAL J 247 12.23 49.72 9.31
N HIS J 248 12.77 50.91 9.58
CA HIS J 248 13.07 51.92 8.54
C HIS J 248 14.13 51.37 7.58
N GLY J 249 15.25 50.87 8.11
CA GLY J 249 16.33 50.23 7.34
C GLY J 249 15.80 49.11 6.46
N VAL J 250 14.92 48.26 7.00
CA VAL J 250 14.40 47.09 6.25
C VAL J 250 13.53 47.59 5.10
N GLU J 251 12.61 48.53 5.38
CA GLU J 251 11.70 49.11 4.34
C GLU J 251 12.51 49.84 3.26
N SER J 252 13.59 50.51 3.63
CA SER J 252 14.55 51.13 2.69
C SER J 252 15.11 50.05 1.75
N LEU J 253 15.58 48.94 2.31
CA LEU J 253 16.18 47.82 1.53
C LEU J 253 15.09 47.21 0.64
N VAL J 254 13.90 47.04 1.19
CA VAL J 254 12.74 46.45 0.46
C VAL J 254 12.46 47.33 -0.77
N GLU J 255 12.45 48.65 -0.63
CA GLU J 255 12.20 49.63 -1.72
C GLU J 255 13.32 49.50 -2.77
N LEU J 256 14.58 49.43 -2.34
CA LEU J 256 15.73 49.25 -3.27
C LEU J 256 15.58 47.93 -4.05
N LEU J 257 15.04 46.89 -3.42
CA LEU J 257 14.82 45.56 -4.06
C LEU J 257 13.62 45.64 -5.03
N GLY J 258 12.69 46.56 -4.80
CA GLY J 258 11.47 46.69 -5.61
C GLY J 258 10.37 45.77 -5.11
N TRP J 259 10.38 45.42 -3.82
CA TRP J 259 9.41 44.45 -3.22
C TRP J 259 8.30 45.17 -2.45
N THR J 260 8.25 46.50 -2.45
CA THR J 260 7.39 47.26 -1.51
C THR J 260 5.91 46.89 -1.72
N GLU J 261 5.45 46.78 -2.96
CA GLU J 261 4.05 46.40 -3.30
C GLU J 261 3.79 44.98 -2.76
N GLU J 262 4.66 44.04 -3.15
CA GLU J 262 4.58 42.61 -2.77
C GLU J 262 4.57 42.46 -1.25
N MET J 263 5.45 43.19 -0.55
CA MET J 263 5.53 43.24 0.93
C MET J 263 4.19 43.73 1.47
N ARG J 264 3.68 44.86 1.00
CA ARG J 264 2.40 45.48 1.44
C ARG J 264 1.29 44.43 1.33
N ASP J 265 1.26 43.68 0.23
CA ASP J 265 0.24 42.63 -0.05
C ASP J 265 0.40 41.47 0.94
N LEU J 266 1.63 40.97 1.10
CA LEU J 266 1.98 39.86 2.02
C LEU J 266 1.57 40.25 3.44
N VAL J 267 1.97 41.43 3.90
CA VAL J 267 1.72 41.87 5.31
C VAL J 267 0.21 41.91 5.52
N GLN J 268 -0.56 42.38 4.54
CA GLN J 268 -2.04 42.55 4.66
C GLN J 268 -2.69 41.17 4.81
N ARG J 269 -2.40 40.22 3.91
CA ARG J 269 -3.08 38.89 3.95
C ARG J 269 -2.66 38.16 5.23
N GLU J 270 -1.38 38.22 5.63
CA GLU J 270 -0.85 37.47 6.80
C GLU J 270 -1.39 38.07 8.11
N THR J 271 -1.53 39.38 8.23
CA THR J 271 -2.08 40.04 9.46
C THR J 271 -3.61 39.90 9.46
N GLY J 272 -4.22 39.76 8.28
CA GLY J 272 -5.64 39.41 8.12
C GLY J 272 -5.98 38.06 8.73
N LYS J 273 -5.04 37.11 8.68
CA LYS J 273 -5.22 35.70 9.14
C LYS J 273 -4.88 35.58 10.63
N ARG K 1 31.80 28.09 24.13
CA ARG K 1 31.08 26.82 24.53
C ARG K 1 29.64 27.20 24.98
N THR K 2 29.52 27.85 26.15
CA THR K 2 28.27 28.14 26.91
C THR K 2 27.78 29.54 26.56
N LYS K 3 26.48 29.80 26.75
CA LYS K 3 25.89 31.15 26.58
C LYS K 3 26.51 32.11 27.61
N GLN K 4 27.35 33.05 27.14
CA GLN K 4 28.02 34.08 27.98
C GLN K 4 27.78 35.47 27.38
N THR K 5 27.89 36.52 28.20
CA THR K 5 27.87 37.94 27.73
C THR K 5 29.24 38.28 27.11
N ALA K 6 29.32 39.37 26.36
CA ALA K 6 30.54 39.87 25.69
C ALA K 6 31.01 41.15 26.40
N ARG K 7 31.79 41.01 27.48
CA ARG K 7 32.45 42.14 28.21
C ARG K 7 33.66 41.61 29.02
N LEU L 3 -11.91 -18.04 -63.25
CA LEU L 3 -11.59 -16.90 -62.33
C LEU L 3 -10.20 -16.33 -62.64
N SER L 4 -10.03 -15.01 -62.46
CA SER L 4 -8.83 -14.23 -62.84
C SER L 4 -8.14 -13.61 -61.63
N LEU L 5 -6.85 -13.28 -61.77
CA LEU L 5 -6.06 -12.45 -60.82
C LEU L 5 -6.69 -11.06 -60.67
N GLN L 6 -7.26 -10.50 -61.74
CA GLN L 6 -7.98 -9.20 -61.67
C GLN L 6 -9.29 -9.40 -60.89
N ASP L 7 -9.95 -10.55 -61.06
CA ASP L 7 -11.23 -10.85 -60.38
C ASP L 7 -10.96 -10.92 -58.87
N VAL L 8 -9.89 -11.64 -58.49
CA VAL L 8 -9.43 -11.73 -57.08
C VAL L 8 -9.14 -10.32 -56.57
N ALA L 9 -8.43 -9.51 -57.35
CA ALA L 9 -8.12 -8.11 -56.98
C ALA L 9 -9.41 -7.35 -56.74
N GLU L 10 -10.45 -7.57 -57.54
CA GLU L 10 -11.72 -6.82 -57.37
C GLU L 10 -12.40 -7.30 -56.06
N LEU L 11 -12.35 -8.60 -55.78
CA LEU L 11 -12.87 -9.17 -54.50
C LEU L 11 -12.24 -8.43 -53.32
N ILE L 12 -10.94 -8.18 -53.34
CA ILE L 12 -10.21 -7.51 -52.24
C ILE L 12 -10.60 -6.03 -52.18
N ARG L 13 -10.67 -5.35 -53.33
CA ARG L 13 -11.06 -3.91 -53.43
C ARG L 13 -12.48 -3.75 -52.89
N ALA L 14 -13.37 -4.71 -53.11
CA ALA L 14 -14.80 -4.62 -52.73
C ALA L 14 -14.99 -5.08 -51.27
N ARG L 15 -13.93 -5.55 -50.62
CA ARG L 15 -13.94 -6.07 -49.22
C ARG L 15 -14.89 -7.28 -49.11
N ALA L 16 -14.97 -8.10 -50.15
CA ALA L 16 -15.65 -9.43 -50.17
C ALA L 16 -14.68 -10.51 -49.70
N CYS L 17 -13.42 -10.15 -49.50
CA CYS L 17 -12.43 -10.95 -48.75
C CYS L 17 -11.85 -10.06 -47.65
N GLN L 18 -12.05 -10.43 -46.38
CA GLN L 18 -11.49 -9.71 -45.22
C GLN L 18 -10.73 -10.69 -44.33
N ARG L 19 -10.67 -11.96 -44.71
CA ARG L 19 -10.04 -13.01 -43.88
C ARG L 19 -9.07 -13.78 -44.79
N VAL L 20 -7.99 -13.14 -45.17
CA VAL L 20 -7.02 -13.71 -46.13
C VAL L 20 -6.03 -14.51 -45.31
N VAL L 21 -5.94 -15.81 -45.59
CA VAL L 21 -4.87 -16.68 -45.02
C VAL L 21 -3.76 -16.78 -46.07
N VAL L 22 -2.52 -16.79 -45.63
CA VAL L 22 -1.34 -16.82 -46.54
C VAL L 22 -0.37 -17.90 -46.07
N MET L 23 0.05 -18.74 -46.99
CA MET L 23 1.22 -19.63 -46.80
C MET L 23 2.34 -19.14 -47.70
N VAL L 24 3.57 -19.05 -47.19
CA VAL L 24 4.75 -18.63 -47.99
C VAL L 24 5.86 -19.66 -47.81
N GLY L 25 6.70 -19.81 -48.83
CA GLY L 25 7.99 -20.56 -48.78
C GLY L 25 9.23 -19.67 -48.89
N ALA L 26 10.35 -20.24 -49.32
CA ALA L 26 11.65 -19.54 -49.44
C ALA L 26 11.65 -18.73 -50.75
N GLY L 27 10.74 -19.03 -51.69
CA GLY L 27 10.58 -18.30 -52.96
C GLY L 27 10.35 -16.81 -52.76
N ILE L 28 9.78 -16.41 -51.61
CA ILE L 28 9.49 -14.99 -51.24
C ILE L 28 10.71 -14.39 -50.53
N SER L 29 11.57 -15.21 -49.94
CA SER L 29 12.77 -14.76 -49.20
C SER L 29 14.01 -14.74 -50.12
N THR L 30 13.96 -15.33 -51.34
CA THR L 30 15.12 -15.33 -52.28
C THR L 30 15.40 -13.92 -52.76
N PRO L 31 14.40 -13.09 -53.15
CA PRO L 31 14.68 -11.71 -53.58
C PRO L 31 15.20 -10.79 -52.47
N SER L 32 15.21 -11.23 -51.20
CA SER L 32 15.90 -10.54 -50.07
C SER L 32 17.32 -11.10 -49.90
N GLY L 33 17.73 -12.04 -50.75
CA GLY L 33 19.10 -12.60 -50.82
C GLY L 33 19.32 -13.73 -49.82
N ILE L 34 18.89 -14.94 -50.19
CA ILE L 34 18.90 -16.19 -49.35
C ILE L 34 18.73 -17.39 -50.28
N PRO L 35 19.48 -18.51 -50.06
CA PRO L 35 19.27 -19.72 -50.87
C PRO L 35 17.86 -20.34 -50.69
N TYR L 84 20.47 -9.43 -44.20
CA TYR L 84 19.33 -9.66 -45.14
C TYR L 84 18.10 -8.87 -44.65
N LYS L 85 17.39 -8.20 -45.57
CA LYS L 85 16.26 -7.25 -45.27
C LYS L 85 15.06 -7.63 -46.14
N PRO L 86 13.81 -7.33 -45.70
CA PRO L 86 12.61 -7.77 -46.40
C PRO L 86 12.43 -7.07 -47.75
N ASN L 87 11.60 -7.65 -48.62
CA ASN L 87 11.38 -7.17 -50.00
C ASN L 87 9.89 -6.85 -50.19
N VAL L 88 9.45 -6.64 -51.42
CA VAL L 88 8.11 -6.05 -51.69
C VAL L 88 7.02 -7.10 -51.44
N THR L 89 7.34 -8.40 -51.35
CA THR L 89 6.34 -9.44 -51.01
C THR L 89 6.07 -9.44 -49.50
N HIS L 90 7.12 -9.34 -48.69
CA HIS L 90 7.01 -9.26 -47.21
C HIS L 90 6.18 -8.03 -46.86
N TYR L 91 6.34 -6.95 -47.64
CA TYR L 91 5.71 -5.63 -47.38
C TYR L 91 4.27 -5.62 -47.90
N PHE L 92 3.97 -6.41 -48.93
CA PHE L 92 2.59 -6.61 -49.45
C PHE L 92 1.72 -7.27 -48.38
N LEU L 93 2.31 -8.21 -47.64
CA LEU L 93 1.60 -8.93 -46.54
C LEU L 93 1.42 -7.97 -45.36
N ARG L 94 2.47 -7.23 -45.01
CA ARG L 94 2.42 -6.15 -43.99
C ARG L 94 1.25 -5.21 -44.35
N LEU L 95 1.04 -4.99 -45.64
CA LEU L 95 0.00 -4.04 -46.12
C LEU L 95 -1.38 -4.67 -45.91
N LEU L 96 -1.55 -5.95 -46.27
CA LEU L 96 -2.77 -6.75 -45.99
C LEU L 96 -3.13 -6.60 -44.50
N HIS L 97 -2.15 -6.75 -43.60
CA HIS L 97 -2.38 -6.61 -42.14
C HIS L 97 -2.79 -5.17 -41.82
N ASP L 98 -2.11 -4.18 -42.41
CA ASP L 98 -2.39 -2.75 -42.15
C ASP L 98 -3.85 -2.45 -42.54
N LYS L 99 -4.37 -3.06 -43.59
CA LYS L 99 -5.73 -2.75 -44.10
C LYS L 99 -6.82 -3.62 -43.46
N GLY L 100 -6.50 -4.53 -42.53
CA GLY L 100 -7.49 -5.33 -41.77
C GLY L 100 -7.91 -6.62 -42.49
N LEU L 101 -7.22 -6.98 -43.59
CA LEU L 101 -7.55 -8.11 -44.50
C LEU L 101 -6.87 -9.43 -44.07
N LEU L 102 -5.83 -9.41 -43.21
CA LEU L 102 -4.97 -10.61 -42.97
C LEU L 102 -5.44 -11.41 -41.73
N LEU L 103 -6.00 -12.59 -41.95
CA LEU L 103 -6.36 -13.49 -40.83
C LEU L 103 -5.05 -14.01 -40.23
N ARG L 104 -4.21 -14.62 -41.04
CA ARG L 104 -2.96 -15.26 -40.52
C ARG L 104 -1.96 -15.47 -41.67
N LEU L 105 -0.69 -15.34 -41.37
CA LEU L 105 0.42 -15.64 -42.30
C LEU L 105 1.09 -16.91 -41.80
N TYR L 106 1.02 -17.98 -42.61
CA TYR L 106 1.71 -19.28 -42.41
C TYR L 106 3.02 -19.28 -43.21
N THR L 107 4.14 -19.35 -42.50
CA THR L 107 5.48 -19.32 -43.11
C THR L 107 6.25 -20.59 -42.73
N GLN L 108 7.01 -21.10 -43.69
CA GLN L 108 7.94 -22.23 -43.47
C GLN L 108 9.38 -21.73 -43.61
N ASN L 109 9.58 -20.41 -43.50
CA ASN L 109 10.91 -19.76 -43.47
C ASN L 109 11.30 -19.56 -42.01
N ILE L 110 12.60 -19.50 -41.77
CA ILE L 110 13.22 -19.34 -40.43
C ILE L 110 13.95 -18.00 -40.38
N ASP L 111 14.05 -17.33 -41.55
CA ASP L 111 14.75 -16.03 -41.74
C ASP L 111 14.18 -15.02 -40.74
N GLY L 112 12.86 -14.88 -40.69
CA GLY L 112 12.14 -14.02 -39.73
C GLY L 112 11.96 -12.61 -40.28
N LEU L 113 11.94 -12.48 -41.60
CA LEU L 113 11.73 -11.20 -42.31
C LEU L 113 10.27 -10.77 -42.19
N GLU L 114 9.37 -11.68 -41.77
CA GLU L 114 7.92 -11.36 -41.66
C GLU L 114 7.72 -10.47 -40.44
N ARG L 115 8.30 -10.81 -39.29
CA ARG L 115 8.11 -9.97 -38.09
C ARG L 115 8.90 -8.67 -38.33
N VAL L 116 9.99 -8.74 -39.07
CA VAL L 116 10.81 -7.53 -39.35
C VAL L 116 9.99 -6.59 -40.25
N SER L 117 9.17 -7.15 -41.14
CA SER L 117 8.31 -6.38 -42.09
C SER L 117 7.23 -5.60 -41.34
N GLY L 118 6.97 -5.93 -40.06
CA GLY L 118 6.05 -5.20 -39.17
C GLY L 118 4.75 -5.93 -38.86
N ILE L 119 4.55 -7.15 -39.41
CA ILE L 119 3.47 -8.08 -39.00
C ILE L 119 3.63 -8.53 -37.53
N PRO L 120 2.62 -8.29 -36.65
CA PRO L 120 2.69 -8.70 -35.25
C PRO L 120 2.77 -10.24 -35.07
N ALA L 121 3.40 -10.67 -33.97
CA ALA L 121 3.53 -12.06 -33.51
C ALA L 121 2.19 -12.78 -33.64
N SER L 122 1.11 -12.14 -33.18
CA SER L 122 -0.25 -12.73 -33.10
C SER L 122 -0.75 -13.13 -34.49
N LYS L 123 -0.33 -12.38 -35.52
CA LYS L 123 -0.80 -12.58 -36.92
C LYS L 123 0.06 -13.63 -37.63
N LEU L 124 1.15 -14.03 -37.00
CA LEU L 124 2.20 -14.86 -37.66
C LEU L 124 2.19 -16.28 -37.07
N VAL L 125 2.37 -17.28 -37.93
CA VAL L 125 2.55 -18.70 -37.51
C VAL L 125 3.79 -19.23 -38.19
N GLU L 126 4.89 -19.23 -37.45
CA GLU L 126 6.20 -19.72 -37.94
C GLU L 126 6.19 -21.24 -37.85
N ALA L 127 5.58 -21.89 -38.84
CA ALA L 127 5.34 -23.35 -38.86
C ALA L 127 6.64 -24.12 -38.55
N HIS L 128 7.80 -23.68 -39.04
CA HIS L 128 9.11 -24.38 -38.85
C HIS L 128 9.96 -23.70 -37.77
N GLY L 129 9.33 -23.00 -36.81
CA GLY L 129 10.02 -22.40 -35.65
C GLY L 129 10.87 -21.19 -36.03
N THR L 130 11.38 -20.47 -35.03
CA THR L 130 12.37 -19.38 -35.18
C THR L 130 13.55 -19.64 -34.23
N PHE L 131 14.36 -18.62 -33.94
CA PHE L 131 15.57 -18.73 -33.08
C PHE L 131 15.19 -18.43 -31.62
N ALA L 132 14.61 -17.27 -31.32
CA ALA L 132 14.27 -16.86 -29.93
C ALA L 132 13.22 -17.83 -29.35
N CYS L 163 16.18 -31.46 -20.68
CA CYS L 163 17.46 -30.88 -21.15
C CYS L 163 17.95 -31.66 -22.38
N THR L 164 19.22 -31.46 -22.74
CA THR L 164 19.93 -32.13 -23.85
C THR L 164 21.36 -32.33 -23.34
N GLY L 165 22.36 -32.47 -24.21
CA GLY L 165 23.77 -32.38 -23.81
C GLY L 165 24.28 -30.96 -24.01
N VAL L 166 24.04 -30.46 -25.23
CA VAL L 166 24.28 -29.07 -25.68
C VAL L 166 22.95 -28.54 -26.22
N VAL L 167 22.88 -27.23 -26.44
CA VAL L 167 21.62 -26.50 -26.79
C VAL L 167 21.39 -26.53 -28.31
N LYS L 168 20.17 -26.19 -28.73
CA LYS L 168 19.83 -26.06 -30.17
C LYS L 168 18.83 -24.94 -30.41
N PRO L 169 18.86 -24.34 -31.61
CA PRO L 169 17.89 -23.30 -31.92
C PRO L 169 16.59 -24.06 -32.13
N ASP L 170 15.51 -23.52 -31.56
CA ASP L 170 14.17 -24.12 -31.71
C ASP L 170 13.82 -23.99 -33.18
N ILE L 171 13.87 -25.08 -33.92
CA ILE L 171 13.69 -25.04 -35.40
C ILE L 171 13.14 -26.40 -35.76
N VAL L 172 12.82 -26.64 -37.03
CA VAL L 172 12.19 -27.93 -37.39
C VAL L 172 12.94 -28.62 -38.51
N PHE L 173 13.60 -29.76 -38.21
CA PHE L 173 14.27 -30.65 -39.21
C PHE L 173 13.35 -31.84 -39.54
N PHE L 174 13.47 -32.32 -40.80
CA PHE L 174 12.64 -33.39 -41.41
C PHE L 174 12.49 -34.55 -40.42
N GLY L 175 11.29 -34.79 -39.92
CA GLY L 175 11.00 -35.86 -38.95
C GLY L 175 10.62 -35.29 -37.60
N GLU L 176 11.13 -34.10 -37.24
CA GLU L 176 10.64 -33.32 -36.06
C GLU L 176 9.15 -33.01 -36.25
N PRO L 177 8.39 -32.80 -35.14
CA PRO L 177 7.06 -32.20 -35.20
C PRO L 177 7.10 -30.66 -35.19
N LEU L 178 6.09 -30.03 -35.79
CA LEU L 178 5.99 -28.55 -35.86
C LEU L 178 5.51 -28.05 -34.50
N PRO L 179 5.74 -26.77 -34.11
CA PRO L 179 5.39 -26.30 -32.77
C PRO L 179 3.87 -26.08 -32.63
N GLN L 180 3.42 -25.80 -31.40
CA GLN L 180 1.99 -25.84 -31.00
C GLN L 180 1.17 -24.85 -31.84
N ARG L 181 1.76 -23.72 -32.19
CA ARG L 181 1.07 -22.61 -32.90
C ARG L 181 0.63 -23.03 -34.31
N PHE L 182 1.18 -24.11 -34.87
CA PHE L 182 0.71 -24.69 -36.14
C PHE L 182 -0.78 -25.05 -36.02
N LEU L 183 -1.21 -25.37 -34.80
CA LEU L 183 -2.60 -25.85 -34.52
C LEU L 183 -3.63 -24.77 -34.84
N LEU L 184 -3.22 -23.49 -34.90
CA LEU L 184 -4.13 -22.37 -35.27
C LEU L 184 -4.74 -22.64 -36.66
N HIS L 185 -4.13 -23.50 -37.49
CA HIS L 185 -4.64 -23.86 -38.84
C HIS L 185 -6.05 -24.45 -38.72
N VAL L 186 -6.38 -24.99 -37.57
CA VAL L 186 -7.67 -25.69 -37.32
C VAL L 186 -8.79 -24.63 -37.28
N VAL L 187 -8.53 -23.47 -36.65
CA VAL L 187 -9.55 -22.40 -36.51
C VAL L 187 -9.42 -21.39 -37.66
N ASP L 188 -8.19 -21.16 -38.14
CA ASP L 188 -7.93 -20.19 -39.24
C ASP L 188 -8.56 -20.67 -40.57
N PHE L 189 -8.27 -21.87 -41.03
CA PHE L 189 -8.60 -22.33 -42.41
C PHE L 189 -10.12 -22.40 -42.64
N PRO L 190 -10.96 -22.90 -41.69
CA PRO L 190 -12.41 -22.79 -41.83
C PRO L 190 -12.89 -21.35 -42.09
N MET L 191 -12.22 -20.36 -41.48
CA MET L 191 -12.61 -18.91 -41.47
C MET L 191 -12.19 -18.18 -42.74
N ALA L 192 -11.13 -18.63 -43.43
CA ALA L 192 -10.58 -17.94 -44.62
C ALA L 192 -11.68 -17.77 -45.66
N ASP L 193 -11.76 -16.57 -46.23
CA ASP L 193 -12.54 -16.27 -47.46
C ASP L 193 -11.57 -15.98 -48.61
N LEU L 194 -10.26 -16.05 -48.37
CA LEU L 194 -9.23 -16.08 -49.44
C LEU L 194 -7.96 -16.79 -48.96
N LEU L 195 -7.37 -17.60 -49.83
CA LEU L 195 -6.04 -18.23 -49.61
C LEU L 195 -5.02 -17.73 -50.65
N LEU L 196 -3.88 -17.22 -50.17
CA LEU L 196 -2.71 -16.86 -50.99
C LEU L 196 -1.55 -17.80 -50.66
N ILE L 197 -0.97 -18.36 -51.71
CA ILE L 197 0.25 -19.20 -51.65
C ILE L 197 1.34 -18.46 -52.46
N LEU L 198 2.43 -18.06 -51.78
CA LEU L 198 3.50 -17.24 -52.36
C LEU L 198 4.84 -17.98 -52.25
N GLY L 199 5.39 -18.39 -53.40
CA GLY L 199 6.78 -18.84 -53.54
C GLY L 199 7.11 -20.02 -52.64
N THR L 200 6.37 -21.11 -52.82
CA THR L 200 6.61 -22.42 -52.15
C THR L 200 6.32 -23.55 -53.15
N SER L 201 7.28 -24.48 -53.26
CA SER L 201 7.19 -25.73 -54.04
C SER L 201 6.13 -26.63 -53.42
N LEU L 202 5.90 -26.50 -52.10
CA LEU L 202 4.95 -27.34 -51.32
C LEU L 202 5.31 -28.81 -51.55
N GLU L 203 6.60 -29.12 -51.40
CA GLU L 203 7.17 -30.49 -51.43
C GLU L 203 7.38 -30.93 -49.97
N VAL L 204 6.93 -30.11 -49.01
CA VAL L 204 6.97 -30.44 -47.55
C VAL L 204 5.54 -30.46 -47.02
N GLU L 205 5.16 -31.53 -46.32
CA GLU L 205 3.91 -31.61 -45.53
C GLU L 205 4.34 -31.82 -44.08
N PRO L 206 3.48 -31.53 -43.06
CA PRO L 206 2.03 -31.36 -43.22
C PRO L 206 1.59 -30.03 -43.85
N PHE L 207 2.45 -29.01 -43.72
CA PHE L 207 2.24 -27.61 -44.19
C PHE L 207 1.42 -27.59 -45.48
N ALA L 208 1.89 -28.26 -46.53
CA ALA L 208 1.23 -28.22 -47.85
C ALA L 208 -0.22 -28.70 -47.73
N SER L 209 -0.51 -29.55 -46.75
CA SER L 209 -1.85 -30.17 -46.57
C SER L 209 -2.87 -29.02 -46.49
N LEU L 210 -2.52 -27.95 -45.76
CA LEU L 210 -3.36 -26.73 -45.55
C LEU L 210 -4.03 -26.31 -46.86
N THR L 211 -3.30 -26.21 -47.97
CA THR L 211 -3.93 -25.75 -49.23
C THR L 211 -5.33 -26.35 -49.35
N GLU L 212 -5.47 -27.65 -49.12
CA GLU L 212 -6.77 -28.39 -49.29
C GLU L 212 -7.73 -28.05 -48.12
N ALA L 213 -7.24 -27.56 -46.98
CA ALA L 213 -8.04 -27.40 -45.75
C ALA L 213 -8.89 -26.12 -45.78
N VAL L 214 -9.35 -25.65 -46.94
CA VAL L 214 -10.26 -24.47 -47.04
C VAL L 214 -11.55 -24.92 -47.68
N ARG L 215 -12.67 -24.35 -47.20
CA ARG L 215 -14.02 -24.53 -47.80
C ARG L 215 -13.90 -24.37 -49.33
N SER L 216 -14.72 -25.11 -50.09
CA SER L 216 -14.66 -25.15 -51.57
C SER L 216 -14.84 -23.74 -52.16
N SER L 217 -15.74 -22.94 -51.58
CA SER L 217 -16.12 -21.57 -52.03
C SER L 217 -14.91 -20.61 -51.98
N VAL L 218 -13.90 -20.90 -51.17
CA VAL L 218 -12.72 -20.00 -50.98
C VAL L 218 -11.82 -20.08 -52.22
N PRO L 219 -11.54 -18.95 -52.90
CA PRO L 219 -10.54 -18.95 -53.96
C PRO L 219 -9.15 -19.27 -53.37
N ARG L 220 -8.37 -20.08 -54.07
CA ARG L 220 -6.90 -20.22 -53.84
C ARG L 220 -6.16 -19.45 -54.93
N LEU L 221 -5.24 -18.56 -54.55
CA LEU L 221 -4.42 -17.78 -55.50
C LEU L 221 -2.98 -18.19 -55.28
N LEU L 222 -2.40 -18.90 -56.25
CA LEU L 222 -0.97 -19.25 -56.23
C LEU L 222 -0.20 -18.19 -56.99
N ILE L 223 0.81 -17.59 -56.35
CA ILE L 223 1.83 -16.74 -57.03
C ILE L 223 3.18 -17.45 -56.82
N ASN L 224 3.57 -18.25 -57.82
CA ASN L 224 4.81 -19.06 -57.80
C ASN L 224 5.28 -19.29 -59.24
N ARG L 225 6.57 -19.54 -59.42
CA ARG L 225 7.14 -19.84 -60.76
C ARG L 225 6.51 -21.13 -61.31
N ASP L 226 6.34 -22.17 -60.48
CA ASP L 226 5.84 -23.50 -60.93
C ASP L 226 4.54 -23.86 -60.21
N LEU L 227 3.46 -24.06 -60.96
CA LEU L 227 2.17 -24.61 -60.43
C LEU L 227 2.50 -25.91 -59.69
N VAL L 228 2.20 -26.01 -58.40
CA VAL L 228 2.88 -26.99 -57.49
C VAL L 228 1.89 -27.74 -56.59
N GLY L 229 2.01 -29.07 -56.58
CA GLY L 229 1.42 -29.98 -55.59
C GLY L 229 -0.10 -30.01 -55.63
N PRO L 230 -0.79 -29.82 -54.48
CA PRO L 230 -2.24 -30.00 -54.40
C PRO L 230 -2.99 -29.17 -55.44
N LEU L 231 -2.47 -27.99 -55.79
CA LEU L 231 -3.10 -27.17 -56.86
C LEU L 231 -3.01 -27.96 -58.18
N ALA L 232 -1.92 -28.72 -58.37
CA ALA L 232 -1.73 -29.61 -59.55
C ALA L 232 -2.59 -30.88 -59.42
N TRP L 233 -2.61 -31.52 -58.24
CA TRP L 233 -3.29 -32.82 -58.01
C TRP L 233 -4.82 -32.67 -58.14
N HIS L 234 -5.43 -31.83 -57.29
CA HIS L 234 -6.91 -31.65 -57.18
C HIS L 234 -7.26 -30.17 -57.43
N PRO L 235 -7.14 -29.67 -58.68
CA PRO L 235 -7.50 -28.28 -59.01
C PRO L 235 -9.01 -28.06 -58.97
N ARG L 236 -9.45 -27.10 -58.15
CA ARG L 236 -10.89 -26.84 -57.83
C ARG L 236 -11.45 -25.74 -58.74
N SER L 237 -12.77 -25.53 -58.67
CA SER L 237 -13.57 -24.57 -59.49
C SER L 237 -12.96 -23.17 -59.48
N ARG L 238 -12.48 -22.69 -58.33
CA ARG L 238 -12.22 -21.25 -58.07
C ARG L 238 -10.71 -21.02 -57.85
N ASP L 239 -9.84 -21.85 -58.45
CA ASP L 239 -8.37 -21.67 -58.39
C ASP L 239 -7.94 -20.67 -59.47
N VAL L 240 -6.83 -19.98 -59.20
CA VAL L 240 -6.21 -18.92 -60.03
C VAL L 240 -4.71 -18.99 -59.77
N ALA L 241 -3.93 -19.30 -60.80
CA ALA L 241 -2.46 -19.51 -60.68
C ALA L 241 -1.76 -18.44 -61.51
N GLN L 242 -0.86 -17.68 -60.87
CA GLN L 242 0.05 -16.72 -61.52
C GLN L 242 1.46 -17.29 -61.48
N LEU L 243 1.98 -17.61 -62.67
CA LEU L 243 3.22 -18.36 -62.88
C LEU L 243 4.29 -17.39 -63.38
N GLY L 244 5.43 -17.34 -62.70
CA GLY L 244 6.56 -16.46 -63.06
C GLY L 244 7.32 -16.06 -61.83
N ASP L 245 8.11 -14.98 -61.92
CA ASP L 245 8.78 -14.40 -60.74
C ASP L 245 7.70 -14.11 -59.70
N VAL L 246 7.94 -14.52 -58.45
CA VAL L 246 7.08 -14.18 -57.28
C VAL L 246 6.89 -12.66 -57.25
N VAL L 247 7.96 -11.88 -57.45
CA VAL L 247 7.92 -10.40 -57.33
C VAL L 247 7.11 -9.83 -58.52
N HIS L 248 7.15 -10.47 -59.68
CA HIS L 248 6.40 -10.02 -60.90
C HIS L 248 4.90 -10.05 -60.60
N GLY L 249 4.41 -11.22 -60.16
CA GLY L 249 3.01 -11.48 -59.79
C GLY L 249 2.55 -10.54 -58.68
N VAL L 250 3.32 -10.43 -57.59
CA VAL L 250 2.94 -9.57 -56.43
C VAL L 250 2.79 -8.14 -56.92
N GLU L 251 3.68 -7.64 -57.77
CA GLU L 251 3.64 -6.23 -58.27
C GLU L 251 2.46 -6.07 -59.24
N SER L 252 2.17 -7.10 -60.05
CA SER L 252 1.00 -7.16 -60.95
C SER L 252 -0.29 -6.98 -60.13
N LEU L 253 -0.42 -7.73 -59.02
CA LEU L 253 -1.59 -7.72 -58.11
C LEU L 253 -1.63 -6.42 -57.29
N VAL L 254 -0.48 -5.94 -56.81
CA VAL L 254 -0.41 -4.65 -56.06
C VAL L 254 -1.01 -3.54 -56.95
N GLU L 255 -0.75 -3.56 -58.25
CA GLU L 255 -1.18 -2.50 -59.18
C GLU L 255 -2.67 -2.70 -59.54
N LEU L 256 -3.11 -3.95 -59.75
CA LEU L 256 -4.54 -4.28 -59.96
C LEU L 256 -5.41 -3.76 -58.78
N LEU L 257 -4.88 -3.81 -57.55
CA LEU L 257 -5.56 -3.33 -56.32
C LEU L 257 -5.45 -1.79 -56.20
N GLY L 258 -4.52 -1.15 -56.91
CA GLY L 258 -4.25 0.29 -56.79
C GLY L 258 -3.45 0.63 -55.54
N TRP L 259 -2.65 -0.29 -55.03
CA TRP L 259 -1.85 -0.09 -53.79
C TRP L 259 -0.43 0.36 -54.12
N THR L 260 -0.07 0.51 -55.40
CA THR L 260 1.33 0.69 -55.86
C THR L 260 1.95 1.92 -55.18
N GLU L 261 1.22 3.04 -55.15
CA GLU L 261 1.70 4.29 -54.52
C GLU L 261 1.88 4.02 -53.04
N GLU L 262 0.89 3.38 -52.41
CA GLU L 262 0.90 3.08 -50.94
C GLU L 262 2.02 2.08 -50.62
N MET L 263 2.27 1.12 -51.51
CA MET L 263 3.38 0.13 -51.33
C MET L 263 4.69 0.90 -51.32
N ARG L 264 4.92 1.73 -52.34
CA ARG L 264 6.16 2.55 -52.48
C ARG L 264 6.39 3.35 -51.18
N ASP L 265 5.38 4.06 -50.67
CA ASP L 265 5.53 4.91 -49.46
C ASP L 265 5.94 4.02 -48.28
N LEU L 266 5.23 2.90 -48.07
CA LEU L 266 5.49 1.95 -46.93
C LEU L 266 6.92 1.41 -47.02
N VAL L 267 7.25 0.76 -48.13
CA VAL L 267 8.57 0.11 -48.36
C VAL L 267 9.66 1.15 -48.12
N GLN L 268 9.48 2.39 -48.58
CA GLN L 268 10.54 3.43 -48.50
C GLN L 268 10.70 3.88 -47.06
N ARG L 269 9.60 4.24 -46.41
CA ARG L 269 9.56 4.60 -44.97
C ARG L 269 10.30 3.51 -44.18
N GLU L 270 9.96 2.24 -44.41
CA GLU L 270 10.39 1.08 -43.57
C GLU L 270 11.87 0.75 -43.86
N THR L 271 12.27 0.67 -45.13
CA THR L 271 13.67 0.38 -45.58
C THR L 271 14.61 1.45 -45.03
N GLY L 272 14.12 2.68 -44.84
CA GLY L 272 14.86 3.80 -44.23
C GLY L 272 15.23 3.52 -42.79
N LYS L 273 14.46 2.69 -42.08
CA LYS L 273 14.61 2.44 -40.62
C LYS L 273 15.53 1.23 -40.34
N LEU L 274 16.11 0.59 -41.36
CA LEU L 274 16.85 -0.68 -41.18
C LEU L 274 18.37 -0.44 -41.35
#